data_4FR4
#
_entry.id   4FR4
#
_cell.length_a   154.110
_cell.length_b   154.110
_cell.length_c   112.110
_cell.angle_alpha   90.00
_cell.angle_beta   90.00
_cell.angle_gamma   120.00
#
_symmetry.space_group_name_H-M   'P 32'
#
loop_
_entity.id
_entity.type
_entity.pdbx_description
1 polymer 'Serine/threonine-protein kinase 32A'
2 non-polymer STAUROSPORINE
3 non-polymer 1,2-ETHANEDIOL
4 water water
#
_entity_poly.entity_id   1
_entity_poly.type   'polypeptide(L)'
_entity_poly.pdbx_seq_one_letter_code
;SMPPVFDENEDVNFDHFEILRAIGKGSFGKVCIVQKNDTKKMYAMKYMNKQKCVERNEVRNVFKELQIMQGLEHPFLVNL
WYSFQDEEDMFMVVDLLLGGDLRYHLQQNVHFKEETVKLFICELVMALDYLQNQRIIHRDMKPDNILLDEHGHVHITDFN
IAAMLPRETQITTMAGTKPYMAPEMFSSRKGAGYSFAVDWWSLGVTAYELLRGRRPYHIRSSTSSKEIVHTFETTVVTYP
SAWSQEMVSLLKKLLEPNPDQRFSQLSDVQNFPYMNDINWDAVFQKRLIPGFIPNKGRLNCDPTFELEEMILESKPLHKK
KKRLAKKEKDMRKCDSSQTCLLQEHLDSVQKEFIIFNREKVNRDFNKRQPNLALEQTKDPQGED
;
_entity_poly.pdbx_strand_id   A,B,C,D,E,F
#
loop_
_chem_comp.id
_chem_comp.type
_chem_comp.name
_chem_comp.formula
EDO non-polymer 1,2-ETHANEDIOL 'C2 H6 O2'
STU non-polymer STAUROSPORINE 'C28 H26 N4 O3'
#
# COMPACT_ATOMS: atom_id res chain seq x y z
N GLU A 8 47.88 -34.77 -12.04
CA GLU A 8 49.18 -34.96 -11.33
C GLU A 8 49.08 -34.51 -9.85
N ASN A 9 49.86 -35.15 -8.99
CA ASN A 9 49.93 -34.78 -7.58
C ASN A 9 51.25 -34.06 -7.24
N GLU A 10 51.65 -33.12 -8.10
CA GLU A 10 52.92 -32.40 -7.93
C GLU A 10 52.71 -31.13 -7.10
N ASP A 11 53.66 -30.85 -6.21
CA ASP A 11 53.57 -29.70 -5.29
C ASP A 11 53.91 -28.37 -6.00
N VAL A 12 53.03 -27.37 -5.83
CA VAL A 12 53.30 -26.04 -6.33
C VAL A 12 54.26 -25.32 -5.36
N ASN A 13 55.35 -24.78 -5.90
CA ASN A 13 56.33 -24.06 -5.08
C ASN A 13 56.83 -22.85 -5.81
N PHE A 14 57.81 -22.17 -5.24
CA PHE A 14 58.25 -20.86 -5.71
C PHE A 14 58.77 -20.94 -7.16
N ASP A 15 59.29 -22.09 -7.55
CA ASP A 15 59.81 -22.26 -8.91
C ASP A 15 58.71 -22.43 -10.00
N HIS A 16 57.49 -22.66 -9.57
CA HIS A 16 56.35 -22.67 -10.49
C HIS A 16 55.91 -21.29 -10.94
N PHE A 17 56.58 -20.23 -10.49
CA PHE A 17 56.15 -18.87 -10.81
C PHE A 17 57.24 -18.00 -11.34
N GLU A 18 56.83 -16.92 -11.98
CA GLU A 18 57.73 -15.88 -12.44
C GLU A 18 57.34 -14.61 -11.70
N ILE A 19 58.31 -13.95 -11.10
CA ILE A 19 58.03 -12.77 -10.30
C ILE A 19 58.05 -11.54 -11.15
N LEU A 20 56.99 -10.76 -11.08
CA LEU A 20 56.91 -9.49 -11.78
C LEU A 20 56.96 -8.34 -10.74
N ARG A 21 56.44 -7.20 -11.12
CA ARG A 21 56.54 -5.98 -10.33
C ARG A 21 56.12 -6.16 -8.85
N ALA A 22 56.85 -5.50 -7.94
CA ALA A 22 56.40 -5.33 -6.53
C ALA A 22 55.25 -4.33 -6.47
N ILE A 23 54.22 -4.61 -5.66
CA ILE A 23 53.04 -3.72 -5.60
C ILE A 23 52.73 -3.25 -4.19
N GLY A 24 53.40 -3.80 -3.21
CA GLY A 24 53.19 -3.37 -1.85
C GLY A 24 54.22 -3.89 -0.90
N LYS A 25 54.17 -3.39 0.30
CA LYS A 25 55.28 -3.55 1.22
C LYS A 25 54.74 -4.05 2.53
N GLY A 26 55.60 -4.74 3.26
CA GLY A 26 55.28 -5.22 4.60
C GLY A 26 56.52 -5.20 5.46
N SER A 27 56.30 -5.16 6.77
CA SER A 27 57.41 -5.24 7.72
C SER A 27 58.14 -6.61 7.60
N PHE A 28 57.41 -7.63 7.12
CA PHE A 28 57.97 -8.99 6.98
C PHE A 28 58.22 -9.42 5.52
N GLY A 29 57.97 -8.52 4.58
CA GLY A 29 58.26 -8.79 3.18
C GLY A 29 57.27 -8.12 2.23
N LYS A 30 57.57 -8.22 0.95
CA LYS A 30 56.81 -7.49 -0.04
C LYS A 30 55.54 -8.27 -0.52
N VAL A 31 54.64 -7.56 -1.17
CA VAL A 31 53.68 -8.18 -2.05
C VAL A 31 54.10 -7.91 -3.51
N CYS A 32 53.98 -8.95 -4.34
CA CYS A 32 54.49 -9.00 -5.73
CA CYS A 32 54.34 -8.80 -5.73
C CYS A 32 53.35 -9.48 -6.63
N ILE A 33 53.43 -9.14 -7.92
CA ILE A 33 52.64 -9.81 -8.94
C ILE A 33 53.46 -10.99 -9.41
N VAL A 34 52.83 -12.17 -9.51
CA VAL A 34 53.45 -13.34 -10.10
C VAL A 34 52.62 -13.89 -11.27
N GLN A 35 53.27 -14.61 -12.15
CA GLN A 35 52.60 -15.40 -13.15
C GLN A 35 52.96 -16.86 -12.97
N LYS A 36 51.96 -17.72 -12.87
CA LYS A 36 52.18 -19.14 -12.84
C LYS A 36 52.60 -19.60 -14.24
N ASN A 37 53.76 -20.30 -14.31
CA ASN A 37 54.38 -20.68 -15.56
C ASN A 37 53.46 -21.48 -16.46
N ASP A 38 52.81 -22.49 -15.90
CA ASP A 38 52.06 -23.42 -16.74
C ASP A 38 50.75 -22.79 -17.28
N THR A 39 49.90 -22.28 -16.40
CA THR A 39 48.60 -21.72 -16.84
C THR A 39 48.72 -20.29 -17.31
N LYS A 40 49.83 -19.64 -16.99
CA LYS A 40 50.05 -18.22 -17.36
C LYS A 40 49.10 -17.25 -16.59
N LYS A 41 48.44 -17.78 -15.58
CA LYS A 41 47.53 -17.00 -14.78
C LYS A 41 48.32 -16.10 -13.78
N MET A 42 47.85 -14.89 -13.58
CA MET A 42 48.53 -13.92 -12.72
C MET A 42 47.89 -13.87 -11.31
N TYR A 43 48.73 -13.72 -10.30
CA TYR A 43 48.28 -13.69 -8.91
C TYR A 43 49.03 -12.61 -8.12
N ALA A 44 48.55 -12.31 -6.91
CA ALA A 44 49.35 -11.55 -5.93
C ALA A 44 50.04 -12.53 -4.98
N MET A 45 51.31 -12.32 -4.71
CA MET A 45 52.06 -13.17 -3.76
C MET A 45 52.68 -12.33 -2.60
N LYS A 46 52.38 -12.74 -1.36
CA LYS A 46 52.89 -12.10 -0.16
C LYS A 46 54.08 -12.91 0.33
N TYR A 47 55.27 -12.31 0.28
CA TYR A 47 56.51 -12.84 0.96
C TYR A 47 56.45 -12.66 2.47
N MET A 48 56.85 -13.67 3.24
CA MET A 48 57.08 -13.51 4.68
C MET A 48 58.42 -14.12 5.10
N ASN A 49 59.38 -13.26 5.44
CA ASN A 49 60.74 -13.70 5.79
C ASN A 49 60.73 -14.55 7.05
N LYS A 50 61.24 -15.76 6.96
CA LYS A 50 61.16 -16.68 8.08
C LYS A 50 61.95 -16.17 9.29
N GLN A 51 63.15 -15.65 9.04
CA GLN A 51 63.99 -15.21 10.12
C GLN A 51 63.36 -14.03 10.86
N LYS A 52 62.85 -13.04 10.12
CA LYS A 52 62.20 -11.90 10.73
C LYS A 52 60.98 -12.36 11.53
N CYS A 53 60.24 -13.32 10.99
CA CYS A 53 59.05 -13.80 11.65
C CYS A 53 59.38 -14.48 12.96
N VAL A 54 60.48 -15.23 12.99
CA VAL A 54 60.89 -15.91 14.21
C VAL A 54 61.38 -14.93 15.27
N GLU A 55 62.17 -13.95 14.83
CA GLU A 55 62.72 -12.94 15.73
C GLU A 55 61.65 -12.06 16.34
N ARG A 56 60.59 -11.78 15.58
CA ARG A 56 59.57 -10.88 16.01
C ARG A 56 58.32 -11.61 16.50
N ASN A 57 58.45 -12.93 16.63
CA ASN A 57 57.36 -13.77 17.15
CA ASN A 57 57.37 -13.81 17.10
C ASN A 57 56.06 -13.66 16.32
N GLU A 58 56.20 -13.63 14.99
CA GLU A 58 55.05 -13.55 14.08
C GLU A 58 54.60 -14.92 13.54
N VAL A 59 55.43 -15.93 13.72
CA VAL A 59 55.19 -17.21 13.07
C VAL A 59 53.80 -17.74 13.39
N ARG A 60 53.41 -17.70 14.65
CA ARG A 60 52.07 -18.16 15.02
C ARG A 60 50.97 -17.37 14.32
N ASN A 61 51.19 -16.07 14.07
CA ASN A 61 50.17 -15.27 13.37
C ASN A 61 50.09 -15.59 11.90
N VAL A 62 51.23 -15.92 11.30
CA VAL A 62 51.24 -16.28 9.89
C VAL A 62 50.49 -17.60 9.69
N PHE A 63 50.75 -18.56 10.58
CA PHE A 63 50.06 -19.84 10.53
C PHE A 63 48.57 -19.71 10.76
N LYS A 64 48.18 -18.86 11.70
CA LYS A 64 46.78 -18.62 11.97
C LYS A 64 46.11 -18.04 10.74
N GLU A 65 46.75 -17.05 10.10
CA GLU A 65 46.18 -16.44 8.91
C GLU A 65 46.00 -17.47 7.79
N LEU A 66 47.05 -18.26 7.52
CA LEU A 66 46.97 -19.32 6.53
C LEU A 66 45.83 -20.29 6.84
N GLN A 67 45.68 -20.64 8.11
CA GLN A 67 44.66 -21.58 8.48
C GLN A 67 43.28 -20.99 8.21
N ILE A 68 43.11 -19.72 8.52
CA ILE A 68 41.87 -19.07 8.30
C ILE A 68 41.57 -18.99 6.80
N MET A 69 42.54 -18.51 6.04
CA MET A 69 42.36 -18.37 4.60
C MET A 69 42.09 -19.72 3.89
N GLN A 70 42.68 -20.81 4.36
CA GLN A 70 42.43 -22.13 3.75
C GLN A 70 40.95 -22.54 3.75
N GLY A 71 40.19 -22.08 4.76
CA GLY A 71 38.78 -22.47 4.90
C GLY A 71 37.78 -21.44 4.37
N LEU A 72 38.27 -20.43 3.63
CA LEU A 72 37.40 -19.37 3.09
C LEU A 72 37.43 -19.30 1.56
N GLU A 73 36.24 -19.10 0.97
CA GLU A 73 36.14 -18.78 -0.45
C GLU A 73 34.86 -18.02 -0.76
N HIS A 74 34.97 -16.86 -1.35
CA HIS A 74 33.82 -15.99 -1.52
C HIS A 74 34.15 -14.99 -2.55
N PRO A 75 33.17 -14.58 -3.35
CA PRO A 75 33.46 -13.69 -4.48
C PRO A 75 33.97 -12.31 -4.09
N PHE A 76 33.64 -11.86 -2.88
CA PHE A 76 34.09 -10.56 -2.41
C PHE A 76 35.18 -10.62 -1.34
N LEU A 77 35.95 -11.69 -1.37
CA LEU A 77 37.19 -11.79 -0.67
C LEU A 77 38.31 -11.97 -1.66
N VAL A 78 39.49 -11.55 -1.26
CA VAL A 78 40.70 -11.89 -1.94
C VAL A 78 41.15 -13.28 -1.42
N ASN A 79 40.90 -14.30 -2.23
CA ASN A 79 40.99 -15.66 -1.82
C ASN A 79 42.40 -16.24 -1.96
N LEU A 80 42.73 -17.18 -1.09
CA LEU A 80 43.99 -17.88 -1.15
C LEU A 80 43.94 -18.98 -2.20
N TRP A 81 45.02 -19.11 -2.98
CA TRP A 81 45.15 -20.24 -3.90
C TRP A 81 46.29 -21.21 -3.58
N TYR A 82 47.44 -20.70 -3.22
CA TYR A 82 48.54 -21.56 -2.88
C TYR A 82 49.28 -21.01 -1.71
N SER A 83 49.86 -21.91 -0.92
CA SER A 83 50.88 -21.56 0.04
C SER A 83 52.01 -22.55 -0.05
N PHE A 84 53.22 -22.07 0.17
CA PHE A 84 54.40 -22.92 0.13
C PHE A 84 55.54 -22.17 0.77
N GLN A 85 56.69 -22.81 0.92
CA GLN A 85 57.86 -22.21 1.59
C GLN A 85 59.13 -22.59 0.87
N ASP A 86 60.16 -21.80 1.06
CA ASP A 86 61.51 -22.24 0.78
C ASP A 86 62.35 -21.95 2.03
N GLU A 87 63.67 -21.90 1.90
CA GLU A 87 64.54 -21.77 3.07
C GLU A 87 64.45 -20.44 3.78
N GLU A 88 64.04 -19.39 3.06
CA GLU A 88 64.07 -18.02 3.59
C GLU A 88 62.69 -17.45 3.82
N ASP A 89 61.71 -17.95 3.10
CA ASP A 89 60.44 -17.29 3.07
C ASP A 89 59.27 -18.26 3.14
N MET A 90 58.17 -17.77 3.67
CA MET A 90 56.90 -18.42 3.50
C MET A 90 56.12 -17.60 2.52
N PHE A 91 55.27 -18.26 1.73
CA PHE A 91 54.55 -17.60 0.60
C PHE A 91 53.07 -17.83 0.65
N MET A 92 52.33 -16.79 0.32
CA MET A 92 50.89 -16.82 0.21
C MET A 92 50.54 -16.30 -1.19
N VAL A 93 49.89 -17.12 -2.00
CA VAL A 93 49.49 -16.68 -3.35
C VAL A 93 48.02 -16.59 -3.41
N VAL A 94 47.52 -15.40 -3.77
CA VAL A 94 46.10 -15.07 -3.66
C VAL A 94 45.61 -14.32 -4.92
N ASP A 95 44.30 -14.07 -5.01
CA ASP A 95 43.70 -13.40 -6.20
C ASP A 95 44.39 -12.07 -6.45
N LEU A 96 44.65 -11.75 -7.70
CA LEU A 96 45.22 -10.46 -8.07
C LEU A 96 44.08 -9.52 -8.41
N LEU A 97 44.02 -8.41 -7.72
CA LEU A 97 42.92 -7.42 -7.93
C LEU A 97 43.49 -6.18 -8.61
N LEU A 98 43.21 -6.05 -9.91
CA LEU A 98 43.99 -5.22 -10.76
C LEU A 98 43.62 -3.76 -10.60
N GLY A 99 42.50 -3.50 -9.92
CA GLY A 99 42.08 -2.12 -9.71
C GLY A 99 42.77 -1.43 -8.55
N GLY A 100 43.43 -2.20 -7.70
CA GLY A 100 44.10 -1.64 -6.55
C GLY A 100 43.13 -1.26 -5.46
N ASP A 101 43.66 -0.64 -4.42
CA ASP A 101 42.93 -0.39 -3.20
C ASP A 101 42.11 0.91 -3.33
N LEU A 102 41.11 1.06 -2.47
CA LEU A 102 40.30 2.25 -2.41
C LEU A 102 41.05 3.46 -1.83
N ARG A 103 42.00 3.23 -0.94
CA ARG A 103 42.76 4.34 -0.36
C ARG A 103 43.35 5.14 -1.47
N TYR A 104 43.94 4.46 -2.46
CA TYR A 104 44.59 5.16 -3.56
C TYR A 104 43.68 6.20 -4.21
N HIS A 105 42.46 5.85 -4.50
CA HIS A 105 41.49 6.77 -5.12
C HIS A 105 41.12 7.92 -4.19
N LEU A 106 40.93 7.64 -2.89
CA LEU A 106 40.70 8.72 -1.91
C LEU A 106 41.87 9.70 -1.92
N GLN A 107 43.08 9.16 -2.08
CA GLN A 107 44.29 9.98 -2.11
C GLN A 107 44.36 10.81 -3.39
N GLN A 108 43.66 10.39 -4.44
CA GLN A 108 43.53 11.22 -5.66
C GLN A 108 42.35 12.19 -5.57
N ASN A 109 41.83 12.35 -4.35
CA ASN A 109 40.66 13.21 -4.07
C ASN A 109 39.37 12.82 -4.83
N VAL A 110 39.26 11.55 -5.17
CA VAL A 110 38.01 11.01 -5.73
C VAL A 110 36.95 10.98 -4.61
N HIS A 111 35.77 11.52 -4.89
CA HIS A 111 34.57 11.28 -4.07
C HIS A 111 33.64 10.35 -4.85
N PHE A 112 33.22 9.25 -4.23
CA PHE A 112 32.44 8.23 -4.92
C PHE A 112 30.96 8.55 -4.88
N LYS A 113 30.27 8.25 -5.98
CA LYS A 113 28.83 8.52 -6.08
C LYS A 113 28.06 7.67 -5.10
N GLU A 114 26.96 8.21 -4.65
CA GLU A 114 26.15 7.56 -3.64
C GLU A 114 25.75 6.16 -4.05
N GLU A 115 25.38 5.99 -5.32
CA GLU A 115 24.90 4.69 -5.82
C GLU A 115 26.03 3.68 -5.89
N THR A 116 27.20 4.13 -6.29
CA THR A 116 28.36 3.28 -6.28
C THR A 116 28.66 2.77 -4.89
N VAL A 117 28.59 3.67 -3.90
CA VAL A 117 28.87 3.28 -2.53
C VAL A 117 27.81 2.32 -2.01
N LYS A 118 26.56 2.55 -2.38
CA LYS A 118 25.45 1.61 -2.04
C LYS A 118 25.79 0.21 -2.46
N LEU A 119 26.30 0.08 -3.69
CA LEU A 119 26.60 -1.24 -4.25
C LEU A 119 27.83 -1.84 -3.63
N PHE A 120 28.85 -1.00 -3.37
CA PHE A 120 30.01 -1.45 -2.54
C PHE A 120 29.50 -2.09 -1.23
N ILE A 121 28.64 -1.38 -0.53
CA ILE A 121 28.13 -1.88 0.74
C ILE A 121 27.48 -3.25 0.53
N CYS A 122 26.68 -3.38 -0.53
CA CYS A 122 26.00 -4.65 -0.81
C CYS A 122 26.96 -5.81 -0.98
N GLU A 123 28.04 -5.58 -1.71
CA GLU A 123 29.01 -6.63 -1.94
C GLU A 123 29.74 -6.98 -0.63
N LEU A 124 30.14 -5.97 0.13
CA LEU A 124 30.99 -6.21 1.27
C LEU A 124 30.20 -6.84 2.36
N VAL A 125 28.90 -6.54 2.37
CA VAL A 125 28.02 -7.03 3.42
C VAL A 125 27.76 -8.51 3.22
N MET A 126 27.83 -8.95 1.95
CA MET A 126 27.72 -10.38 1.68
C MET A 126 28.98 -11.06 2.17
N ALA A 127 30.15 -10.44 1.92
CA ALA A 127 31.45 -10.97 2.44
C ALA A 127 31.46 -11.05 3.99
N LEU A 128 31.02 -9.99 4.64
CA LEU A 128 31.04 -9.94 6.10
C LEU A 128 30.13 -10.96 6.69
N ASP A 129 28.96 -11.09 6.14
CA ASP A 129 28.03 -12.10 6.59
C ASP A 129 28.63 -13.49 6.45
N TYR A 130 29.28 -13.76 5.31
CA TYR A 130 29.93 -15.06 5.10
C TYR A 130 31.04 -15.29 6.13
N LEU A 131 31.84 -14.25 6.36
CA LEU A 131 32.88 -14.34 7.39
C LEU A 131 32.27 -14.76 8.75
N GLN A 132 31.17 -14.12 9.13
CA GLN A 132 30.52 -14.38 10.41
C GLN A 132 30.02 -15.81 10.47
N ASN A 133 29.44 -16.29 9.40
CA ASN A 133 28.96 -17.64 9.39
C ASN A 133 30.12 -18.64 9.53
N GLN A 134 31.31 -18.22 9.09
CA GLN A 134 32.54 -19.02 9.26
C GLN A 134 33.28 -18.69 10.57
N ARG A 135 32.65 -17.88 11.40
CA ARG A 135 33.15 -17.52 12.74
C ARG A 135 34.40 -16.63 12.70
N ILE A 136 34.50 -15.79 11.67
CA ILE A 136 35.69 -14.94 11.48
C ILE A 136 35.39 -13.47 11.66
N ILE A 137 36.17 -12.79 12.50
CA ILE A 137 36.21 -11.33 12.55
C ILE A 137 37.45 -10.84 11.81
N HIS A 138 37.30 -9.89 10.90
CA HIS A 138 38.46 -9.42 10.12
C HIS A 138 39.29 -8.45 10.89
N ARG A 139 38.61 -7.44 11.50
CA ARG A 139 39.22 -6.46 12.42
C ARG A 139 40.04 -5.40 11.77
N ASP A 140 40.12 -5.40 10.44
CA ASP A 140 40.84 -4.31 9.75
C ASP A 140 40.19 -3.88 8.44
N MET A 141 38.89 -3.72 8.46
CA MET A 141 38.19 -3.15 7.32
C MET A 141 38.46 -1.66 7.20
N LYS A 142 38.91 -1.25 6.04
CA LYS A 142 39.23 0.14 5.74
C LYS A 142 39.67 0.22 4.26
N PRO A 143 39.64 1.41 3.67
CA PRO A 143 39.98 1.58 2.26
C PRO A 143 41.28 0.97 1.84
N ASP A 144 42.28 0.93 2.74
CA ASP A 144 43.58 0.38 2.37
C ASP A 144 43.45 -1.14 2.09
N ASN A 145 42.42 -1.75 2.68
CA ASN A 145 42.27 -3.19 2.64
C ASN A 145 41.13 -3.68 1.78
N ILE A 146 40.56 -2.77 1.01
CA ILE A 146 39.52 -3.14 0.10
C ILE A 146 39.96 -2.90 -1.35
N LEU A 147 40.02 -3.96 -2.16
CA LEU A 147 40.60 -3.87 -3.48
C LEU A 147 39.52 -4.05 -4.56
N LEU A 148 39.77 -3.41 -5.68
CA LEU A 148 38.88 -3.42 -6.81
C LEU A 148 39.39 -4.42 -7.83
N ASP A 149 38.47 -5.07 -8.54
CA ASP A 149 38.83 -5.72 -9.80
C ASP A 149 38.66 -4.77 -10.94
N GLU A 150 38.85 -5.29 -12.12
CA GLU A 150 38.87 -4.48 -13.31
C GLU A 150 37.49 -4.00 -13.70
N HIS A 151 36.43 -4.55 -13.07
CA HIS A 151 35.03 -4.11 -13.31
C HIS A 151 34.47 -3.25 -12.22
N GLY A 152 35.28 -2.97 -11.19
CA GLY A 152 34.84 -2.14 -10.11
C GLY A 152 34.15 -2.86 -8.95
N HIS A 153 34.33 -4.17 -8.83
CA HIS A 153 33.84 -4.87 -7.65
C HIS A 153 34.86 -4.81 -6.57
N VAL A 154 34.38 -4.77 -5.31
CA VAL A 154 35.23 -4.55 -4.16
C VAL A 154 35.40 -5.88 -3.37
N HIS A 155 36.55 -6.04 -2.69
CA HIS A 155 37.02 -7.28 -2.16
C HIS A 155 37.80 -7.00 -0.89
N ILE A 156 37.59 -7.81 0.15
CA ILE A 156 38.30 -7.69 1.39
C ILE A 156 39.59 -8.51 1.37
N THR A 157 40.71 -7.87 1.72
CA THR A 157 41.99 -8.58 1.89
C THR A 157 42.70 -8.22 3.22
N ASP A 158 43.93 -8.68 3.34
CA ASP A 158 44.75 -8.50 4.59
C ASP A 158 44.11 -9.02 5.89
N PHE A 159 44.17 -10.32 6.05
CA PHE A 159 43.59 -10.97 7.20
C PHE A 159 44.66 -11.11 8.33
N ASN A 160 45.68 -10.25 8.28
CA ASN A 160 46.80 -10.31 9.19
C ASN A 160 46.33 -10.33 10.68
N ILE A 161 45.27 -9.60 11.01
CA ILE A 161 44.76 -9.65 12.39
C ILE A 161 43.34 -10.23 12.53
N ALA A 162 42.93 -11.02 11.56
CA ALA A 162 41.65 -11.64 11.59
C ALA A 162 41.69 -12.76 12.64
N ALA A 163 40.58 -12.96 13.32
CA ALA A 163 40.51 -13.94 14.42
C ALA A 163 39.33 -14.87 14.24
N MET A 164 39.52 -16.12 14.63
CA MET A 164 38.46 -17.07 14.75
C MET A 164 37.83 -16.88 16.13
N LEU A 165 36.53 -16.64 16.16
CA LEU A 165 35.81 -16.44 17.41
C LEU A 165 34.86 -17.63 17.64
N PRO A 166 35.26 -18.57 18.51
CA PRO A 166 34.38 -19.70 18.85
C PRO A 166 33.06 -19.27 19.46
N ARG A 167 32.03 -20.08 19.31
CA ARG A 167 30.68 -19.75 19.80
C ARG A 167 30.68 -19.56 21.29
N GLU A 168 29.87 -18.62 21.76
CA GLU A 168 29.78 -18.33 23.18
C GLU A 168 31.14 -18.03 23.79
N THR A 169 31.98 -17.32 23.02
CA THR A 169 33.19 -16.73 23.57
C THR A 169 33.21 -15.29 23.16
N GLN A 170 34.09 -14.54 23.77
CA GLN A 170 34.24 -13.14 23.40
C GLN A 170 35.70 -12.81 23.30
N ILE A 171 35.98 -11.66 22.73
CA ILE A 171 37.33 -11.24 22.47
C ILE A 171 37.51 -9.85 23.03
N THR A 172 38.63 -9.62 23.70
CA THR A 172 38.90 -8.33 24.34
C THR A 172 40.10 -7.59 23.74
N THR A 173 41.03 -8.33 23.11
CA THR A 173 42.30 -7.75 22.75
C THR A 173 42.14 -6.62 21.77
N MET A 174 42.86 -5.56 22.04
CA MET A 174 42.82 -4.36 21.23
C MET A 174 43.70 -4.58 19.99
N ALA A 175 43.07 -4.74 18.83
CA ALA A 175 43.83 -4.84 17.61
C ALA A 175 43.00 -4.31 16.46
N GLY A 176 43.54 -3.35 15.71
CA GLY A 176 42.81 -2.71 14.62
C GLY A 176 43.46 -1.42 14.19
N THR A 177 42.88 -0.74 13.22
CA THR A 177 43.30 0.60 12.87
C THR A 177 42.35 1.59 13.54
N LYS A 178 42.90 2.42 14.39
CA LYS A 178 42.12 3.11 15.45
C LYS A 178 40.97 3.99 14.93
N PRO A 179 41.20 4.75 13.85
CA PRO A 179 40.07 5.58 13.36
C PRO A 179 38.93 4.77 12.76
N TYR A 180 39.12 3.46 12.60
CA TYR A 180 38.06 2.56 12.08
C TYR A 180 37.48 1.65 13.17
N MET A 181 38.05 1.70 14.36
CA MET A 181 37.72 0.74 15.40
C MET A 181 36.44 1.18 16.14
N ALA A 182 35.60 0.23 16.50
CA ALA A 182 34.27 0.51 17.07
C ALA A 182 34.37 0.85 18.57
N PRO A 183 33.43 1.64 19.08
CA PRO A 183 33.49 2.12 20.47
C PRO A 183 33.59 1.00 21.51
N GLU A 184 32.94 -0.12 21.26
CA GLU A 184 32.97 -1.19 22.20
C GLU A 184 34.37 -1.76 22.37
N MET A 185 35.26 -1.51 21.40
CA MET A 185 36.61 -2.03 21.45
C MET A 185 37.45 -1.30 22.49
N PHE A 186 37.04 -0.09 22.87
CA PHE A 186 37.79 0.73 23.81
C PHE A 186 37.25 0.69 25.23
N SER A 187 36.03 0.23 25.44
CA SER A 187 35.43 0.25 26.79
CA SER A 187 35.46 0.28 26.79
C SER A 187 36.30 -0.59 27.73
N SER A 188 36.66 0.00 28.88
CA SER A 188 37.49 -0.65 29.87
C SER A 188 36.63 -1.23 31.01
N ARG A 189 35.32 -1.32 30.79
CA ARG A 189 34.43 -2.02 31.74
C ARG A 189 34.83 -3.49 31.79
N LYS A 190 35.07 -3.99 33.00
CA LYS A 190 35.62 -5.34 33.19
C LYS A 190 34.72 -6.41 32.57
N GLY A 191 33.40 -6.24 32.72
CA GLY A 191 32.41 -7.07 32.00
C GLY A 191 32.13 -6.52 30.61
N ALA A 192 32.87 -7.02 29.61
CA ALA A 192 32.85 -6.45 28.26
C ALA A 192 33.48 -7.39 27.22
N GLY A 193 33.70 -6.85 26.03
CA GLY A 193 34.29 -7.59 24.92
C GLY A 193 33.75 -7.04 23.61
N TYR A 194 34.16 -7.64 22.51
CA TYR A 194 33.53 -7.30 21.23
C TYR A 194 33.36 -8.50 20.36
N SER A 195 32.66 -8.32 19.25
CA SER A 195 32.36 -9.42 18.34
C SER A 195 32.35 -8.95 16.87
N PHE A 196 31.66 -9.73 16.03
CA PHE A 196 31.60 -9.48 14.58
C PHE A 196 31.14 -8.08 14.23
N ALA A 197 30.35 -7.47 15.10
CA ALA A 197 29.75 -6.19 14.81
C ALA A 197 30.79 -5.13 14.53
N VAL A 198 32.02 -5.32 15.03
CA VAL A 198 33.06 -4.30 14.81
C VAL A 198 33.38 -4.15 13.31
N ASP A 199 33.33 -5.25 12.56
CA ASP A 199 33.54 -5.19 11.11
C ASP A 199 32.45 -4.36 10.37
N TRP A 200 31.29 -4.19 11.01
CA TRP A 200 30.17 -3.45 10.37
C TRP A 200 30.24 -1.98 10.68
N TRP A 201 30.71 -1.66 11.88
CA TRP A 201 31.19 -0.33 12.20
C TRP A 201 32.20 0.19 11.23
N SER A 202 33.27 -0.55 11.03
CA SER A 202 34.39 -0.04 10.17
C SER A 202 33.95 0.02 8.73
N LEU A 203 33.04 -0.88 8.34
CA LEU A 203 32.44 -0.74 7.00
C LEU A 203 31.73 0.60 6.89
N GLY A 204 30.96 0.94 7.91
CA GLY A 204 30.36 2.27 8.00
C GLY A 204 31.35 3.41 7.87
N VAL A 205 32.40 3.39 8.70
CA VAL A 205 33.38 4.46 8.67
C VAL A 205 33.94 4.52 7.23
N THR A 206 34.14 3.35 6.64
CA THR A 206 34.71 3.27 5.30
C THR A 206 33.80 3.83 4.27
N ALA A 207 32.51 3.51 4.38
CA ALA A 207 31.51 4.05 3.42
C ALA A 207 31.34 5.57 3.54
N TYR A 208 31.22 6.05 4.77
CA TYR A 208 31.15 7.47 5.02
C TYR A 208 32.38 8.18 4.38
N GLU A 209 33.55 7.59 4.59
CA GLU A 209 34.81 8.20 4.14
C GLU A 209 34.81 8.28 2.62
N LEU A 210 34.35 7.21 1.96
CA LEU A 210 34.28 7.19 0.47
C LEU A 210 33.32 8.29 -0.05
N LEU A 211 32.22 8.51 0.67
CA LEU A 211 31.26 9.50 0.25
C LEU A 211 31.79 10.90 0.48
N ARG A 212 32.35 11.14 1.66
CA ARG A 212 32.72 12.50 2.06
C ARG A 212 34.15 12.95 1.70
N GLY A 213 35.08 12.02 1.64
CA GLY A 213 36.50 12.38 1.52
C GLY A 213 37.24 12.32 2.86
N ARG A 214 36.51 12.23 3.95
CA ARG A 214 37.13 12.16 5.25
C ARG A 214 36.29 11.33 6.19
N ARG A 215 36.90 10.91 7.27
CA ARG A 215 36.28 10.02 8.22
CA ARG A 215 36.26 10.02 8.21
C ARG A 215 35.29 10.80 9.09
N PRO A 216 34.38 10.09 9.75
CA PRO A 216 33.36 10.74 10.52
C PRO A 216 33.80 11.17 11.92
N TYR A 217 34.87 10.57 12.41
CA TYR A 217 35.50 10.99 13.64
C TYR A 217 36.95 11.32 13.41
N HIS A 218 37.44 12.33 14.14
CA HIS A 218 38.87 12.64 14.21
CA HIS A 218 38.86 12.61 14.19
C HIS A 218 39.49 11.74 15.22
N ILE A 219 40.16 10.70 14.74
CA ILE A 219 40.91 9.81 15.60
C ILE A 219 42.18 9.54 14.86
N ARG A 220 43.29 9.44 15.60
CA ARG A 220 44.59 9.10 15.03
C ARG A 220 45.18 7.83 15.65
N SER A 221 46.25 7.37 15.07
CA SER A 221 46.89 6.18 15.56
C SER A 221 47.63 6.52 16.86
N SER A 222 47.83 7.82 17.14
CA SER A 222 48.55 8.28 18.32
C SER A 222 47.62 8.66 19.50
N THR A 223 46.31 8.71 19.23
CA THR A 223 45.33 9.23 20.21
C THR A 223 45.11 8.23 21.31
N SER A 224 45.06 8.71 22.54
CA SER A 224 44.89 7.89 23.69
C SER A 224 43.52 7.28 23.65
N SER A 225 43.41 6.11 24.26
CA SER A 225 42.16 5.43 24.35
C SER A 225 41.11 6.28 25.07
N LYS A 226 41.54 7.08 26.03
CA LYS A 226 40.58 7.87 26.80
C LYS A 226 39.94 8.95 25.94
N GLU A 227 40.74 9.61 25.11
CA GLU A 227 40.22 10.62 24.20
C GLU A 227 39.26 10.03 23.18
N ILE A 228 39.53 8.80 22.76
CA ILE A 228 38.72 8.18 21.75
C ILE A 228 37.34 7.89 22.31
N VAL A 229 37.28 7.23 23.47
CA VAL A 229 36.01 7.02 24.17
C VAL A 229 35.25 8.35 24.34
N HIS A 230 35.97 9.42 24.62
CA HIS A 230 35.39 10.74 24.77
C HIS A 230 34.89 11.27 23.47
N THR A 231 35.63 11.03 22.40
CA THR A 231 35.21 11.42 21.03
C THR A 231 33.93 10.71 20.60
N PHE A 232 33.84 9.41 20.82
CA PHE A 232 32.61 8.68 20.50
C PHE A 232 31.41 9.18 21.33
N GLU A 233 31.65 9.51 22.60
CA GLU A 233 30.56 9.84 23.52
C GLU A 233 30.06 11.27 23.33
N THR A 234 30.88 12.14 22.75
CA THR A 234 30.52 13.56 22.64
C THR A 234 30.51 14.15 21.23
N THR A 235 30.71 13.34 20.21
CA THR A 235 30.60 13.85 18.84
C THR A 235 29.33 13.41 18.14
N VAL A 236 28.70 14.33 17.47
CA VAL A 236 27.60 14.00 16.57
C VAL A 236 28.16 14.06 15.16
N VAL A 237 27.94 12.98 14.43
CA VAL A 237 28.56 12.83 13.15
C VAL A 237 27.82 13.76 12.22
N THR A 238 28.57 14.54 11.44
CA THR A 238 27.99 15.42 10.45
C THR A 238 27.54 14.62 9.19
N TYR A 239 26.25 14.75 8.82
CA TYR A 239 25.74 14.10 7.58
C TYR A 239 25.33 15.10 6.52
N PRO A 240 26.24 15.40 5.58
CA PRO A 240 26.00 16.53 4.69
C PRO A 240 24.59 16.49 4.11
N SER A 241 23.95 17.64 4.00
CA SER A 241 22.54 17.66 3.65
C SER A 241 22.33 17.15 2.24
N ALA A 242 23.40 17.19 1.44
CA ALA A 242 23.34 16.82 0.02
C ALA A 242 23.07 15.33 -0.18
N TRP A 243 23.28 14.52 0.87
CA TRP A 243 23.16 13.08 0.77
C TRP A 243 21.71 12.74 0.91
N SER A 244 21.29 11.62 0.31
CA SER A 244 19.93 11.12 0.47
C SER A 244 19.67 10.62 1.89
N GLN A 245 18.48 10.92 2.42
CA GLN A 245 18.11 10.40 3.76
C GLN A 245 18.22 8.86 3.84
N GLU A 246 18.12 8.19 2.70
CA GLU A 246 18.19 6.75 2.67
C GLU A 246 19.65 6.32 2.95
N MET A 247 20.60 6.91 2.26
CA MET A 247 21.99 6.60 2.51
C MET A 247 22.37 7.00 3.96
N VAL A 248 22.06 8.25 4.34
CA VAL A 248 22.37 8.73 5.66
C VAL A 248 21.83 7.76 6.71
N SER A 249 20.62 7.28 6.52
CA SER A 249 20.02 6.43 7.54
C SER A 249 20.60 5.01 7.48
N LEU A 250 21.22 4.64 6.36
CA LEU A 250 22.01 3.39 6.29
C LEU A 250 23.30 3.57 7.09
N LEU A 251 24.08 4.59 6.72
CA LEU A 251 25.30 4.89 7.42
C LEU A 251 25.09 4.88 8.94
N LYS A 252 23.98 5.44 9.37
CA LYS A 252 23.69 5.56 10.80
C LYS A 252 23.46 4.24 11.47
N LYS A 253 22.90 3.26 10.77
CA LYS A 253 22.71 1.92 11.36
C LYS A 253 24.01 1.10 11.41
N LEU A 254 24.97 1.48 10.56
CA LEU A 254 26.30 0.91 10.60
C LEU A 254 27.14 1.57 11.69
N LEU A 255 26.90 2.84 11.94
CA LEU A 255 27.66 3.58 12.96
C LEU A 255 26.82 3.75 14.28
N GLU A 256 26.07 2.73 14.65
CA GLU A 256 25.47 2.64 16.00
C GLU A 256 26.57 2.39 17.00
N PRO A 257 26.70 3.26 17.99
CA PRO A 257 27.75 2.96 18.96
C PRO A 257 27.48 1.69 19.76
N ASN A 258 26.21 1.32 19.90
CA ASN A 258 25.85 0.10 20.65
C ASN A 258 25.76 -1.11 19.75
N PRO A 259 26.74 -2.01 19.84
CA PRO A 259 26.81 -3.13 18.89
C PRO A 259 25.49 -3.90 18.75
N ASP A 260 24.75 -3.99 19.84
CA ASP A 260 23.45 -4.63 19.85
C ASP A 260 22.38 -3.93 18.97
N GLN A 261 22.58 -2.65 18.65
CA GLN A 261 21.61 -1.94 17.81
CA GLN A 261 21.65 -1.86 17.82
C GLN A 261 22.16 -1.69 16.39
N ARG A 262 23.34 -2.21 16.13
CA ARG A 262 24.02 -2.01 14.84
C ARG A 262 23.65 -3.12 13.91
N PHE A 263 23.62 -2.83 12.62
CA PHE A 263 23.48 -3.89 11.62
C PHE A 263 24.71 -4.77 11.66
N SER A 264 24.51 -6.06 11.75
CA SER A 264 25.59 -6.97 11.97
C SER A 264 25.34 -8.29 11.29
N GLN A 265 24.48 -8.26 10.26
CA GLN A 265 23.98 -9.48 9.66
C GLN A 265 23.46 -9.16 8.25
N LEU A 266 23.65 -10.06 7.31
CA LEU A 266 23.21 -9.81 5.93
C LEU A 266 21.75 -9.44 5.89
N SER A 267 20.93 -10.08 6.73
CA SER A 267 19.50 -9.89 6.67
C SER A 267 19.07 -8.46 7.10
N ASP A 268 19.79 -7.85 8.06
CA ASP A 268 19.45 -6.50 8.52
C ASP A 268 19.43 -5.51 7.35
N VAL A 269 20.31 -5.75 6.37
CA VAL A 269 20.49 -4.91 5.18
C VAL A 269 19.50 -5.33 4.06
N GLN A 270 19.35 -6.64 3.86
CA GLN A 270 18.38 -7.18 2.89
C GLN A 270 17.00 -6.62 3.12
N ASN A 271 16.61 -6.45 4.39
CA ASN A 271 15.28 -5.99 4.75
C ASN A 271 15.20 -4.48 4.93
N PHE A 272 16.31 -3.81 4.73
CA PHE A 272 16.30 -2.39 4.86
C PHE A 272 15.66 -1.77 3.61
N PRO A 273 14.64 -0.94 3.80
CA PRO A 273 13.93 -0.32 2.67
C PRO A 273 14.82 0.19 1.52
N TYR A 274 15.81 1.01 1.83
CA TYR A 274 16.77 1.49 0.80
C TYR A 274 17.19 0.36 -0.15
N MET A 275 17.24 -0.86 0.39
CA MET A 275 17.78 -1.98 -0.36
C MET A 275 16.70 -2.84 -1.03
N ASN A 276 15.50 -2.31 -1.20
CA ASN A 276 14.39 -3.15 -1.71
C ASN A 276 14.45 -3.37 -3.18
N ASP A 277 15.35 -2.65 -3.85
CA ASP A 277 15.59 -2.82 -5.28
C ASP A 277 16.78 -3.72 -5.61
N ILE A 278 17.41 -4.30 -4.61
CA ILE A 278 18.61 -5.10 -4.82
C ILE A 278 18.29 -6.56 -5.04
N ASN A 279 18.83 -7.11 -6.13
CA ASN A 279 18.73 -8.52 -6.43
C ASN A 279 20.01 -9.21 -5.94
N TRP A 280 19.91 -9.92 -4.83
CA TRP A 280 21.11 -10.38 -4.09
C TRP A 280 21.80 -11.53 -4.77
N ASP A 281 21.08 -12.25 -5.61
CA ASP A 281 21.68 -13.28 -6.44
C ASP A 281 22.60 -12.63 -7.50
N ALA A 282 22.14 -11.49 -8.03
CA ALA A 282 22.91 -10.72 -8.99
C ALA A 282 24.16 -10.10 -8.32
N VAL A 283 23.97 -9.53 -7.15
CA VAL A 283 25.12 -9.05 -6.36
C VAL A 283 26.18 -10.21 -6.22
N PHE A 284 25.75 -11.39 -5.71
CA PHE A 284 26.69 -12.49 -5.44
C PHE A 284 27.39 -12.94 -6.71
N GLN A 285 26.68 -12.97 -7.83
CA GLN A 285 27.24 -13.36 -9.10
C GLN A 285 27.99 -12.24 -9.89
N LYS A 286 28.19 -11.09 -9.27
CA LYS A 286 28.97 -10.02 -9.90
C LYS A 286 28.29 -9.50 -11.15
N ARG A 287 26.97 -9.35 -11.07
CA ARG A 287 26.17 -8.84 -12.20
C ARG A 287 25.67 -7.43 -11.96
N LEU A 288 25.84 -6.94 -10.73
CA LEU A 288 25.62 -5.51 -10.43
C LEU A 288 26.94 -4.74 -10.36
N ILE A 289 27.39 -4.22 -11.48
CA ILE A 289 28.54 -3.32 -11.51
C ILE A 289 28.23 -2.09 -10.68
N PRO A 290 29.04 -1.81 -9.65
CA PRO A 290 28.80 -0.63 -8.81
C PRO A 290 28.78 0.67 -9.57
N GLY A 291 29.75 0.89 -10.45
CA GLY A 291 29.76 2.13 -11.23
C GLY A 291 31.10 2.52 -11.79
N PHE A 292 31.13 3.66 -12.48
CA PHE A 292 32.34 4.13 -13.18
C PHE A 292 33.49 4.23 -12.18
N ILE A 293 34.63 3.70 -12.57
CA ILE A 293 35.82 3.76 -11.71
C ILE A 293 36.95 4.50 -12.45
N PRO A 294 37.54 5.53 -11.82
CA PRO A 294 38.57 6.32 -12.50
C PRO A 294 39.65 5.44 -13.14
N ASN A 295 40.20 5.88 -14.28
CA ASN A 295 41.25 5.15 -15.03
C ASN A 295 42.46 4.80 -14.18
N LYS A 296 42.97 5.79 -13.45
CA LYS A 296 44.19 5.63 -12.70
C LYS A 296 43.91 5.00 -11.35
N GLY A 297 44.40 3.78 -11.15
CA GLY A 297 44.37 3.12 -9.85
C GLY A 297 45.78 2.85 -9.39
N ARG A 298 45.96 2.14 -8.28
CA ARG A 298 47.28 2.07 -7.69
C ARG A 298 48.25 1.35 -8.56
N LEU A 299 47.81 0.29 -9.23
CA LEU A 299 48.60 -0.30 -10.35
C LEU A 299 48.55 0.61 -11.55
N ASN A 300 49.63 1.26 -11.83
CA ASN A 300 49.75 2.00 -13.06
C ASN A 300 51.19 1.97 -13.37
N CYS A 301 51.57 2.23 -14.59
CA CYS A 301 52.97 2.31 -14.86
C CYS A 301 53.26 3.67 -15.41
N ASP A 302 52.61 4.66 -14.80
CA ASP A 302 53.02 6.04 -14.99
C ASP A 302 54.40 6.15 -14.40
N PRO A 303 55.38 6.54 -15.23
CA PRO A 303 56.77 6.75 -14.86
C PRO A 303 56.93 7.66 -13.64
N THR A 304 57.77 7.22 -12.71
CA THR A 304 58.12 8.00 -11.52
C THR A 304 59.63 8.07 -11.44
N PHE A 305 60.14 8.85 -10.49
CA PHE A 305 61.56 8.93 -10.26
C PHE A 305 62.02 7.93 -9.20
N GLU A 306 61.12 7.03 -8.81
CA GLU A 306 61.46 6.02 -7.82
C GLU A 306 62.77 5.35 -8.22
N LEU A 307 63.83 5.67 -7.47
CA LEU A 307 65.12 5.02 -7.61
C LEU A 307 64.94 3.50 -7.67
N GLU A 308 64.09 2.98 -6.77
CA GLU A 308 63.72 1.57 -6.78
C GLU A 308 62.95 1.18 -8.05
N GLU A 309 63.45 0.15 -8.75
CA GLU A 309 62.77 -0.44 -9.93
C GLU A 309 63.02 0.34 -11.26
N MET A 310 63.91 1.34 -11.22
CA MET A 310 64.53 1.89 -12.44
C MET A 310 65.81 1.09 -12.82
N ILE A 311 66.05 0.00 -12.10
CA ILE A 311 67.08 -0.97 -12.44
C ILE A 311 66.41 -2.24 -12.97
N LEU A 312 65.41 -2.06 -13.84
CA LEU A 312 64.49 -3.15 -14.24
C LEU A 312 65.16 -4.23 -15.10
N GLU A 313 66.20 -3.85 -15.84
CA GLU A 313 66.83 -4.71 -16.85
C GLU A 313 67.72 -5.78 -16.21
N SER A 314 68.08 -5.57 -14.94
CA SER A 314 68.99 -6.47 -14.24
C SER A 314 68.24 -7.71 -13.76
N LYS A 315 68.95 -8.85 -13.75
CA LYS A 315 68.36 -10.11 -13.32
C LYS A 315 69.21 -10.78 -12.22
N PRO A 316 68.59 -11.04 -11.05
CA PRO A 316 69.18 -11.93 -10.03
C PRO A 316 69.62 -13.28 -10.58
N LYS A 327 75.16 -26.33 -0.15
CA LYS A 327 76.24 -27.09 0.50
C LYS A 327 76.84 -26.29 1.66
N GLU A 328 75.98 -25.64 2.45
CA GLU A 328 76.42 -24.90 3.66
C GLU A 328 75.49 -25.14 4.87
N LYS A 329 74.25 -25.57 4.60
CA LYS A 329 73.26 -25.91 5.65
C LYS A 329 73.23 -27.42 5.98
N ASP A 330 73.75 -28.26 5.06
CA ASP A 330 73.78 -29.72 5.27
C ASP A 330 74.75 -30.16 6.39
N MET A 331 75.62 -29.24 6.81
CA MET A 331 76.57 -29.51 7.91
C MET A 331 75.87 -29.63 9.27
N ARG A 332 74.70 -28.99 9.42
CA ARG A 332 74.02 -28.87 10.72
C ARG A 332 74.86 -28.03 11.69
N LYS A 333 75.12 -26.79 11.29
CA LYS A 333 75.96 -25.88 12.09
C LYS A 333 75.13 -25.21 13.21
N CYS A 334 75.83 -24.73 14.23
CA CYS A 334 75.19 -24.10 15.37
C CYS A 334 76.26 -23.55 16.31
N ASP A 335 76.21 -22.25 16.58
CA ASP A 335 77.35 -21.54 17.09
C ASP A 335 77.15 -21.07 18.50
N SER A 336 76.03 -20.38 18.73
CA SER A 336 75.74 -19.72 20.02
C SER A 336 74.30 -20.00 20.41
N SER A 337 73.88 -19.52 21.57
CA SER A 337 72.52 -19.80 22.03
C SER A 337 71.48 -19.10 21.14
N GLN A 338 71.75 -17.86 20.79
CA GLN A 338 70.91 -17.11 19.86
C GLN A 338 70.75 -17.84 18.49
N THR A 339 71.86 -18.28 17.93
CA THR A 339 71.82 -18.91 16.63
C THR A 339 71.23 -20.32 16.68
N CYS A 340 71.37 -20.97 17.83
CA CYS A 340 70.84 -22.31 17.99
C CYS A 340 69.31 -22.28 18.19
N LEU A 341 68.82 -21.30 18.94
CA LEU A 341 67.39 -21.09 19.10
CA LEU A 341 67.39 -21.12 19.09
C LEU A 341 66.74 -20.78 17.74
N LEU A 342 67.40 -19.94 16.95
CA LEU A 342 66.91 -19.61 15.62
C LEU A 342 66.75 -20.88 14.78
N GLN A 343 67.74 -21.74 14.82
CA GLN A 343 67.73 -22.97 14.03
C GLN A 343 66.63 -23.90 14.46
N GLU A 344 66.43 -24.03 15.76
CA GLU A 344 65.36 -24.88 16.26
C GLU A 344 64.01 -24.42 15.72
N HIS A 345 63.80 -23.10 15.69
CA HIS A 345 62.56 -22.51 15.22
C HIS A 345 62.43 -22.64 13.72
N LEU A 346 63.48 -22.31 12.98
CA LEU A 346 63.46 -22.55 11.54
C LEU A 346 63.15 -24.03 11.26
N ASP A 347 63.83 -24.97 11.93
CA ASP A 347 63.58 -26.38 11.72
C ASP A 347 62.10 -26.66 11.96
N SER A 348 61.55 -26.04 12.97
CA SER A 348 60.16 -26.26 13.31
C SER A 348 59.18 -25.65 12.21
N VAL A 349 59.53 -24.47 11.68
CA VAL A 349 58.76 -23.88 10.63
C VAL A 349 58.72 -24.88 9.50
N GLN A 350 59.90 -25.24 8.97
CA GLN A 350 59.96 -26.11 7.81
C GLN A 350 59.06 -27.34 7.98
N LYS A 351 59.11 -27.93 9.16
CA LYS A 351 58.45 -29.20 9.40
C LYS A 351 56.94 -29.02 9.66
N GLU A 352 56.53 -27.87 10.17
CA GLU A 352 55.12 -27.69 10.60
C GLU A 352 54.31 -27.07 9.51
N PHE A 353 54.96 -26.40 8.57
CA PHE A 353 54.27 -25.64 7.54
C PHE A 353 53.40 -26.57 6.71
N ILE A 354 52.17 -26.14 6.43
CA ILE A 354 51.25 -27.00 5.65
C ILE A 354 50.96 -26.36 4.31
N ILE A 355 51.37 -27.07 3.26
CA ILE A 355 51.14 -26.67 1.91
C ILE A 355 49.65 -26.69 1.64
N PHE A 356 49.17 -25.62 1.01
CA PHE A 356 47.80 -25.56 0.54
C PHE A 356 47.79 -25.32 -0.92
N ASN A 357 46.89 -26.00 -1.60
CA ASN A 357 46.73 -25.84 -3.06
C ASN A 357 45.27 -26.01 -3.44
N ARG A 358 44.61 -24.91 -3.83
CA ARG A 358 43.18 -24.96 -4.09
C ARG A 358 42.85 -25.72 -5.38
N GLU A 359 43.69 -25.62 -6.39
CA GLU A 359 43.53 -26.43 -7.62
C GLU A 359 43.34 -27.90 -7.22
N LYS A 360 44.27 -28.41 -6.42
CA LYS A 360 44.17 -29.78 -5.90
C LYS A 360 42.88 -29.99 -5.12
N VAL A 361 42.49 -29.04 -4.29
CA VAL A 361 41.25 -29.24 -3.54
C VAL A 361 40.08 -29.31 -4.52
N ASN A 362 40.18 -28.56 -5.63
CA ASN A 362 39.10 -28.50 -6.62
C ASN A 362 39.04 -29.84 -7.44
N ARG A 363 40.12 -30.16 -8.17
CA ARG A 363 40.29 -31.51 -8.76
C ARG A 363 39.78 -32.67 -7.88
N ASP A 364 40.20 -32.72 -6.63
CA ASP A 364 39.84 -33.83 -5.72
C ASP A 364 38.42 -33.65 -5.12
N PHE A 365 37.70 -32.64 -5.59
CA PHE A 365 36.28 -32.51 -5.29
C PHE A 365 35.46 -33.17 -6.42
N ASN A 366 36.04 -33.17 -7.62
CA ASN A 366 35.39 -33.78 -8.76
C ASN A 366 35.93 -35.22 -8.93
N LYS A 367 35.80 -36.02 -7.88
CA LYS A 367 36.36 -37.36 -7.85
C LYS A 367 35.73 -38.18 -6.74
N GLU B 8 -10.14 19.15 -24.05
CA GLU B 8 -10.73 19.05 -25.42
C GLU B 8 -12.25 19.25 -25.36
N ASN B 9 -12.82 19.80 -26.44
CA ASN B 9 -14.27 19.96 -26.56
C ASN B 9 -14.87 18.95 -27.57
N GLU B 10 -14.46 17.69 -27.45
CA GLU B 10 -14.94 16.63 -28.35
C GLU B 10 -16.22 15.96 -27.80
N ASP B 11 -17.18 15.69 -28.69
CA ASP B 11 -18.45 15.10 -28.30
C ASP B 11 -18.32 13.60 -28.02
N VAL B 12 -18.87 13.16 -26.89
CA VAL B 12 -18.92 11.76 -26.57
C VAL B 12 -20.13 11.10 -27.27
N ASN B 13 -19.89 10.03 -28.02
CA ASN B 13 -20.92 9.34 -28.77
C ASN B 13 -20.71 7.83 -28.71
N PHE B 14 -21.57 7.09 -29.38
CA PHE B 14 -21.65 5.66 -29.19
C PHE B 14 -20.31 4.97 -29.46
N ASP B 15 -19.49 5.55 -30.35
CA ASP B 15 -18.19 4.98 -30.69
C ASP B 15 -17.13 5.15 -29.58
N HIS B 16 -17.40 6.02 -28.61
CA HIS B 16 -16.51 6.17 -27.45
C HIS B 16 -16.61 5.04 -26.44
N PHE B 17 -17.40 4.02 -26.74
CA PHE B 17 -17.65 2.96 -25.77
C PHE B 17 -17.54 1.59 -26.37
N GLU B 18 -17.35 0.62 -25.49
CA GLU B 18 -17.37 -0.79 -25.85
C GLU B 18 -18.54 -1.44 -25.12
N ILE B 19 -19.39 -2.14 -25.85
CA ILE B 19 -20.58 -2.73 -25.26
C ILE B 19 -20.26 -4.08 -24.70
N LEU B 20 -20.63 -4.31 -23.45
CA LEU B 20 -20.47 -5.60 -22.80
C LEU B 20 -21.85 -6.20 -22.58
N ARG B 21 -21.96 -7.08 -21.61
CA ARG B 21 -23.18 -7.83 -21.35
C ARG B 21 -24.49 -6.95 -21.23
N ALA B 22 -25.60 -7.46 -21.77
CA ALA B 22 -26.91 -6.92 -21.48
C ALA B 22 -27.31 -7.30 -20.08
N ILE B 23 -27.96 -6.37 -19.37
CA ILE B 23 -28.35 -6.62 -17.97
C ILE B 23 -29.81 -6.37 -17.68
N GLY B 24 -30.52 -5.83 -18.64
CA GLY B 24 -31.93 -5.62 -18.46
C GLY B 24 -32.60 -5.25 -19.77
N LYS B 25 -33.91 -5.19 -19.73
CA LYS B 25 -34.71 -5.15 -20.91
C LYS B 25 -35.71 -4.05 -20.78
N GLY B 26 -36.15 -3.55 -21.93
CA GLY B 26 -37.20 -2.55 -22.00
C GLY B 26 -38.05 -2.78 -23.23
N SER B 27 -39.24 -2.19 -23.24
CA SER B 27 -40.08 -2.22 -24.42
C SER B 27 -39.44 -1.42 -25.58
N PHE B 28 -38.59 -0.44 -25.25
CA PHE B 28 -37.96 0.43 -26.28
C PHE B 28 -36.49 0.15 -26.48
N GLY B 29 -35.95 -0.85 -25.77
CA GLY B 29 -34.56 -1.24 -25.91
C GLY B 29 -33.94 -1.77 -24.61
N LYS B 30 -32.72 -2.24 -24.72
CA LYS B 30 -32.08 -2.90 -23.62
C LYS B 30 -31.28 -1.89 -22.70
N VAL B 31 -30.91 -2.39 -21.51
CA VAL B 31 -29.85 -1.78 -20.74
C VAL B 31 -28.58 -2.69 -20.78
N CYS B 32 -27.44 -2.06 -20.97
CA CYS B 32 -26.14 -2.75 -21.21
C CYS B 32 -25.10 -2.23 -20.26
N ILE B 33 -24.09 -3.04 -19.97
CA ILE B 33 -22.86 -2.53 -19.36
C ILE B 33 -21.95 -2.07 -20.48
N VAL B 34 -21.40 -0.88 -20.36
CA VAL B 34 -20.46 -0.32 -21.34
C VAL B 34 -19.19 0.11 -20.63
N GLN B 35 -18.08 0.10 -21.37
CA GLN B 35 -16.80 0.63 -20.90
C GLN B 35 -16.40 1.77 -21.80
N LYS B 36 -16.12 2.91 -21.20
CA LYS B 36 -15.58 4.05 -21.96
C LYS B 36 -14.11 3.78 -22.38
N ASN B 37 -13.85 3.84 -23.68
CA ASN B 37 -12.56 3.43 -24.22
C ASN B 37 -11.40 4.14 -23.54
N ASP B 38 -11.48 5.46 -23.40
CA ASP B 38 -10.35 6.23 -22.95
C ASP B 38 -10.04 6.05 -21.46
N THR B 39 -11.04 6.24 -20.60
CA THR B 39 -10.85 6.14 -19.13
C THR B 39 -11.02 4.70 -18.61
N LYS B 40 -11.57 3.83 -19.44
CA LYS B 40 -11.80 2.43 -19.04
C LYS B 40 -12.86 2.26 -17.90
N LYS B 41 -13.52 3.36 -17.57
CA LYS B 41 -14.56 3.37 -16.57
C LYS B 41 -15.87 2.70 -17.12
N MET B 42 -16.52 1.93 -16.29
CA MET B 42 -17.71 1.18 -16.67
C MET B 42 -19.00 1.91 -16.25
N TYR B 43 -20.01 1.82 -17.11
CA TYR B 43 -21.28 2.48 -16.88
C TYR B 43 -22.41 1.56 -17.29
N ALA B 44 -23.63 1.94 -16.94
CA ALA B 44 -24.84 1.34 -17.53
C ALA B 44 -25.37 2.25 -18.64
N MET B 45 -25.74 1.66 -19.76
CA MET B 45 -26.28 2.42 -20.89
C MET B 45 -27.68 1.91 -21.30
N LYS B 46 -28.60 2.84 -21.41
CA LYS B 46 -29.96 2.55 -21.81
C LYS B 46 -30.14 2.98 -23.28
N TYR B 47 -30.60 2.03 -24.12
CA TYR B 47 -30.88 2.26 -25.57
C TYR B 47 -32.29 2.60 -25.64
N MET B 48 -32.63 3.54 -26.48
CA MET B 48 -34.01 3.72 -26.84
C MET B 48 -34.14 3.86 -28.36
N ASN B 49 -34.86 2.89 -28.96
CA ASN B 49 -35.01 2.82 -30.40
C ASN B 49 -35.85 3.98 -30.88
N LYS B 50 -35.30 4.76 -31.79
CA LYS B 50 -35.97 5.98 -32.22
C LYS B 50 -37.31 5.65 -32.92
N GLN B 51 -37.29 4.69 -33.82
CA GLN B 51 -38.49 4.36 -34.58
C GLN B 51 -39.63 3.89 -33.67
N LYS B 52 -39.34 2.98 -32.73
CA LYS B 52 -40.36 2.53 -31.75
C LYS B 52 -40.89 3.68 -30.93
N CYS B 53 -40.00 4.58 -30.51
CA CYS B 53 -40.38 5.74 -29.71
C CYS B 53 -41.31 6.66 -30.43
N VAL B 54 -41.11 6.84 -31.72
CA VAL B 54 -41.97 7.70 -32.50
C VAL B 54 -43.33 7.04 -32.68
N GLU B 55 -43.31 5.76 -33.01
CA GLU B 55 -44.53 5.01 -33.30
C GLU B 55 -45.41 4.91 -32.08
N ARG B 56 -44.78 4.80 -30.92
CA ARG B 56 -45.52 4.66 -29.70
C ARG B 56 -45.57 5.93 -28.90
N ASN B 57 -45.21 7.03 -29.55
CA ASN B 57 -45.30 8.35 -28.95
C ASN B 57 -44.55 8.49 -27.56
N GLU B 58 -43.37 7.90 -27.48
CA GLU B 58 -42.53 7.97 -26.29
C GLU B 58 -41.40 9.03 -26.33
N VAL B 59 -41.18 9.63 -27.48
CA VAL B 59 -40.15 10.60 -27.61
C VAL B 59 -40.33 11.70 -26.58
N ARG B 60 -41.57 12.13 -26.38
CA ARG B 60 -41.86 13.16 -25.38
C ARG B 60 -41.20 12.79 -24.08
N ASN B 61 -41.44 11.55 -23.67
CA ASN B 61 -41.10 11.08 -22.35
C ASN B 61 -39.63 10.77 -22.21
N VAL B 62 -38.98 10.46 -23.29
CA VAL B 62 -37.54 10.27 -23.24
C VAL B 62 -36.86 11.63 -23.05
N PHE B 63 -37.32 12.65 -23.79
CA PHE B 63 -36.80 14.00 -23.61
C PHE B 63 -37.03 14.54 -22.19
N LYS B 64 -38.21 14.32 -21.64
CA LYS B 64 -38.52 14.79 -20.29
C LYS B 64 -37.60 14.11 -19.27
N GLU B 65 -37.42 12.81 -19.42
CA GLU B 65 -36.53 12.12 -18.53
C GLU B 65 -35.09 12.64 -18.62
N LEU B 66 -34.58 12.85 -19.83
CA LEU B 66 -33.26 13.38 -19.99
C LEU B 66 -33.14 14.75 -19.35
N GLN B 67 -34.15 15.59 -19.55
CA GLN B 67 -34.10 16.95 -19.03
CA GLN B 67 -34.07 16.95 -19.03
C GLN B 67 -34.11 16.93 -17.50
N ILE B 68 -34.86 16.01 -16.93
CA ILE B 68 -34.87 15.89 -15.50
C ILE B 68 -33.53 15.39 -14.97
N MET B 69 -33.02 14.31 -15.53
CA MET B 69 -31.75 13.75 -15.11
C MET B 69 -30.57 14.76 -15.21
N GLN B 70 -30.55 15.61 -16.23
CA GLN B 70 -29.49 16.59 -16.40
C GLN B 70 -29.34 17.45 -15.16
N GLY B 71 -30.44 17.76 -14.53
CA GLY B 71 -30.40 18.72 -13.45
C GLY B 71 -30.33 18.08 -12.08
N LEU B 72 -30.04 16.77 -12.04
CA LEU B 72 -29.93 16.05 -10.77
C LEU B 72 -28.54 15.44 -10.56
N GLU B 73 -28.03 15.54 -9.32
CA GLU B 73 -26.86 14.75 -8.91
C GLU B 73 -26.90 14.52 -7.41
N HIS B 74 -26.79 13.26 -7.02
CA HIS B 74 -26.92 12.90 -5.62
C HIS B 74 -26.34 11.53 -5.38
N PRO B 75 -25.73 11.32 -4.21
CA PRO B 75 -25.05 10.03 -3.97
C PRO B 75 -25.96 8.83 -3.99
N PHE B 76 -27.24 9.01 -3.66
CA PHE B 76 -28.19 7.89 -3.66
C PHE B 76 -29.19 7.93 -4.85
N LEU B 77 -28.74 8.54 -5.96
CA LEU B 77 -29.38 8.38 -7.24
C LEU B 77 -28.46 7.68 -8.18
N VAL B 78 -29.02 7.01 -9.15
CA VAL B 78 -28.28 6.56 -10.28
C VAL B 78 -28.22 7.75 -11.27
N ASN B 79 -27.07 8.42 -11.29
CA ASN B 79 -26.90 9.69 -11.99
C ASN B 79 -26.59 9.55 -13.46
N LEU B 80 -27.00 10.54 -14.24
CA LEU B 80 -26.71 10.59 -15.68
C LEU B 80 -25.32 11.18 -15.91
N TRP B 81 -24.57 10.58 -16.83
CA TRP B 81 -23.27 11.11 -17.23
C TRP B 81 -23.21 11.58 -18.65
N TYR B 82 -23.77 10.80 -19.57
CA TYR B 82 -23.76 11.21 -20.99
C TYR B 82 -25.06 10.89 -21.63
N SER B 83 -25.46 11.72 -22.58
CA SER B 83 -26.49 11.35 -23.55
C SER B 83 -26.01 11.67 -24.92
N PHE B 84 -26.41 10.82 -25.87
CA PHE B 84 -26.09 11.03 -27.25
C PHE B 84 -27.03 10.21 -28.10
N GLN B 85 -26.92 10.36 -29.42
CA GLN B 85 -27.78 9.62 -30.35
C GLN B 85 -26.98 9.11 -31.56
N ASP B 86 -27.49 8.09 -32.22
CA ASP B 86 -27.10 7.82 -33.59
C ASP B 86 -28.37 7.71 -34.41
N GLU B 87 -28.29 7.12 -35.60
CA GLU B 87 -29.44 7.07 -36.51
C GLU B 87 -30.60 6.24 -36.02
N GLU B 88 -30.32 5.25 -35.20
CA GLU B 88 -31.35 4.30 -34.77
C GLU B 88 -31.78 4.47 -33.35
N ASP B 89 -30.91 5.02 -32.51
CA ASP B 89 -31.14 4.98 -31.05
C ASP B 89 -30.78 6.27 -30.38
N MET B 90 -31.47 6.56 -29.29
CA MET B 90 -31.02 7.54 -28.34
C MET B 90 -30.40 6.79 -27.19
N PHE B 91 -29.38 7.37 -26.56
CA PHE B 91 -28.63 6.69 -25.48
C PHE B 91 -28.54 7.52 -24.25
N MET B 92 -28.66 6.83 -23.11
CA MET B 92 -28.50 7.41 -21.79
C MET B 92 -27.41 6.61 -21.07
N VAL B 93 -26.32 7.28 -20.65
CA VAL B 93 -25.26 6.58 -19.93
C VAL B 93 -25.15 7.06 -18.52
N VAL B 94 -25.30 6.15 -17.59
CA VAL B 94 -25.52 6.46 -16.18
C VAL B 94 -24.62 5.57 -15.27
N ASP B 95 -24.65 5.84 -13.95
CA ASP B 95 -23.83 5.07 -12.99
C ASP B 95 -24.16 3.59 -13.13
N LEU B 96 -23.11 2.74 -13.08
CA LEU B 96 -23.29 1.29 -13.01
C LEU B 96 -23.33 0.87 -11.56
N LEU B 97 -24.40 0.21 -11.19
CA LEU B 97 -24.58 -0.27 -9.79
C LEU B 97 -24.45 -1.78 -9.75
N LEU B 98 -23.28 -2.25 -9.28
CA LEU B 98 -22.83 -3.62 -9.54
C LEU B 98 -23.60 -4.62 -8.71
N GLY B 99 -24.26 -4.15 -7.68
CA GLY B 99 -25.01 -5.05 -6.79
C GLY B 99 -26.39 -5.45 -7.29
N GLY B 100 -26.85 -4.77 -8.32
CA GLY B 100 -28.16 -5.09 -8.89
C GLY B 100 -29.32 -4.58 -8.04
N ASP B 101 -30.52 -4.99 -8.42
CA ASP B 101 -31.74 -4.46 -7.84
C ASP B 101 -32.12 -5.24 -6.58
N LEU B 102 -32.92 -4.61 -5.72
CA LEU B 102 -33.43 -5.28 -4.50
C LEU B 102 -34.44 -6.38 -4.79
N ARG B 103 -35.19 -6.24 -5.87
CA ARG B 103 -36.16 -7.28 -6.24
C ARG B 103 -35.45 -8.58 -6.35
N TYR B 104 -34.27 -8.58 -6.98
CA TYR B 104 -33.56 -9.87 -7.18
C TYR B 104 -33.41 -10.61 -5.85
N HIS B 105 -32.95 -9.90 -4.83
CA HIS B 105 -32.70 -10.53 -3.55
C HIS B 105 -33.99 -10.99 -2.91
N LEU B 106 -35.06 -10.21 -3.02
CA LEU B 106 -36.39 -10.66 -2.53
C LEU B 106 -36.83 -11.94 -3.20
N GLN B 107 -36.50 -12.08 -4.48
CA GLN B 107 -36.83 -13.28 -5.24
C GLN B 107 -35.97 -14.47 -4.82
N GLN B 108 -34.81 -14.23 -4.20
CA GLN B 108 -34.00 -15.31 -3.60
C GLN B 108 -34.48 -15.64 -2.18
N ASN B 109 -35.62 -15.08 -1.80
CA ASN B 109 -36.19 -15.24 -0.44
C ASN B 109 -35.32 -14.69 0.70
N VAL B 110 -34.46 -13.71 0.37
CA VAL B 110 -33.71 -12.97 1.37
C VAL B 110 -34.69 -12.10 2.17
N HIS B 111 -34.56 -12.16 3.49
CA HIS B 111 -35.22 -11.19 4.37
C HIS B 111 -34.13 -10.33 5.00
N PHE B 112 -34.27 -9.02 4.90
CA PHE B 112 -33.23 -8.09 5.31
C PHE B 112 -33.36 -7.78 6.78
N LYS B 113 -32.20 -7.61 7.45
CA LYS B 113 -32.17 -7.29 8.88
C LYS B 113 -32.69 -5.92 9.14
N GLU B 114 -33.32 -5.75 10.28
CA GLU B 114 -33.98 -4.51 10.62
C GLU B 114 -33.01 -3.31 10.52
N GLU B 115 -31.78 -3.50 10.96
CA GLU B 115 -30.80 -2.41 10.99
C GLU B 115 -30.33 -2.04 9.57
N THR B 116 -30.18 -3.05 8.73
CA THR B 116 -29.90 -2.80 7.34
C THR B 116 -31.01 -1.98 6.69
N VAL B 117 -32.27 -2.33 6.96
CA VAL B 117 -33.39 -1.60 6.36
C VAL B 117 -33.44 -0.18 6.91
N LYS B 118 -33.18 -0.02 8.20
CA LYS B 118 -33.11 1.33 8.79
C LYS B 118 -32.15 2.22 8.00
N LEU B 119 -31.01 1.66 7.64
CA LEU B 119 -29.98 2.44 6.98
C LEU B 119 -30.33 2.69 5.54
N PHE B 120 -30.92 1.69 4.87
CA PHE B 120 -31.55 1.92 3.55
C PHE B 120 -32.48 3.11 3.60
N ILE B 121 -33.36 3.14 4.61
CA ILE B 121 -34.32 4.21 4.69
C ILE B 121 -33.60 5.55 4.81
N CYS B 122 -32.52 5.58 5.58
CA CYS B 122 -31.77 6.82 5.76
C CYS B 122 -31.23 7.37 4.43
N GLU B 123 -30.66 6.48 3.63
CA GLU B 123 -30.06 6.88 2.38
C GLU B 123 -31.13 7.34 1.35
N LEU B 124 -32.25 6.64 1.28
CA LEU B 124 -33.26 6.94 0.29
C LEU B 124 -34.01 8.18 0.67
N VAL B 125 -34.11 8.43 1.94
CA VAL B 125 -34.83 9.59 2.44
C VAL B 125 -34.05 10.87 2.16
N MET B 126 -32.72 10.75 2.03
CA MET B 126 -31.90 11.87 1.64
C MET B 126 -32.10 12.11 0.15
N ALA B 127 -32.17 11.03 -0.62
CA ALA B 127 -32.43 11.14 -2.04
C ALA B 127 -33.83 11.77 -2.29
N LEU B 128 -34.82 11.30 -1.56
CA LEU B 128 -36.18 11.80 -1.76
C LEU B 128 -36.30 13.24 -1.41
N ASP B 129 -35.66 13.63 -0.32
CA ASP B 129 -35.66 15.02 0.09
C ASP B 129 -34.97 15.91 -0.92
N TYR B 130 -33.87 15.43 -1.47
CA TYR B 130 -33.22 16.15 -2.53
C TYR B 130 -34.13 16.25 -3.79
N LEU B 131 -34.80 15.16 -4.15
CA LEU B 131 -35.70 15.21 -5.31
C LEU B 131 -36.75 16.29 -5.10
N GLN B 132 -37.31 16.31 -3.90
CA GLN B 132 -38.37 17.26 -3.57
C GLN B 132 -37.89 18.70 -3.62
N ASN B 133 -36.67 18.96 -3.18
CA ASN B 133 -36.12 20.28 -3.27
C ASN B 133 -35.84 20.69 -4.70
N GLN B 134 -35.64 19.70 -5.57
CA GLN B 134 -35.54 19.94 -7.04
C GLN B 134 -36.93 19.88 -7.76
N ARG B 135 -38.02 19.76 -6.98
CA ARG B 135 -39.40 19.74 -7.49
C ARG B 135 -39.74 18.48 -8.28
N ILE B 136 -39.10 17.37 -7.98
CA ILE B 136 -39.32 16.11 -8.71
C ILE B 136 -40.06 15.08 -7.84
N ILE B 137 -41.09 14.45 -8.40
CA ILE B 137 -41.68 13.24 -7.86
C ILE B 137 -41.22 12.11 -8.75
N HIS B 138 -40.80 11.00 -8.17
CA HIS B 138 -40.31 9.86 -8.92
C HIS B 138 -41.45 8.97 -9.41
N ARG B 139 -42.37 8.66 -8.51
CA ARG B 139 -43.61 7.88 -8.80
C ARG B 139 -43.45 6.38 -9.00
N ASP B 140 -42.22 5.88 -8.96
CA ASP B 140 -42.02 4.44 -9.14
C ASP B 140 -40.94 3.89 -8.21
N MET B 141 -41.03 4.25 -6.95
CA MET B 141 -40.17 3.65 -5.95
C MET B 141 -40.63 2.25 -5.62
N LYS B 142 -39.72 1.30 -5.75
CA LYS B 142 -39.99 -0.10 -5.47
C LYS B 142 -38.69 -0.91 -5.64
N PRO B 143 -38.67 -2.13 -5.10
CA PRO B 143 -37.43 -2.89 -5.10
C PRO B 143 -36.81 -3.02 -6.47
N ASP B 144 -37.65 -3.03 -7.53
CA ASP B 144 -37.14 -3.27 -8.87
C ASP B 144 -36.32 -2.09 -9.31
N ASN B 145 -36.58 -0.95 -8.68
CA ASN B 145 -35.97 0.32 -9.08
C ASN B 145 -34.96 0.89 -8.11
N ILE B 146 -34.55 0.08 -7.13
CA ILE B 146 -33.54 0.48 -6.19
C ILE B 146 -32.34 -0.44 -6.29
N LEU B 147 -31.19 0.13 -6.62
CA LEU B 147 -30.02 -0.67 -6.96
C LEU B 147 -28.94 -0.49 -5.91
N LEU B 148 -28.16 -1.57 -5.72
CA LEU B 148 -27.07 -1.59 -4.74
C LEU B 148 -25.73 -1.37 -5.45
N ASP B 149 -24.84 -0.63 -4.82
CA ASP B 149 -23.44 -0.70 -5.20
C ASP B 149 -22.77 -1.87 -4.53
N GLU B 150 -21.47 -1.94 -4.70
CA GLU B 150 -20.71 -3.05 -4.22
C GLU B 150 -20.55 -3.06 -2.69
N HIS B 151 -20.88 -1.94 -2.03
CA HIS B 151 -20.78 -1.85 -0.56
C HIS B 151 -22.11 -1.95 0.11
N GLY B 152 -23.16 -2.16 -0.67
CA GLY B 152 -24.49 -2.30 -0.13
C GLY B 152 -25.29 -1.02 0.06
N HIS B 153 -24.86 0.08 -0.56
CA HIS B 153 -25.64 1.32 -0.52
C HIS B 153 -26.70 1.27 -1.58
N VAL B 154 -27.85 1.91 -1.31
CA VAL B 154 -29.01 1.83 -2.17
C VAL B 154 -29.19 3.11 -2.98
N HIS B 155 -29.73 2.97 -4.19
CA HIS B 155 -29.79 4.07 -5.17
C HIS B 155 -31.07 4.01 -5.97
N ILE B 156 -31.69 5.17 -6.21
CA ILE B 156 -32.89 5.27 -6.99
C ILE B 156 -32.60 5.42 -8.52
N THR B 157 -33.23 4.56 -9.32
CA THR B 157 -33.14 4.69 -10.73
C THR B 157 -34.48 4.63 -11.40
N ASP B 158 -34.47 4.61 -12.74
CA ASP B 158 -35.68 4.54 -13.62
C ASP B 158 -36.67 5.68 -13.39
N PHE B 159 -36.35 6.83 -13.94
CA PHE B 159 -37.15 8.01 -13.83
C PHE B 159 -38.15 8.12 -14.99
N ASN B 160 -38.67 7.00 -15.45
CA ASN B 160 -39.53 6.98 -16.64
C ASN B 160 -40.83 7.79 -16.45
N ILE B 161 -41.41 7.74 -15.25
CA ILE B 161 -42.59 8.48 -14.99
C ILE B 161 -42.44 9.55 -13.97
N ALA B 162 -41.23 10.02 -13.77
CA ALA B 162 -41.02 11.12 -12.86
C ALA B 162 -41.58 12.42 -13.43
N ALA B 163 -42.05 13.30 -12.56
CA ALA B 163 -42.65 14.56 -13.00
C ALA B 163 -42.02 15.72 -12.25
N MET B 164 -41.92 16.85 -12.95
CA MET B 164 -41.59 18.10 -12.35
C MET B 164 -42.88 18.71 -11.87
N LEU B 165 -42.93 19.07 -10.59
CA LEU B 165 -44.15 19.64 -9.98
C LEU B 165 -43.91 21.11 -9.59
N PRO B 166 -44.36 22.05 -10.42
CA PRO B 166 -44.14 23.47 -10.10
C PRO B 166 -44.80 23.87 -8.80
N ARG B 167 -44.24 24.89 -8.16
CA ARG B 167 -44.76 25.34 -6.86
C ARG B 167 -46.19 25.76 -6.97
N GLU B 168 -46.97 25.48 -5.93
CA GLU B 168 -48.39 25.82 -5.90
C GLU B 168 -49.12 25.26 -7.12
N THR B 169 -48.77 24.04 -7.50
CA THR B 169 -49.57 23.28 -8.44
C THR B 169 -49.82 21.92 -7.86
N GLN B 170 -50.76 21.21 -8.46
CA GLN B 170 -51.16 19.86 -8.04
CA GLN B 170 -50.96 19.83 -8.06
C GLN B 170 -51.04 18.91 -9.25
N ILE B 171 -50.95 17.62 -8.96
CA ILE B 171 -50.92 16.63 -9.99
C ILE B 171 -51.98 15.60 -9.66
N THR B 172 -52.75 15.21 -10.67
CA THR B 172 -53.83 14.23 -10.47
C THR B 172 -53.58 12.91 -11.21
N THR B 173 -52.80 12.95 -12.28
CA THR B 173 -52.77 11.84 -13.22
C THR B 173 -52.33 10.59 -12.56
N MET B 174 -52.99 9.51 -12.89
CA MET B 174 -52.75 8.22 -12.28
C MET B 174 -51.57 7.60 -12.98
N ALA B 175 -50.42 7.54 -12.32
CA ALA B 175 -49.27 6.82 -12.89
C ALA B 175 -48.46 6.25 -11.76
N GLY B 176 -48.12 4.95 -11.85
CA GLY B 176 -47.33 4.29 -10.80
C GLY B 176 -47.50 2.78 -10.83
N THR B 177 -46.80 2.08 -9.96
CA THR B 177 -47.05 0.65 -9.76
C THR B 177 -48.04 0.47 -8.58
N LYS B 178 -49.18 -0.14 -8.86
CA LYS B 178 -50.37 0.02 -8.03
C LYS B 178 -50.21 -0.45 -6.58
N PRO B 179 -49.49 -1.55 -6.36
CA PRO B 179 -49.32 -1.98 -4.96
C PRO B 179 -48.39 -1.08 -4.15
N TYR B 180 -47.72 -0.13 -4.81
CA TYR B 180 -46.86 0.82 -4.14
C TYR B 180 -47.42 2.22 -4.11
N MET B 181 -48.61 2.42 -4.72
CA MET B 181 -49.16 3.76 -4.87
C MET B 181 -49.99 4.17 -3.61
N ALA B 182 -49.90 5.46 -3.26
CA ALA B 182 -50.47 5.98 -2.01
C ALA B 182 -51.99 6.17 -2.17
N PRO B 183 -52.72 6.09 -1.06
CA PRO B 183 -54.17 6.19 -1.09
C PRO B 183 -54.66 7.47 -1.75
N GLU B 184 -53.95 8.57 -1.57
CA GLU B 184 -54.41 9.87 -2.11
C GLU B 184 -54.35 9.88 -3.62
N MET B 185 -53.69 8.90 -4.22
CA MET B 185 -53.59 8.82 -5.68
C MET B 185 -54.87 8.25 -6.28
N PHE B 186 -55.67 7.57 -5.46
CA PHE B 186 -56.91 6.93 -5.92
C PHE B 186 -58.16 7.68 -5.57
N SER B 187 -58.10 8.66 -4.68
CA SER B 187 -59.32 9.41 -4.30
CA SER B 187 -59.33 9.37 -4.32
C SER B 187 -59.89 10.11 -5.54
N SER B 188 -61.20 9.91 -5.76
CA SER B 188 -61.90 10.51 -6.90
C SER B 188 -62.70 11.76 -6.47
N ARG B 189 -62.40 12.28 -5.27
CA ARG B 189 -62.93 13.59 -4.85
C ARG B 189 -62.41 14.69 -5.80
N LYS B 190 -63.34 15.46 -6.35
CA LYS B 190 -63.01 16.46 -7.39
C LYS B 190 -61.97 17.47 -6.89
N GLY B 191 -62.10 17.89 -5.63
CA GLY B 191 -61.06 18.70 -4.95
C GLY B 191 -59.97 17.85 -4.31
N ALA B 192 -58.90 17.60 -5.06
CA ALA B 192 -57.88 16.62 -4.66
C ALA B 192 -56.58 16.78 -5.45
N GLY B 193 -55.71 15.78 -5.33
CA GLY B 193 -54.44 15.74 -6.04
C GLY B 193 -53.44 15.01 -5.20
N TYR B 194 -52.21 14.87 -5.69
CA TYR B 194 -51.13 14.35 -4.84
C TYR B 194 -49.83 15.09 -5.07
N SER B 195 -48.84 14.77 -4.25
CA SER B 195 -47.56 15.48 -4.24
C SER B 195 -46.43 14.56 -3.87
N PHE B 196 -45.34 15.16 -3.38
CA PHE B 196 -44.09 14.41 -3.10
C PHE B 196 -44.29 13.31 -2.06
N ALA B 197 -45.28 13.46 -1.21
CA ALA B 197 -45.51 12.52 -0.16
C ALA B 197 -45.74 11.09 -0.67
N VAL B 198 -46.16 10.95 -1.93
CA VAL B 198 -46.42 9.61 -2.47
C VAL B 198 -45.14 8.77 -2.56
N ASP B 199 -44.01 9.41 -2.81
CA ASP B 199 -42.73 8.69 -2.84
C ASP B 199 -42.35 8.17 -1.45
N TRP B 200 -42.89 8.78 -0.40
CA TRP B 200 -42.54 8.38 0.97
C TRP B 200 -43.37 7.23 1.42
N TRP B 201 -44.62 7.19 0.94
CA TRP B 201 -45.48 6.02 1.09
C TRP B 201 -44.87 4.81 0.43
N SER B 202 -44.47 4.94 -0.83
CA SER B 202 -43.97 3.76 -1.56
C SER B 202 -42.69 3.25 -0.96
N LEU B 203 -41.91 4.15 -0.37
CA LEU B 203 -40.70 3.76 0.38
C LEU B 203 -41.06 2.96 1.61
N GLY B 204 -42.09 3.42 2.30
CA GLY B 204 -42.71 2.61 3.34
C GLY B 204 -43.04 1.22 2.87
N VAL B 205 -43.76 1.10 1.78
CA VAL B 205 -44.20 -0.21 1.32
C VAL B 205 -42.98 -1.06 1.03
N THR B 206 -41.96 -0.44 0.43
CA THR B 206 -40.74 -1.14 0.08
C THR B 206 -39.99 -1.60 1.30
N ALA B 207 -39.86 -0.71 2.30
CA ALA B 207 -39.14 -1.07 3.53
C ALA B 207 -39.85 -2.22 4.21
N TYR B 208 -41.18 -2.09 4.35
CA TYR B 208 -42.03 -3.17 4.93
C TYR B 208 -41.79 -4.46 4.16
N GLU B 209 -41.75 -4.36 2.84
CA GLU B 209 -41.53 -5.53 1.98
C GLU B 209 -40.18 -6.16 2.19
N LEU B 210 -39.13 -5.33 2.31
CA LEU B 210 -37.78 -5.85 2.53
C LEU B 210 -37.68 -6.61 3.87
N LEU B 211 -38.38 -6.16 4.89
CA LEU B 211 -38.35 -6.86 6.18
C LEU B 211 -39.13 -8.16 6.11
N ARG B 212 -40.37 -8.10 5.61
CA ARG B 212 -41.32 -9.24 5.72
C ARG B 212 -41.22 -10.28 4.59
N GLY B 213 -40.76 -9.85 3.43
CA GLY B 213 -40.77 -10.72 2.25
C GLY B 213 -42.11 -10.71 1.54
N ARG B 214 -43.03 -9.86 2.02
CA ARG B 214 -44.20 -9.55 1.26
C ARG B 214 -44.69 -8.16 1.58
N ARG B 215 -45.62 -7.65 0.77
CA ARG B 215 -46.09 -6.27 0.87
CA ARG B 215 -46.07 -6.27 0.88
C ARG B 215 -47.20 -6.14 1.94
N PRO B 216 -47.46 -4.92 2.40
CA PRO B 216 -48.43 -4.73 3.50
C PRO B 216 -49.87 -4.80 3.08
N TYR B 217 -50.13 -4.52 1.81
CA TYR B 217 -51.49 -4.64 1.27
C TYR B 217 -51.50 -5.62 0.12
N HIS B 218 -52.57 -6.41 -0.01
CA HIS B 218 -52.83 -7.17 -1.23
CA HIS B 218 -52.80 -7.14 -1.24
C HIS B 218 -53.42 -6.25 -2.26
N ILE B 219 -52.65 -5.92 -3.27
CA ILE B 219 -53.07 -5.12 -4.38
C ILE B 219 -52.33 -5.65 -5.60
N ARG B 220 -53.02 -5.78 -6.71
CA ARG B 220 -52.39 -6.20 -7.93
C ARG B 220 -52.52 -5.15 -9.02
N SER B 221 -51.82 -5.37 -10.12
CA SER B 221 -51.90 -4.49 -11.25
C SER B 221 -53.28 -4.54 -11.91
N SER B 222 -53.99 -5.63 -11.76
CA SER B 222 -55.33 -5.74 -12.30
C SER B 222 -56.47 -5.14 -11.38
N THR B 223 -56.15 -4.75 -10.15
CA THR B 223 -57.21 -4.45 -9.14
C THR B 223 -57.90 -3.14 -9.40
N SER B 224 -59.22 -3.16 -9.34
CA SER B 224 -60.01 -1.97 -9.62
C SER B 224 -59.63 -0.90 -8.66
N SER B 225 -59.67 0.34 -9.13
CA SER B 225 -59.45 1.47 -8.28
C SER B 225 -60.34 1.42 -7.05
N LYS B 226 -61.59 1.02 -7.24
CA LYS B 226 -62.54 0.92 -6.11
C LYS B 226 -62.15 -0.13 -5.07
N GLU B 227 -61.66 -1.28 -5.48
CA GLU B 227 -61.16 -2.25 -4.51
C GLU B 227 -59.92 -1.73 -3.76
N ILE B 228 -59.11 -0.92 -4.43
CA ILE B 228 -57.87 -0.44 -3.82
C ILE B 228 -58.24 0.53 -2.68
N VAL B 229 -59.15 1.44 -2.98
CA VAL B 229 -59.64 2.40 -2.00
C VAL B 229 -60.23 1.67 -0.80
N HIS B 230 -61.07 0.68 -1.07
CA HIS B 230 -61.60 -0.18 -0.02
C HIS B 230 -60.52 -0.85 0.82
N THR B 231 -59.50 -1.39 0.18
CA THR B 231 -58.41 -2.06 0.91
C THR B 231 -57.69 -1.12 1.89
N PHE B 232 -57.40 0.12 1.47
CA PHE B 232 -56.73 1.11 2.36
C PHE B 232 -57.59 1.55 3.54
N GLU B 233 -58.89 1.59 3.35
CA GLU B 233 -59.81 2.03 4.40
C GLU B 233 -60.18 0.91 5.37
N THR B 234 -60.10 -0.36 4.96
CA THR B 234 -60.54 -1.49 5.80
C THR B 234 -59.41 -2.39 6.32
N THR B 235 -58.26 -2.36 5.68
CA THR B 235 -57.11 -3.19 6.12
C THR B 235 -56.33 -2.55 7.26
N VAL B 236 -56.08 -3.32 8.31
CA VAL B 236 -55.07 -2.94 9.29
C VAL B 236 -53.83 -3.70 9.00
N VAL B 237 -52.73 -2.99 8.87
CA VAL B 237 -51.52 -3.60 8.41
C VAL B 237 -50.98 -4.45 9.56
N THR B 238 -50.63 -5.69 9.26
CA THR B 238 -49.98 -6.58 10.23
C THR B 238 -48.54 -6.11 10.50
N TYR B 239 -48.16 -5.97 11.78
CA TYR B 239 -46.73 -5.72 12.11
C TYR B 239 -46.17 -6.84 13.01
N PRO B 240 -45.48 -7.81 12.42
CA PRO B 240 -44.96 -8.96 13.15
C PRO B 240 -44.37 -8.53 14.48
N SER B 241 -44.70 -9.25 15.55
CA SER B 241 -44.32 -8.83 16.91
C SER B 241 -42.80 -8.96 17.18
N ALA B 242 -42.08 -9.61 16.28
CA ALA B 242 -40.63 -9.77 16.44
C ALA B 242 -39.88 -8.49 16.05
N TRP B 243 -40.49 -7.68 15.19
CA TRP B 243 -39.88 -6.39 14.80
C TRP B 243 -39.91 -5.48 15.95
N SER B 244 -38.88 -4.64 16.05
CA SER B 244 -38.79 -3.70 17.13
C SER B 244 -39.90 -2.68 17.01
N GLN B 245 -40.33 -2.14 18.16
CA GLN B 245 -41.38 -1.10 18.18
C GLN B 245 -40.94 0.18 17.52
N GLU B 246 -39.63 0.37 17.38
CA GLU B 246 -39.11 1.57 16.83
C GLU B 246 -39.19 1.52 15.31
N MET B 247 -38.84 0.38 14.74
CA MET B 247 -38.98 0.18 13.30
C MET B 247 -40.48 0.13 12.93
N VAL B 248 -41.26 -0.68 13.66
CA VAL B 248 -42.73 -0.67 13.51
C VAL B 248 -43.25 0.77 13.44
N SER B 249 -42.86 1.61 14.39
CA SER B 249 -43.45 2.94 14.43
C SER B 249 -42.85 3.92 13.37
N LEU B 250 -41.68 3.62 12.83
CA LEU B 250 -41.16 4.37 11.65
C LEU B 250 -41.99 4.02 10.41
N LEU B 251 -42.12 2.72 10.15
CA LEU B 251 -42.98 2.24 9.09
C LEU B 251 -44.38 2.88 9.10
N LYS B 252 -45.02 2.93 10.26
CA LYS B 252 -46.35 3.52 10.37
C LYS B 252 -46.40 4.99 9.98
N LYS B 253 -45.30 5.70 10.16
CA LYS B 253 -45.28 7.12 9.80
C LYS B 253 -45.07 7.30 8.31
N LEU B 254 -44.47 6.30 7.66
CA LEU B 254 -44.30 6.32 6.21
C LEU B 254 -45.58 5.82 5.52
N LEU B 255 -46.23 4.83 6.13
CA LEU B 255 -47.49 4.29 5.64
C LEU B 255 -48.71 4.98 6.27
N GLU B 256 -48.65 6.28 6.49
CA GLU B 256 -49.87 7.06 6.90
C GLU B 256 -50.76 7.30 5.70
N PRO B 257 -52.01 6.84 5.77
CA PRO B 257 -52.93 7.07 4.65
C PRO B 257 -53.19 8.55 4.34
N ASN B 258 -53.09 9.41 5.37
CA ASN B 258 -53.24 10.85 5.15
C ASN B 258 -51.91 11.51 4.91
N PRO B 259 -51.65 11.93 3.67
CA PRO B 259 -50.34 12.47 3.30
C PRO B 259 -49.89 13.68 4.14
N ASP B 260 -50.87 14.43 4.69
CA ASP B 260 -50.59 15.53 5.62
C ASP B 260 -50.05 15.09 6.99
N GLN B 261 -50.19 13.80 7.32
CA GLN B 261 -49.65 13.23 8.56
C GLN B 261 -48.41 12.40 8.30
N ARG B 262 -48.13 12.15 7.04
CA ARG B 262 -47.06 11.21 6.67
C ARG B 262 -45.69 11.93 6.69
N PHE B 263 -44.62 11.18 6.99
CA PHE B 263 -43.28 11.71 6.83
C PHE B 263 -43.05 12.01 5.35
N SER B 264 -42.59 13.22 5.06
CA SER B 264 -42.50 13.67 3.68
C SER B 264 -41.35 14.65 3.48
N GLN B 265 -40.25 14.41 4.22
CA GLN B 265 -39.21 15.38 4.37
C GLN B 265 -38.08 14.84 5.19
N LEU B 266 -36.86 15.15 4.82
CA LEU B 266 -35.71 14.68 5.60
C LEU B 266 -35.79 15.05 7.09
N SER B 267 -36.27 16.25 7.41
CA SER B 267 -36.29 16.68 8.82
C SER B 267 -37.11 15.73 9.68
N ASP B 268 -38.26 15.27 9.15
CA ASP B 268 -39.18 14.39 9.91
C ASP B 268 -38.47 13.12 10.34
N VAL B 269 -37.57 12.62 9.49
CA VAL B 269 -36.82 11.41 9.79
C VAL B 269 -35.67 11.74 10.74
N GLN B 270 -35.06 12.91 10.54
CA GLN B 270 -33.95 13.37 11.37
C GLN B 270 -34.35 13.58 12.81
N ASN B 271 -35.53 14.16 13.03
CA ASN B 271 -36.05 14.38 14.38
C ASN B 271 -36.74 13.14 14.99
N PHE B 272 -36.63 12.00 14.34
CA PHE B 272 -37.32 10.86 14.84
C PHE B 272 -36.42 10.07 15.79
N PRO B 273 -36.89 9.86 17.02
CA PRO B 273 -36.03 9.27 18.06
C PRO B 273 -35.26 7.97 17.67
N TYR B 274 -35.90 7.09 16.94
CA TYR B 274 -35.20 5.92 16.41
C TYR B 274 -33.94 6.36 15.61
N MET B 275 -33.94 7.59 15.09
CA MET B 275 -32.85 8.03 14.23
C MET B 275 -31.81 8.85 14.97
N ASN B 276 -31.91 8.92 16.29
CA ASN B 276 -31.07 9.81 17.08
C ASN B 276 -29.62 9.39 17.13
N ASP B 277 -29.32 8.18 16.67
CA ASP B 277 -27.95 7.70 16.61
C ASP B 277 -27.31 7.79 15.18
N ILE B 278 -27.99 8.48 14.25
CA ILE B 278 -27.58 8.59 12.85
C ILE B 278 -26.80 9.88 12.62
N ASN B 279 -25.53 9.73 12.22
CA ASN B 279 -24.69 10.81 11.71
C ASN B 279 -24.97 11.02 10.19
N TRP B 280 -25.70 12.09 9.87
CA TRP B 280 -26.24 12.24 8.54
C TRP B 280 -25.21 12.65 7.56
N ASP B 281 -24.14 13.27 8.04
CA ASP B 281 -23.00 13.58 7.17
C ASP B 281 -22.33 12.28 6.70
N ALA B 282 -22.29 11.28 7.58
CA ALA B 282 -21.64 10.00 7.26
C ALA B 282 -22.49 9.21 6.27
N VAL B 283 -23.79 9.32 6.43
CA VAL B 283 -24.74 8.77 5.45
C VAL B 283 -24.48 9.35 4.08
N PHE B 284 -24.62 10.67 3.95
CA PHE B 284 -24.39 11.35 2.65
C PHE B 284 -23.07 10.89 2.03
N GLN B 285 -22.01 10.78 2.85
CA GLN B 285 -20.67 10.51 2.33
C GLN B 285 -20.38 9.00 2.15
N LYS B 286 -21.43 8.19 2.24
CA LYS B 286 -21.32 6.72 2.09
C LYS B 286 -20.39 6.05 3.09
N ARG B 287 -20.38 6.58 4.31
CA ARG B 287 -19.56 6.01 5.36
C ARG B 287 -20.30 5.01 6.28
N LEU B 288 -21.62 5.02 6.22
CA LEU B 288 -22.41 3.98 6.91
C LEU B 288 -22.81 2.87 5.94
N ILE B 289 -22.02 1.80 5.89
CA ILE B 289 -22.38 0.60 5.15
C ILE B 289 -23.60 -0.04 5.80
N PRO B 290 -24.68 -0.25 5.02
CA PRO B 290 -25.93 -0.72 5.63
C PRO B 290 -25.87 -2.07 6.36
N GLY B 291 -25.23 -3.07 5.77
CA GLY B 291 -25.31 -4.41 6.31
C GLY B 291 -24.71 -5.45 5.38
N PHE B 292 -24.78 -6.74 5.79
CA PHE B 292 -24.31 -7.87 4.94
C PHE B 292 -25.19 -7.95 3.68
N ILE B 293 -24.58 -8.34 2.57
CA ILE B 293 -25.32 -8.50 1.33
C ILE B 293 -24.99 -9.85 0.69
N PRO B 294 -26.00 -10.70 0.47
CA PRO B 294 -25.68 -12.03 -0.04
C PRO B 294 -24.79 -11.96 -1.29
N ASN B 295 -24.01 -13.02 -1.52
CA ASN B 295 -23.02 -13.05 -2.59
C ASN B 295 -23.62 -12.80 -3.93
N LYS B 296 -24.79 -13.40 -4.13
CA LYS B 296 -25.34 -13.60 -5.44
C LYS B 296 -26.42 -12.54 -5.64
N GLY B 297 -26.12 -11.54 -6.48
CA GLY B 297 -27.11 -10.58 -6.95
C GLY B 297 -27.38 -10.72 -8.43
N ARG B 298 -28.21 -9.84 -9.00
CA ARG B 298 -28.70 -10.10 -10.36
C ARG B 298 -27.60 -10.26 -11.42
N LEU B 299 -26.54 -9.50 -11.30
CA LEU B 299 -25.37 -9.74 -12.09
C LEU B 299 -24.61 -10.90 -11.47
N ASN B 300 -24.62 -12.00 -12.15
CA ASN B 300 -23.81 -13.13 -11.75
C ASN B 300 -23.51 -13.88 -13.04
N CYS B 301 -22.43 -14.65 -13.09
CA CYS B 301 -22.14 -15.38 -14.30
C CYS B 301 -22.29 -16.86 -14.05
N ASP B 302 -23.25 -17.21 -13.19
CA ASP B 302 -23.76 -18.55 -13.10
C ASP B 302 -24.47 -18.87 -14.41
N PRO B 303 -24.02 -19.94 -15.09
CA PRO B 303 -24.60 -20.37 -16.37
C PRO B 303 -26.05 -20.78 -16.25
N THR B 304 -26.84 -20.44 -17.27
CA THR B 304 -28.23 -20.92 -17.40
C THR B 304 -28.43 -21.49 -18.80
N PHE B 305 -29.67 -21.85 -19.13
CA PHE B 305 -30.00 -22.43 -20.46
C PHE B 305 -30.59 -21.39 -21.41
N GLU B 306 -30.37 -20.12 -21.11
CA GLU B 306 -30.97 -19.05 -21.88
C GLU B 306 -30.35 -18.97 -23.25
N LEU B 307 -31.19 -19.07 -24.28
CA LEU B 307 -30.78 -18.90 -25.68
C LEU B 307 -29.98 -17.60 -25.84
N GLU B 308 -30.47 -16.53 -25.22
CA GLU B 308 -29.77 -15.23 -25.22
C GLU B 308 -28.33 -15.38 -24.67
N GLU B 309 -27.35 -15.10 -25.53
CA GLU B 309 -25.91 -15.10 -25.14
C GLU B 309 -25.36 -16.50 -24.73
N MET B 310 -25.87 -17.56 -25.38
CA MET B 310 -25.06 -18.78 -25.69
C MET B 310 -24.47 -18.60 -27.11
N ILE B 311 -24.19 -17.34 -27.46
CA ILE B 311 -23.74 -16.96 -28.80
C ILE B 311 -22.84 -15.70 -28.68
N LEU B 312 -22.10 -15.60 -27.58
CA LEU B 312 -21.32 -14.38 -27.28
C LEU B 312 -20.12 -14.23 -28.20
N GLU B 313 -19.67 -15.35 -28.79
CA GLU B 313 -18.54 -15.34 -29.75
C GLU B 313 -18.89 -14.54 -30.98
N SER B 314 -20.19 -14.50 -31.31
CA SER B 314 -20.67 -13.80 -32.50
C SER B 314 -20.69 -12.30 -32.28
N LYS B 315 -20.38 -11.55 -33.36
CA LYS B 315 -20.27 -10.09 -33.30
C LYS B 315 -20.99 -9.42 -34.48
N LYS B 326 -27.74 2.70 -45.40
CA LYS B 326 -26.37 3.05 -45.08
C LYS B 326 -26.15 4.59 -45.19
N LYS B 327 -25.75 5.06 -46.37
CA LYS B 327 -25.44 6.49 -46.58
C LYS B 327 -26.72 7.32 -46.83
N GLU B 328 -26.74 8.54 -46.29
CA GLU B 328 -27.97 9.38 -46.25
C GLU B 328 -28.52 9.67 -47.65
N LYS B 329 -27.69 10.33 -48.47
CA LYS B 329 -28.09 10.83 -49.79
C LYS B 329 -27.23 10.21 -50.90
N ASP B 330 -26.58 9.08 -50.59
CA ASP B 330 -25.97 8.22 -51.62
C ASP B 330 -27.06 7.34 -52.25
N MET B 331 -27.85 6.69 -51.39
CA MET B 331 -29.10 6.07 -51.79
C MET B 331 -30.27 6.90 -51.27
N ARG B 332 -31.37 6.95 -52.02
CA ARG B 332 -32.62 7.59 -51.56
C ARG B 332 -32.85 7.24 -50.11
N LYS B 333 -33.11 8.24 -49.30
CA LYS B 333 -33.41 8.00 -47.89
C LYS B 333 -34.87 7.63 -47.70
N CYS B 334 -35.58 7.38 -48.80
CA CYS B 334 -37.02 7.34 -48.76
C CYS B 334 -37.71 6.70 -49.99
N ASP B 335 -39.00 6.34 -49.84
CA ASP B 335 -39.67 5.38 -50.73
C ASP B 335 -41.14 5.67 -50.91
N SER B 336 -41.90 5.56 -49.83
CA SER B 336 -43.35 5.78 -49.85
C SER B 336 -43.67 7.03 -49.11
N SER B 337 -44.94 7.40 -49.09
CA SER B 337 -45.40 8.50 -48.28
C SER B 337 -45.23 8.20 -46.78
N GLN B 338 -45.34 6.93 -46.42
CA GLN B 338 -45.27 6.52 -45.01
C GLN B 338 -43.84 6.54 -44.48
N THR B 339 -42.88 6.07 -45.28
CA THR B 339 -41.52 6.04 -44.85
C THR B 339 -40.91 7.40 -44.95
N CYS B 340 -41.46 8.26 -45.80
CA CYS B 340 -41.03 9.68 -45.82
C CYS B 340 -41.53 10.43 -44.62
N LEU B 341 -42.75 10.16 -44.19
CA LEU B 341 -43.27 10.74 -42.95
C LEU B 341 -42.48 10.25 -41.76
N LEU B 342 -42.17 8.96 -41.73
CA LEU B 342 -41.32 8.43 -40.67
C LEU B 342 -40.01 9.14 -40.63
N GLN B 343 -39.42 9.41 -41.80
CA GLN B 343 -38.12 10.11 -41.86
C GLN B 343 -38.20 11.54 -41.46
N GLU B 344 -39.31 12.20 -41.72
CA GLU B 344 -39.52 13.56 -41.18
C GLU B 344 -39.51 13.56 -39.62
N HIS B 345 -40.14 12.55 -39.02
CA HIS B 345 -40.21 12.48 -37.56
C HIS B 345 -38.84 12.23 -37.01
N LEU B 346 -38.20 11.16 -37.47
CA LEU B 346 -36.83 10.89 -37.13
C LEU B 346 -35.94 12.15 -37.27
N ASP B 347 -35.99 12.80 -38.40
CA ASP B 347 -35.18 13.98 -38.59
C ASP B 347 -35.41 15.02 -37.51
N SER B 348 -36.65 15.17 -37.10
CA SER B 348 -36.96 16.16 -36.09
C SER B 348 -36.37 15.70 -34.74
N VAL B 349 -36.44 14.39 -34.48
CA VAL B 349 -35.82 13.85 -33.30
C VAL B 349 -34.32 14.22 -33.31
N GLN B 350 -33.64 13.92 -34.39
CA GLN B 350 -32.24 14.22 -34.57
C GLN B 350 -31.94 15.70 -34.25
N LYS B 351 -32.73 16.59 -34.79
CA LYS B 351 -32.45 18.02 -34.68
C LYS B 351 -32.73 18.55 -33.25
N GLU B 352 -33.69 17.95 -32.56
CA GLU B 352 -34.19 18.49 -31.28
CA GLU B 352 -34.16 18.53 -31.30
C GLU B 352 -33.43 17.91 -30.10
N PHE B 353 -32.79 16.77 -30.30
CA PHE B 353 -32.08 16.10 -29.25
C PHE B 353 -30.94 17.03 -28.70
N ILE B 354 -30.82 17.10 -27.38
CA ILE B 354 -29.75 17.90 -26.78
C ILE B 354 -28.75 16.98 -26.07
N ILE B 355 -27.53 17.03 -26.56
CA ILE B 355 -26.42 16.27 -25.98
C ILE B 355 -26.12 16.81 -24.59
N PHE B 356 -25.98 15.90 -23.63
CA PHE B 356 -25.56 16.25 -22.27
C PHE B 356 -24.30 15.53 -21.94
N ASN B 357 -23.39 16.25 -21.33
CA ASN B 357 -22.14 15.65 -20.87
C ASN B 357 -21.74 16.26 -19.52
N ARG B 358 -21.78 15.47 -18.47
CA ARG B 358 -21.46 15.98 -17.13
C ARG B 358 -19.96 16.28 -16.93
N GLU B 359 -19.08 15.48 -17.50
CA GLU B 359 -17.65 15.82 -17.50
C GLU B 359 -17.45 17.28 -17.96
N LYS B 360 -18.02 17.62 -19.13
CA LYS B 360 -17.93 18.99 -19.65
C LYS B 360 -18.57 19.99 -18.71
N VAL B 361 -19.67 19.65 -18.08
CA VAL B 361 -20.27 20.59 -17.16
C VAL B 361 -19.35 20.78 -15.96
N ASN B 362 -18.61 19.72 -15.60
CA ASN B 362 -17.69 19.76 -14.47
C ASN B 362 -16.43 20.62 -14.82
N ARG B 363 -15.65 20.18 -15.82
CA ARG B 363 -14.57 21.01 -16.41
C ARG B 363 -14.90 22.51 -16.55
N ASP B 364 -16.07 22.82 -17.11
CA ASP B 364 -16.47 24.22 -17.34
C ASP B 364 -17.07 24.87 -16.08
N PHE B 365 -17.00 24.17 -14.95
CA PHE B 365 -17.29 24.75 -13.65
C PHE B 365 -15.98 25.18 -12.99
N ASN B 366 -14.92 24.42 -13.24
CA ASN B 366 -13.58 24.76 -12.78
C ASN B 366 -12.93 25.84 -13.69
N LYS B 367 -13.31 27.10 -13.46
CA LYS B 367 -12.99 28.19 -14.37
C LYS B 367 -13.62 27.96 -15.73
N GLU C 8 -46.03 -43.09 -19.53
CA GLU C 8 -45.63 -42.55 -18.20
C GLU C 8 -44.80 -41.28 -18.38
N ASN C 9 -44.88 -40.38 -17.41
CA ASN C 9 -44.09 -39.13 -17.40
C ASN C 9 -42.97 -39.20 -16.34
N GLU C 10 -42.27 -40.34 -16.29
CA GLU C 10 -41.20 -40.54 -15.31
C GLU C 10 -39.85 -40.06 -15.86
N ASP C 11 -39.05 -39.43 -14.99
CA ASP C 11 -37.76 -38.86 -15.40
C ASP C 11 -36.68 -39.92 -15.49
N VAL C 12 -35.99 -39.96 -16.62
CA VAL C 12 -34.85 -40.85 -16.80
C VAL C 12 -33.62 -40.26 -16.09
N ASN C 13 -32.99 -41.04 -15.22
CA ASN C 13 -31.81 -40.59 -14.50
C ASN C 13 -30.75 -41.68 -14.45
N PHE C 14 -29.68 -41.43 -13.70
CA PHE C 14 -28.51 -42.31 -13.71
C PHE C 14 -28.87 -43.75 -13.27
N ASP C 15 -29.87 -43.88 -12.42
CA ASP C 15 -30.29 -45.20 -11.90
C ASP C 15 -31.04 -46.04 -12.95
N HIS C 16 -31.49 -45.42 -14.02
CA HIS C 16 -32.16 -46.16 -15.11
C HIS C 16 -31.16 -46.93 -15.98
N PHE C 17 -29.88 -46.88 -15.64
CA PHE C 17 -28.86 -47.49 -16.51
C PHE C 17 -27.90 -48.37 -15.77
N GLU C 18 -27.24 -49.22 -16.53
CA GLU C 18 -26.19 -50.07 -16.02
C GLU C 18 -24.91 -49.72 -16.72
N ILE C 19 -23.87 -49.40 -15.96
CA ILE C 19 -22.63 -48.93 -16.55
C ILE C 19 -21.76 -50.10 -16.95
N LEU C 20 -21.33 -50.09 -18.19
CA LEU C 20 -20.42 -51.11 -18.70
C LEU C 20 -19.08 -50.45 -18.98
N ARG C 21 -18.29 -51.05 -19.83
CA ARG C 21 -16.89 -50.65 -20.06
C ARG C 21 -16.71 -49.14 -20.37
N ALA C 22 -15.63 -48.55 -19.84
CA ALA C 22 -15.19 -47.21 -20.26
C ALA C 22 -14.58 -47.28 -21.63
N ILE C 23 -14.87 -46.29 -22.49
CA ILE C 23 -14.36 -46.30 -23.87
C ILE C 23 -13.60 -45.03 -24.27
N GLY C 24 -13.58 -44.05 -23.41
CA GLY C 24 -12.83 -42.87 -23.69
C GLY C 24 -12.74 -41.98 -22.49
N LYS C 25 -11.93 -40.94 -22.62
CA LYS C 25 -11.49 -40.16 -21.50
C LYS C 25 -11.69 -38.71 -21.82
N GLY C 26 -11.86 -37.93 -20.76
CA GLY C 26 -11.96 -36.49 -20.86
C GLY C 26 -11.31 -35.84 -19.66
N SER C 27 -10.97 -34.57 -19.80
CA SER C 27 -10.45 -33.79 -18.69
C SER C 27 -11.51 -33.61 -17.60
N PHE C 28 -12.80 -33.70 -17.98
CA PHE C 28 -13.92 -33.51 -17.01
C PHE C 28 -14.67 -34.79 -16.66
N GLY C 29 -14.22 -35.92 -17.20
CA GLY C 29 -14.82 -37.21 -16.90
C GLY C 29 -14.72 -38.16 -18.11
N LYS C 30 -15.19 -39.39 -17.90
CA LYS C 30 -15.04 -40.43 -18.90
C LYS C 30 -16.27 -40.50 -19.90
N VAL C 31 -16.08 -41.22 -20.99
CA VAL C 31 -17.19 -41.75 -21.75
C VAL C 31 -17.26 -43.28 -21.54
N CYS C 32 -18.47 -43.80 -21.31
CA CYS C 32 -18.73 -45.20 -20.95
CA CYS C 32 -18.60 -45.23 -21.17
C CYS C 32 -19.83 -45.76 -21.87
N ILE C 33 -19.89 -47.09 -21.97
CA ILE C 33 -21.05 -47.76 -22.55
C ILE C 33 -22.05 -48.00 -21.44
N VAL C 34 -23.30 -47.67 -21.68
CA VAL C 34 -24.37 -47.95 -20.74
C VAL C 34 -25.49 -48.78 -21.41
N GLN C 35 -26.20 -49.55 -20.60
CA GLN C 35 -27.42 -50.20 -21.02
C GLN C 35 -28.61 -49.69 -20.21
N LYS C 36 -29.65 -49.27 -20.91
CA LYS C 36 -30.87 -48.83 -20.27
C LYS C 36 -31.64 -50.04 -19.75
N ASN C 37 -31.91 -50.05 -18.44
CA ASN C 37 -32.43 -51.23 -17.77
C ASN C 37 -33.70 -51.74 -18.44
N ASP C 38 -34.64 -50.85 -18.74
CA ASP C 38 -35.96 -51.29 -19.20
C ASP C 38 -35.94 -51.83 -20.63
N THR C 39 -35.44 -51.03 -21.57
CA THR C 39 -35.43 -51.44 -23.00
C THR C 39 -34.21 -52.28 -23.36
N LYS C 40 -33.21 -52.30 -22.48
CA LYS C 40 -31.98 -53.06 -22.74
C LYS C 40 -31.14 -52.50 -23.91
N LYS C 41 -31.53 -51.32 -24.38
CA LYS C 41 -30.82 -50.64 -25.48
C LYS C 41 -29.51 -50.03 -24.95
N MET C 42 -28.47 -50.09 -25.75
CA MET C 42 -27.13 -49.62 -25.34
C MET C 42 -26.84 -48.21 -25.90
N TYR C 43 -26.11 -47.41 -25.11
CA TYR C 43 -25.79 -46.07 -25.48
C TYR C 43 -24.37 -45.73 -25.03
N ALA C 44 -23.87 -44.57 -25.50
CA ALA C 44 -22.67 -43.96 -24.94
C ALA C 44 -23.07 -42.84 -23.98
N MET C 45 -22.42 -42.80 -22.84
CA MET C 45 -22.71 -41.77 -21.86
C MET C 45 -21.45 -41.00 -21.53
N LYS C 46 -21.53 -39.69 -21.57
CA LYS C 46 -20.45 -38.82 -21.13
C LYS C 46 -20.72 -38.32 -19.71
N TYR C 47 -19.76 -38.52 -18.81
CA TYR C 47 -19.79 -37.93 -17.41
C TYR C 47 -19.12 -36.63 -17.49
N MET C 48 -19.62 -35.67 -16.75
CA MET C 48 -18.91 -34.43 -16.57
C MET C 48 -19.01 -34.02 -15.09
N ASN C 49 -17.87 -34.00 -14.42
CA ASN C 49 -17.81 -33.73 -13.00
C ASN C 49 -18.18 -32.27 -12.71
N LYS C 50 -19.19 -32.08 -11.88
CA LYS C 50 -19.71 -30.76 -11.62
C LYS C 50 -18.64 -29.86 -10.98
N GLN C 51 -17.91 -30.40 -9.99
CA GLN C 51 -16.94 -29.60 -9.25
C GLN C 51 -15.80 -29.12 -10.16
N LYS C 52 -15.28 -30.03 -10.99
CA LYS C 52 -14.23 -29.68 -11.96
C LYS C 52 -14.74 -28.65 -12.93
N CYS C 53 -15.98 -28.80 -13.36
CA CYS C 53 -16.56 -27.88 -14.32
C CYS C 53 -16.70 -26.50 -13.76
N VAL C 54 -17.08 -26.40 -12.50
CA VAL C 54 -17.21 -25.11 -11.86
C VAL C 54 -15.82 -24.47 -11.70
N GLU C 55 -14.86 -25.26 -11.25
CA GLU C 55 -13.54 -24.74 -10.96
C GLU C 55 -12.87 -24.25 -12.22
N ARG C 56 -13.12 -24.94 -13.32
CA ARG C 56 -12.45 -24.63 -14.55
C ARG C 56 -13.32 -23.84 -15.48
N ASN C 57 -14.44 -23.36 -14.96
CA ASN C 57 -15.36 -22.53 -15.72
C ASN C 57 -15.88 -23.22 -17.05
N GLU C 58 -16.22 -24.49 -16.96
CA GLU C 58 -16.76 -25.22 -18.10
C GLU C 58 -18.27 -25.39 -18.12
N VAL C 59 -18.93 -25.01 -17.02
CA VAL C 59 -20.36 -25.18 -16.92
C VAL C 59 -21.07 -24.46 -18.10
N ARG C 60 -20.67 -23.24 -18.42
CA ARG C 60 -21.24 -22.55 -19.58
C ARG C 60 -21.18 -23.46 -20.83
N ASN C 61 -20.05 -24.10 -21.02
CA ASN C 61 -19.84 -24.81 -22.27
C ASN C 61 -20.57 -26.12 -22.29
N VAL C 62 -20.76 -26.72 -21.13
CA VAL C 62 -21.55 -27.94 -21.06
C VAL C 62 -23.03 -27.62 -21.33
N PHE C 63 -23.54 -26.53 -20.74
CA PHE C 63 -24.89 -26.08 -21.06
C PHE C 63 -25.09 -25.72 -22.54
N LYS C 64 -24.14 -25.01 -23.12
CA LYS C 64 -24.24 -24.65 -24.54
C LYS C 64 -24.31 -25.91 -25.44
N GLU C 65 -23.45 -26.87 -25.16
CA GLU C 65 -23.42 -28.07 -25.92
C GLU C 65 -24.75 -28.83 -25.81
N LEU C 66 -25.27 -28.97 -24.59
CA LEU C 66 -26.56 -29.63 -24.38
C LEU C 66 -27.65 -28.91 -25.16
N GLN C 67 -27.66 -27.59 -25.09
CA GLN C 67 -28.69 -26.84 -25.75
C GLN C 67 -28.61 -27.01 -27.26
N ILE C 68 -27.40 -27.10 -27.81
CA ILE C 68 -27.25 -27.32 -29.21
C ILE C 68 -27.71 -28.73 -29.60
N MET C 69 -27.22 -29.74 -28.89
CA MET C 69 -27.57 -31.10 -29.17
C MET C 69 -29.08 -31.36 -29.10
N GLN C 70 -29.77 -30.69 -28.19
CA GLN C 70 -31.21 -30.88 -28.04
C GLN C 70 -31.98 -30.60 -29.32
N GLY C 71 -31.53 -29.63 -30.08
CA GLY C 71 -32.22 -29.21 -31.25
C GLY C 71 -31.70 -29.84 -32.54
N LEU C 72 -30.85 -30.88 -32.43
CA LEU C 72 -30.31 -31.57 -33.60
C LEU C 72 -30.73 -33.05 -33.66
N GLU C 73 -31.11 -33.51 -34.87
CA GLU C 73 -31.26 -34.96 -35.16
C GLU C 73 -31.00 -35.25 -36.63
N HIS C 74 -30.09 -36.18 -36.89
CA HIS C 74 -29.66 -36.48 -38.21
C HIS C 74 -29.00 -37.83 -38.21
N PRO C 75 -29.17 -38.59 -39.30
CA PRO C 75 -28.59 -39.92 -39.38
C PRO C 75 -27.05 -39.96 -39.35
N PHE C 76 -26.39 -38.87 -39.70
CA PHE C 76 -24.92 -38.85 -39.66
C PHE C 76 -24.35 -37.90 -38.57
N LEU C 77 -25.12 -37.78 -37.48
CA LEU C 77 -24.64 -37.23 -36.22
C LEU C 77 -24.76 -38.28 -35.17
N VAL C 78 -23.94 -38.17 -34.14
CA VAL C 78 -24.14 -38.89 -32.92
C VAL C 78 -25.12 -38.08 -32.08
N ASN C 79 -26.37 -38.55 -32.06
CA ASN C 79 -27.48 -37.79 -31.52
C ASN C 79 -27.62 -37.96 -30.01
N LEU C 80 -28.15 -36.93 -29.36
CA LEU C 80 -28.45 -36.94 -27.91
C LEU C 80 -29.78 -37.56 -27.65
N TRP C 81 -29.86 -38.45 -26.67
CA TRP C 81 -31.11 -39.02 -26.25
C TRP C 81 -31.56 -38.59 -24.87
N TYR C 82 -30.66 -38.61 -23.89
CA TYR C 82 -31.04 -38.18 -22.53
C TYR C 82 -29.98 -37.30 -21.94
N SER C 83 -30.41 -36.35 -21.13
CA SER C 83 -29.51 -35.69 -20.19
C SER C 83 -30.13 -35.69 -18.83
N PHE C 84 -29.28 -35.76 -17.82
CA PHE C 84 -29.69 -35.70 -16.45
C PHE C 84 -28.48 -35.41 -15.58
N GLN C 85 -28.71 -35.27 -14.29
CA GLN C 85 -27.62 -34.94 -13.34
C GLN C 85 -27.84 -35.72 -12.04
N ASP C 86 -26.78 -35.89 -11.27
CA ASP C 86 -26.90 -36.20 -9.87
C ASP C 86 -26.02 -35.19 -9.11
N GLU C 87 -25.67 -35.51 -7.87
CA GLU C 87 -24.92 -34.55 -7.04
C GLU C 87 -23.51 -34.25 -7.50
N GLU C 88 -22.90 -35.17 -8.25
CA GLU C 88 -21.49 -35.06 -8.62
C GLU C 88 -21.29 -34.81 -10.09
N ASP C 89 -22.23 -35.23 -10.91
CA ASP C 89 -22.00 -35.27 -12.32
C ASP C 89 -23.21 -34.80 -13.11
N MET C 90 -22.93 -34.22 -14.27
CA MET C 90 -23.89 -34.05 -15.31
C MET C 90 -23.65 -35.13 -16.32
N PHE C 91 -24.71 -35.59 -16.98
CA PHE C 91 -24.65 -36.73 -17.90
C PHE C 91 -25.32 -36.46 -19.23
N MET C 92 -24.69 -36.97 -20.27
CA MET C 92 -25.16 -36.87 -21.66
C MET C 92 -25.24 -38.29 -22.21
N VAL C 93 -26.40 -38.72 -22.66
CA VAL C 93 -26.52 -40.06 -23.20
C VAL C 93 -26.83 -39.98 -24.64
N VAL C 94 -25.97 -40.57 -25.45
CA VAL C 94 -26.01 -40.36 -26.89
C VAL C 94 -25.89 -41.72 -27.65
N ASP C 95 -26.05 -41.69 -28.97
CA ASP C 95 -25.96 -42.91 -29.79
C ASP C 95 -24.64 -43.61 -29.50
N LEU C 96 -24.67 -44.94 -29.41
CA LEU C 96 -23.41 -45.73 -29.33
C LEU C 96 -23.01 -46.14 -30.74
N LEU C 97 -21.79 -45.80 -31.11
CA LEU C 97 -21.25 -46.15 -32.43
C LEU C 97 -20.19 -47.22 -32.26
N LEU C 98 -20.54 -48.45 -32.61
CA LEU C 98 -19.79 -49.62 -32.18
C LEU C 98 -18.50 -49.78 -32.98
N GLY C 99 -18.39 -49.10 -34.11
CA GLY C 99 -17.20 -49.20 -34.96
C GLY C 99 -16.03 -48.34 -34.51
N GLY C 100 -16.28 -47.44 -33.56
CA GLY C 100 -15.22 -46.58 -33.05
C GLY C 100 -14.86 -45.48 -34.00
N ASP C 101 -13.79 -44.76 -33.66
CA ASP C 101 -13.38 -43.59 -34.39
C ASP C 101 -12.47 -43.95 -35.57
N LEU C 102 -12.42 -43.04 -36.53
CA LEU C 102 -11.52 -43.22 -37.68
C LEU C 102 -10.02 -43.15 -37.30
N ARG C 103 -9.68 -42.32 -36.30
CA ARG C 103 -8.28 -42.20 -35.88
C ARG C 103 -7.76 -43.56 -35.59
N TYR C 104 -8.51 -44.37 -34.86
CA TYR C 104 -8.00 -45.70 -34.50
C TYR C 104 -7.48 -46.49 -35.73
N HIS C 105 -8.25 -46.47 -36.80
CA HIS C 105 -7.88 -47.21 -37.99
C HIS C 105 -6.65 -46.62 -38.64
N LEU C 106 -6.58 -45.29 -38.68
CA LEU C 106 -5.38 -44.62 -39.21
C LEU C 106 -4.16 -45.03 -38.42
N GLN C 107 -4.34 -45.18 -37.11
CA GLN C 107 -3.26 -45.64 -36.25
C GLN C 107 -2.86 -47.12 -36.47
N GLN C 108 -3.75 -47.92 -37.06
CA GLN C 108 -3.41 -49.28 -37.48
C GLN C 108 -2.80 -49.29 -38.90
N ASN C 109 -2.45 -48.09 -39.40
CA ASN C 109 -1.89 -47.91 -40.73
CA ASN C 109 -1.91 -47.90 -40.75
C ASN C 109 -2.85 -48.35 -41.88
N VAL C 110 -4.16 -48.33 -41.60
CA VAL C 110 -5.16 -48.56 -42.66
C VAL C 110 -5.16 -47.37 -43.60
N HIS C 111 -5.15 -47.64 -44.89
CA HIS C 111 -5.44 -46.61 -45.88
C HIS C 111 -6.73 -47.00 -46.54
N PHE C 112 -7.65 -46.04 -46.63
CA PHE C 112 -9.02 -46.32 -47.08
C PHE C 112 -9.12 -46.21 -48.58
N LYS C 113 -9.96 -47.05 -49.17
CA LYS C 113 -10.17 -47.02 -50.63
C LYS C 113 -10.86 -45.76 -51.06
N GLU C 114 -10.56 -45.34 -52.26
CA GLU C 114 -11.05 -44.10 -52.80
C GLU C 114 -12.57 -44.06 -52.73
N GLU C 115 -13.22 -45.16 -53.10
CA GLU C 115 -14.67 -45.19 -53.20
C GLU C 115 -15.35 -45.12 -51.80
N THR C 116 -14.74 -45.80 -50.86
CA THR C 116 -15.17 -45.69 -49.47
C THR C 116 -15.09 -44.23 -48.95
N VAL C 117 -14.01 -43.55 -49.26
CA VAL C 117 -13.86 -42.20 -48.84
C VAL C 117 -14.90 -41.32 -49.55
N LYS C 118 -15.10 -41.53 -50.84
CA LYS C 118 -16.16 -40.81 -51.59
C LYS C 118 -17.51 -40.90 -50.82
N LEU C 119 -17.85 -42.08 -50.37
CA LEU C 119 -19.13 -42.28 -49.73
C LEU C 119 -19.13 -41.69 -48.32
N PHE C 120 -17.99 -41.81 -47.58
CA PHE C 120 -17.80 -41.04 -46.36
C PHE C 120 -18.14 -39.58 -46.60
N ILE C 121 -17.51 -38.99 -47.64
CA ILE C 121 -17.73 -37.58 -47.89
C ILE C 121 -19.23 -37.29 -48.09
N CYS C 122 -19.92 -38.18 -48.79
CA CYS C 122 -21.33 -37.98 -49.07
C CYS C 122 -22.13 -37.92 -47.80
N GLU C 123 -21.85 -38.82 -46.89
CA GLU C 123 -22.61 -38.88 -45.66
C GLU C 123 -22.32 -37.66 -44.77
N LEU C 124 -21.06 -37.28 -44.64
CA LEU C 124 -20.70 -36.20 -43.78
C LEU C 124 -21.18 -34.89 -44.32
N VAL C 125 -21.24 -34.79 -45.65
CA VAL C 125 -21.64 -33.54 -46.30
C VAL C 125 -23.14 -33.27 -46.08
N MET C 126 -23.90 -34.35 -45.90
CA MET C 126 -25.30 -34.20 -45.59
C MET C 126 -25.40 -33.71 -44.15
N ALA C 127 -24.59 -34.27 -43.28
CA ALA C 127 -24.58 -33.81 -41.87
C ALA C 127 -24.19 -32.30 -41.81
N LEU C 128 -23.15 -31.92 -42.53
CA LEU C 128 -22.65 -30.56 -42.43
C LEU C 128 -23.67 -29.60 -42.94
N ASP C 129 -24.29 -29.96 -44.05
CA ASP C 129 -25.31 -29.14 -44.61
C ASP C 129 -26.48 -28.96 -43.67
N TYR C 130 -26.86 -30.03 -42.96
CA TYR C 130 -27.90 -29.96 -41.97
C TYR C 130 -27.49 -29.08 -40.80
N LEU C 131 -26.26 -29.22 -40.33
CA LEU C 131 -25.75 -28.33 -39.26
C LEU C 131 -25.88 -26.87 -39.69
N GLN C 132 -25.48 -26.58 -40.92
CA GLN C 132 -25.49 -25.20 -41.40
C GLN C 132 -26.87 -24.65 -41.49
N ASN C 133 -27.83 -25.46 -41.92
CA ASN C 133 -29.21 -25.03 -41.92
C ASN C 133 -29.76 -24.83 -40.50
N GLN C 134 -29.16 -25.49 -39.51
CA GLN C 134 -29.47 -25.26 -38.08
C GLN C 134 -28.57 -24.17 -37.43
N ARG C 135 -27.75 -23.49 -38.27
CA ARG C 135 -26.88 -22.40 -37.85
C ARG C 135 -25.77 -22.82 -36.92
N ILE C 136 -25.24 -24.04 -37.10
CA ILE C 136 -24.22 -24.57 -36.22
C ILE C 136 -22.93 -24.83 -37.01
N ILE C 137 -21.80 -24.37 -36.45
CA ILE C 137 -20.47 -24.76 -36.88
C ILE C 137 -19.94 -25.74 -35.86
N HIS C 138 -19.36 -26.83 -36.32
CA HIS C 138 -18.83 -27.84 -35.40
C HIS C 138 -17.44 -27.48 -34.87
N ARG C 139 -16.55 -27.07 -35.78
CA ARG C 139 -15.18 -26.57 -35.46
C ARG C 139 -14.17 -27.61 -35.02
N ASP C 140 -14.56 -28.88 -34.97
CA ASP C 140 -13.60 -29.91 -34.66
C ASP C 140 -13.84 -31.19 -35.47
N MET C 141 -14.00 -31.03 -36.77
CA MET C 141 -14.04 -32.21 -37.65
C MET C 141 -12.67 -32.79 -37.84
N LYS C 142 -12.52 -34.07 -37.56
CA LYS C 142 -11.28 -34.76 -37.70
C LYS C 142 -11.51 -36.24 -37.36
N PRO C 143 -10.60 -37.13 -37.76
CA PRO C 143 -10.81 -38.54 -37.57
C PRO C 143 -11.15 -38.95 -36.17
N ASP C 144 -10.62 -38.25 -35.17
CA ASP C 144 -10.85 -38.63 -33.76
C ASP C 144 -12.32 -38.42 -33.40
N ASN C 145 -12.99 -37.56 -34.17
CA ASN C 145 -14.36 -37.18 -33.85
C ASN C 145 -15.41 -37.75 -34.82
N ILE C 146 -15.00 -38.66 -35.69
CA ILE C 146 -15.93 -39.26 -36.67
C ILE C 146 -15.98 -40.74 -36.41
N LEU C 147 -17.16 -41.23 -36.04
CA LEU C 147 -17.32 -42.61 -35.55
C LEU C 147 -18.09 -43.42 -36.55
N LEU C 148 -17.82 -44.72 -36.55
CA LEU C 148 -18.43 -45.66 -37.42
C LEU C 148 -19.49 -46.47 -36.68
N ASP C 149 -20.58 -46.81 -37.36
CA ASP C 149 -21.44 -47.84 -36.87
C ASP C 149 -20.97 -49.18 -37.38
N GLU C 150 -21.75 -50.20 -37.11
CA GLU C 150 -21.35 -51.55 -37.41
C GLU C 150 -21.40 -51.86 -38.91
N HIS C 151 -22.03 -50.96 -39.70
CA HIS C 151 -22.09 -51.13 -41.17
C HIS C 151 -21.15 -50.22 -41.89
N GLY C 152 -20.32 -49.49 -41.16
CA GLY C 152 -19.31 -48.64 -41.78
C GLY C 152 -19.77 -47.24 -42.16
N HIS C 153 -20.93 -46.80 -41.66
CA HIS C 153 -21.36 -45.40 -41.88
C HIS C 153 -20.67 -44.53 -40.91
N VAL C 154 -20.44 -43.26 -41.29
CA VAL C 154 -19.65 -42.33 -40.50
C VAL C 154 -20.54 -41.25 -39.91
N HIS C 155 -20.15 -40.78 -38.71
CA HIS C 155 -21.01 -39.91 -37.85
C HIS C 155 -20.16 -38.89 -37.15
N ILE C 156 -20.66 -37.65 -37.10
CA ILE C 156 -19.99 -36.58 -36.36
C ILE C 156 -20.39 -36.57 -34.88
N THR C 157 -19.39 -36.53 -33.99
CA THR C 157 -19.62 -36.35 -32.58
C THR C 157 -18.71 -35.30 -31.99
N ASP C 158 -18.71 -35.22 -30.66
CA ASP C 158 -17.95 -34.20 -29.89
C ASP C 158 -18.20 -32.73 -30.34
N PHE C 159 -19.31 -32.20 -29.88
CA PHE C 159 -19.70 -30.83 -30.15
C PHE C 159 -19.18 -29.86 -29.08
N ASN C 160 -18.02 -30.13 -28.51
CA ASN C 160 -17.55 -29.36 -27.35
C ASN C 160 -17.23 -27.89 -27.71
N ILE C 161 -16.80 -27.62 -28.94
CA ILE C 161 -16.58 -26.25 -29.35
C ILE C 161 -17.46 -25.82 -30.51
N ALA C 162 -18.59 -26.47 -30.69
CA ALA C 162 -19.50 -26.03 -31.71
C ALA C 162 -20.15 -24.70 -31.30
N ALA C 163 -20.43 -23.85 -32.28
CA ALA C 163 -21.04 -22.54 -32.03
C ALA C 163 -22.32 -22.37 -32.84
N MET C 164 -23.27 -21.66 -32.26
CA MET C 164 -24.41 -21.19 -32.97
C MET C 164 -24.02 -19.85 -33.59
N LEU C 165 -24.15 -19.75 -34.90
CA LEU C 165 -23.79 -18.52 -35.61
C LEU C 165 -25.06 -17.84 -36.12
N PRO C 166 -25.52 -16.80 -35.42
CA PRO C 166 -26.70 -16.05 -35.90
C PRO C 166 -26.50 -15.46 -37.30
N ARG C 167 -27.61 -15.24 -38.00
CA ARG C 167 -27.56 -14.71 -39.37
C ARG C 167 -26.95 -13.31 -39.39
N GLU C 168 -26.19 -13.03 -40.44
CA GLU C 168 -25.52 -11.75 -40.56
C GLU C 168 -24.71 -11.43 -39.29
N THR C 169 -24.00 -12.44 -38.79
CA THR C 169 -22.94 -12.20 -37.81
C THR C 169 -21.72 -12.96 -38.24
N GLN C 170 -20.61 -12.62 -37.60
CA GLN C 170 -19.31 -13.21 -37.88
CA GLN C 170 -19.39 -13.37 -37.87
C GLN C 170 -18.70 -13.79 -36.59
N ILE C 171 -17.80 -14.75 -36.74
CA ILE C 171 -17.10 -15.29 -35.63
C ILE C 171 -15.59 -15.16 -35.89
N THR C 172 -14.85 -14.74 -34.87
CA THR C 172 -13.40 -14.55 -35.02
C THR C 172 -12.58 -15.49 -34.11
N THR C 173 -13.19 -15.99 -33.04
CA THR C 173 -12.41 -16.63 -32.00
C THR C 173 -11.72 -17.87 -32.48
N MET C 174 -10.47 -18.01 -32.08
CA MET C 174 -9.63 -19.07 -32.52
C MET C 174 -9.92 -20.30 -31.69
N ALA C 175 -10.60 -21.28 -32.28
CA ALA C 175 -10.86 -22.51 -31.60
C ALA C 175 -10.92 -23.64 -32.62
N GLY C 176 -10.12 -24.70 -32.40
CA GLY C 176 -10.08 -25.82 -33.30
C GLY C 176 -8.86 -26.68 -33.11
N THR C 177 -8.77 -27.77 -33.85
CA THR C 177 -7.51 -28.54 -33.91
C THR C 177 -6.64 -28.03 -35.10
N LYS C 178 -5.46 -27.51 -34.80
CA LYS C 178 -4.76 -26.61 -35.74
C LYS C 178 -4.47 -27.20 -37.11
N PRO C 179 -4.08 -28.47 -37.19
CA PRO C 179 -3.78 -29.02 -38.52
C PRO C 179 -5.04 -29.23 -39.38
N TYR C 180 -6.22 -29.08 -38.76
CA TYR C 180 -7.49 -29.19 -39.48
C TYR C 180 -8.19 -27.83 -39.71
N MET C 181 -7.58 -26.73 -39.24
CA MET C 181 -8.24 -25.43 -39.21
C MET C 181 -7.97 -24.69 -40.51
N ALA C 182 -8.99 -23.98 -41.02
CA ALA C 182 -8.91 -23.38 -42.35
C ALA C 182 -8.10 -22.08 -42.29
N PRO C 183 -7.53 -21.69 -43.44
CA PRO C 183 -6.64 -20.53 -43.48
C PRO C 183 -7.32 -19.27 -42.98
N GLU C 184 -8.60 -19.11 -43.26
CA GLU C 184 -9.29 -17.89 -42.90
C GLU C 184 -9.43 -17.74 -41.38
N MET C 185 -9.21 -18.84 -40.65
CA MET C 185 -9.23 -18.79 -39.19
C MET C 185 -7.99 -18.07 -38.61
N PHE C 186 -6.89 -18.01 -39.38
CA PHE C 186 -5.62 -17.44 -38.90
C PHE C 186 -5.37 -16.04 -39.39
N SER C 187 -6.10 -15.57 -40.40
CA SER C 187 -5.87 -14.20 -40.92
CA SER C 187 -5.83 -14.22 -40.90
C SER C 187 -6.09 -13.17 -39.80
N SER C 188 -5.10 -12.30 -39.61
CA SER C 188 -5.16 -11.26 -38.58
C SER C 188 -5.57 -9.91 -39.19
N ARG C 189 -6.11 -9.92 -40.42
CA ARG C 189 -6.72 -8.72 -40.99
C ARG C 189 -7.95 -8.30 -40.19
N LYS C 190 -7.96 -7.04 -39.75
CA LYS C 190 -8.97 -6.55 -38.82
C LYS C 190 -10.40 -6.73 -39.36
N GLY C 191 -10.57 -6.50 -40.66
CA GLY C 191 -11.82 -6.84 -41.37
C GLY C 191 -11.83 -8.28 -41.85
N ALA C 192 -12.39 -9.17 -41.02
CA ALA C 192 -12.28 -10.62 -41.26
C ALA C 192 -13.28 -11.40 -40.42
N GLY C 193 -13.08 -12.71 -40.37
CA GLY C 193 -13.92 -13.63 -39.62
C GLY C 193 -14.01 -14.95 -40.38
N TYR C 194 -14.70 -15.93 -39.81
CA TYR C 194 -14.97 -17.16 -40.53
C TYR C 194 -16.39 -17.63 -40.32
N SER C 195 -16.77 -18.69 -41.05
CA SER C 195 -18.14 -19.19 -41.03
C SER C 195 -18.18 -20.71 -41.20
N PHE C 196 -19.33 -21.22 -41.62
CA PHE C 196 -19.55 -22.67 -41.82
C PHE C 196 -18.52 -23.34 -42.74
N ALA C 197 -17.98 -22.59 -43.70
CA ALA C 197 -17.00 -23.18 -44.64
C ALA C 197 -15.81 -23.90 -43.94
N VAL C 198 -15.49 -23.52 -42.71
CA VAL C 198 -14.31 -24.08 -42.06
C VAL C 198 -14.51 -25.58 -41.80
N ASP C 199 -15.75 -25.98 -41.55
CA ASP C 199 -16.05 -27.39 -41.39
C ASP C 199 -15.83 -28.17 -42.70
N TRP C 200 -15.93 -27.49 -43.83
CA TRP C 200 -15.75 -28.18 -45.14
C TRP C 200 -14.26 -28.34 -45.47
N TRP C 201 -13.45 -27.34 -45.10
CA TRP C 201 -11.99 -27.49 -45.13
C TRP C 201 -11.53 -28.67 -44.32
N SER C 202 -11.97 -28.76 -43.06
CA SER C 202 -11.47 -29.80 -42.18
C SER C 202 -11.88 -31.14 -42.68
N LEU C 203 -13.09 -31.21 -43.27
CA LEU C 203 -13.52 -32.47 -43.89
C LEU C 203 -12.58 -32.84 -45.05
N GLY C 204 -12.22 -31.82 -45.84
CA GLY C 204 -11.18 -31.92 -46.82
C GLY C 204 -9.91 -32.47 -46.26
N VAL C 205 -9.37 -31.83 -45.21
CA VAL C 205 -8.16 -32.32 -44.59
C VAL C 205 -8.33 -33.79 -44.17
N THR C 206 -9.46 -34.10 -43.54
CA THR C 206 -9.74 -35.44 -43.04
C THR C 206 -9.76 -36.43 -44.15
N ALA C 207 -10.48 -36.05 -45.22
CA ALA C 207 -10.70 -36.96 -46.35
C ALA C 207 -9.33 -37.31 -46.98
N TYR C 208 -8.49 -36.28 -47.17
CA TYR C 208 -7.10 -36.45 -47.67
C TYR C 208 -6.36 -37.41 -46.79
N GLU C 209 -6.53 -37.26 -45.49
CA GLU C 209 -5.74 -37.97 -44.55
C GLU C 209 -6.11 -39.46 -44.58
N LEU C 210 -7.35 -39.77 -44.91
CA LEU C 210 -7.82 -41.17 -44.87
C LEU C 210 -7.32 -41.90 -46.09
N LEU C 211 -7.19 -41.18 -47.18
CA LEU C 211 -6.59 -41.75 -48.36
C LEU C 211 -5.08 -41.93 -48.17
N ARG C 212 -4.41 -40.87 -47.69
CA ARG C 212 -2.93 -40.86 -47.73
C ARG C 212 -2.27 -41.49 -46.52
N GLY C 213 -2.95 -41.51 -45.38
CA GLY C 213 -2.35 -41.99 -44.15
C GLY C 213 -1.56 -40.89 -43.44
N ARG C 214 -1.44 -39.73 -44.09
CA ARG C 214 -1.00 -38.49 -43.41
C ARG C 214 -1.76 -37.26 -43.93
N ARG C 215 -1.56 -36.12 -43.24
CA ARG C 215 -2.26 -34.87 -43.54
CA ARG C 215 -2.27 -34.89 -43.54
C ARG C 215 -1.61 -34.12 -44.70
N PRO C 216 -2.36 -33.24 -45.34
CA PRO C 216 -1.83 -32.53 -46.48
C PRO C 216 -0.89 -31.39 -46.15
N TYR C 217 -1.05 -30.78 -44.96
CA TYR C 217 -0.11 -29.76 -44.46
C TYR C 217 0.58 -30.22 -43.14
N HIS C 218 1.86 -29.93 -42.99
CA HIS C 218 2.57 -30.15 -41.72
CA HIS C 218 2.56 -30.16 -41.74
C HIS C 218 2.26 -29.03 -40.78
N ILE C 219 1.38 -29.30 -39.82
CA ILE C 219 1.04 -28.31 -38.79
C ILE C 219 0.92 -29.06 -37.49
N ARG C 220 1.52 -28.52 -36.45
CA ARG C 220 1.37 -29.10 -35.15
C ARG C 220 0.63 -28.17 -34.22
N SER C 221 0.24 -28.70 -33.08
CA SER C 221 -0.44 -27.94 -32.10
C SER C 221 0.44 -26.86 -31.48
N SER C 222 1.75 -26.95 -31.69
CA SER C 222 2.70 -25.99 -31.13
C SER C 222 3.07 -24.89 -32.17
N THR C 223 2.68 -25.08 -33.43
CA THR C 223 3.15 -24.21 -34.49
C THR C 223 2.54 -22.84 -34.39
N SER C 224 3.35 -21.83 -34.65
CA SER C 224 2.91 -20.44 -34.56
C SER C 224 1.93 -20.14 -35.67
N SER C 225 1.03 -19.20 -35.39
CA SER C 225 0.05 -18.77 -36.35
C SER C 225 0.72 -18.24 -37.60
N LYS C 226 1.87 -17.63 -37.45
CA LYS C 226 2.59 -17.05 -38.59
C LYS C 226 3.17 -18.12 -39.50
N GLU C 227 3.73 -19.18 -38.92
CA GLU C 227 4.18 -20.30 -39.74
C GLU C 227 3.02 -20.91 -40.51
N ILE C 228 1.90 -21.07 -39.83
CA ILE C 228 0.72 -21.68 -40.44
C ILE C 228 0.27 -20.86 -41.65
N VAL C 229 0.13 -19.54 -41.46
CA VAL C 229 -0.33 -18.69 -42.53
C VAL C 229 0.57 -18.83 -43.75
N HIS C 230 1.87 -18.85 -43.51
CA HIS C 230 2.90 -19.02 -44.56
C HIS C 230 2.90 -20.41 -45.18
N THR C 231 2.59 -21.42 -44.39
CA THR C 231 2.49 -22.79 -44.90
C THR C 231 1.32 -22.95 -45.88
N PHE C 232 0.18 -22.32 -45.56
CA PHE C 232 -0.98 -22.35 -46.46
C PHE C 232 -0.70 -21.55 -47.73
N GLU C 233 0.18 -20.56 -47.60
CA GLU C 233 0.41 -19.61 -48.67
C GLU C 233 1.54 -20.01 -49.62
N THR C 234 2.41 -20.93 -49.17
CA THR C 234 3.55 -21.36 -49.99
C THR C 234 3.58 -22.86 -50.30
N THR C 235 2.92 -23.68 -49.48
CA THR C 235 2.81 -25.11 -49.82
C THR C 235 1.78 -25.35 -50.92
N VAL C 236 2.20 -25.99 -52.00
CA VAL C 236 1.26 -26.71 -52.87
C VAL C 236 1.13 -28.11 -52.31
N VAL C 237 -0.11 -28.60 -52.27
CA VAL C 237 -0.41 -29.89 -51.66
C VAL C 237 -0.12 -31.01 -52.66
N THR C 238 0.45 -32.11 -52.18
CA THR C 238 0.70 -33.23 -53.06
C THR C 238 -0.56 -34.09 -53.20
N TYR C 239 -0.99 -34.30 -54.43
CA TYR C 239 -1.98 -35.32 -54.73
C TYR C 239 -1.32 -36.45 -55.51
N PRO C 240 -1.06 -37.58 -54.85
CA PRO C 240 -0.36 -38.72 -55.47
C PRO C 240 -1.04 -39.15 -56.76
N SER C 241 -0.25 -39.60 -57.74
CA SER C 241 -0.78 -39.83 -59.08
C SER C 241 -1.67 -41.08 -59.16
N ALA C 242 -1.51 -42.00 -58.22
CA ALA C 242 -2.38 -43.19 -58.14
C ALA C 242 -3.88 -42.84 -57.97
N TRP C 243 -4.15 -41.63 -57.51
CA TRP C 243 -5.56 -41.20 -57.19
C TRP C 243 -6.24 -40.76 -58.43
N SER C 244 -7.54 -41.00 -58.49
CA SER C 244 -8.31 -40.58 -59.66
C SER C 244 -8.37 -39.06 -59.73
N GLN C 245 -8.47 -38.54 -60.95
CA GLN C 245 -8.59 -37.11 -61.16
C GLN C 245 -9.87 -36.58 -60.54
N GLU C 246 -10.88 -37.43 -60.43
CA GLU C 246 -12.15 -37.00 -59.93
C GLU C 246 -12.02 -36.70 -58.43
N MET C 247 -11.48 -37.66 -57.68
CA MET C 247 -11.23 -37.44 -56.26
C MET C 247 -10.28 -36.26 -56.09
N VAL C 248 -9.16 -36.26 -56.80
CA VAL C 248 -8.20 -35.20 -56.59
C VAL C 248 -8.91 -33.86 -56.68
N SER C 249 -9.78 -33.71 -57.66
CA SER C 249 -10.41 -32.42 -57.90
C SER C 249 -11.55 -32.14 -56.94
N LEU C 250 -12.12 -33.20 -56.36
CA LEU C 250 -13.06 -33.04 -55.21
C LEU C 250 -12.32 -32.48 -53.98
N LEU C 251 -11.23 -33.15 -53.63
CA LEU C 251 -10.38 -32.69 -52.53
C LEU C 251 -9.93 -31.24 -52.69
N LYS C 252 -9.65 -30.84 -53.91
CA LYS C 252 -9.17 -29.50 -54.13
C LYS C 252 -10.27 -28.49 -53.94
N LYS C 253 -11.51 -28.88 -54.18
CA LYS C 253 -12.62 -27.99 -53.97
C LYS C 253 -12.95 -27.82 -52.47
N LEU C 254 -12.65 -28.87 -51.68
CA LEU C 254 -12.77 -28.80 -50.20
C LEU C 254 -11.55 -28.09 -49.55
N LEU C 255 -10.36 -28.25 -50.12
CA LEU C 255 -9.15 -27.54 -49.63
C LEU C 255 -8.83 -26.27 -50.45
N GLU C 256 -9.86 -25.56 -50.93
CA GLU C 256 -9.67 -24.17 -51.42
C GLU C 256 -9.39 -23.26 -50.26
N PRO C 257 -8.22 -22.63 -50.24
CA PRO C 257 -7.87 -21.64 -49.20
C PRO C 257 -8.87 -20.48 -49.06
N ASN C 258 -9.44 -20.01 -50.15
CA ASN C 258 -10.46 -18.94 -50.09
C ASN C 258 -11.84 -19.52 -49.81
N PRO C 259 -12.43 -19.23 -48.63
CA PRO C 259 -13.69 -19.89 -48.29
C PRO C 259 -14.80 -19.61 -49.31
N ASP C 260 -14.75 -18.44 -49.92
CA ASP C 260 -15.74 -18.06 -50.93
C ASP C 260 -15.74 -18.98 -52.14
N GLN C 261 -14.60 -19.61 -52.43
CA GLN C 261 -14.49 -20.50 -53.59
C GLN C 261 -14.64 -21.94 -53.18
N ARG C 262 -14.65 -22.19 -51.87
CA ARG C 262 -14.70 -23.58 -51.33
C ARG C 262 -16.13 -24.11 -51.44
N PHE C 263 -16.28 -25.41 -51.62
CA PHE C 263 -17.56 -26.11 -51.35
C PHE C 263 -17.97 -25.94 -49.89
N SER C 264 -19.21 -25.50 -49.67
CA SER C 264 -19.67 -25.15 -48.33
C SER C 264 -21.18 -25.40 -48.15
N GLN C 265 -21.72 -26.38 -48.87
CA GLN C 265 -23.17 -26.48 -49.10
C GLN C 265 -23.43 -27.79 -49.78
N LEU C 266 -24.57 -28.42 -49.51
CA LEU C 266 -24.82 -29.74 -50.07
C LEU C 266 -24.88 -29.68 -51.60
N SER C 267 -25.55 -28.63 -52.12
CA SER C 267 -25.78 -28.56 -53.54
C SER C 267 -24.44 -28.58 -54.34
N ASP C 268 -23.41 -27.88 -53.83
CA ASP C 268 -22.08 -27.88 -54.45
C ASP C 268 -21.58 -29.30 -54.68
N VAL C 269 -21.83 -30.21 -53.75
CA VAL C 269 -21.38 -31.57 -53.93
C VAL C 269 -22.34 -32.36 -54.84
N GLN C 270 -23.64 -32.19 -54.62
CA GLN C 270 -24.64 -32.85 -55.44
C GLN C 270 -24.44 -32.63 -56.95
N ASN C 271 -24.02 -31.41 -57.34
CA ASN C 271 -23.87 -31.06 -58.75
C ASN C 271 -22.51 -31.43 -59.33
N PHE C 272 -21.63 -31.98 -58.50
CA PHE C 272 -20.28 -32.27 -58.94
C PHE C 272 -20.31 -33.60 -59.73
N PRO C 273 -19.84 -33.56 -60.99
CA PRO C 273 -19.92 -34.71 -61.89
C PRO C 273 -19.49 -36.03 -61.25
N TYR C 274 -18.42 -36.02 -60.49
CA TYR C 274 -17.97 -37.21 -59.80
C TYR C 274 -19.13 -37.80 -58.97
N MET C 275 -20.06 -36.95 -58.55
CA MET C 275 -21.16 -37.37 -57.68
C MET C 275 -22.44 -37.66 -58.48
N ASN C 276 -22.35 -37.69 -59.80
CA ASN C 276 -23.53 -37.90 -60.65
C ASN C 276 -24.08 -39.30 -60.54
N ASP C 277 -23.32 -40.20 -59.92
CA ASP C 277 -23.79 -41.56 -59.70
C ASP C 277 -24.42 -41.78 -58.30
N ILE C 278 -24.66 -40.70 -57.53
CA ILE C 278 -25.13 -40.83 -56.13
C ILE C 278 -26.63 -40.57 -55.95
N ASN C 279 -27.28 -41.51 -55.28
CA ASN C 279 -28.65 -41.41 -54.94
C ASN C 279 -28.75 -40.91 -53.52
N TRP C 280 -29.09 -39.63 -53.38
CA TRP C 280 -28.95 -38.95 -52.06
C TRP C 280 -30.00 -39.33 -51.06
N ASP C 281 -31.14 -39.81 -51.56
CA ASP C 281 -32.14 -40.40 -50.68
C ASP C 281 -31.57 -41.70 -50.05
N ALA C 282 -30.79 -42.45 -50.83
CA ALA C 282 -30.20 -43.71 -50.35
C ALA C 282 -29.11 -43.43 -49.36
N VAL C 283 -28.32 -42.42 -49.62
CA VAL C 283 -27.36 -41.88 -48.65
C VAL C 283 -28.05 -41.60 -47.28
N PHE C 284 -29.08 -40.72 -47.29
CA PHE C 284 -29.75 -40.32 -46.06
C PHE C 284 -30.26 -41.52 -45.28
N GLN C 285 -30.86 -42.48 -46.02
CA GLN C 285 -31.51 -43.62 -45.47
C GLN C 285 -30.56 -44.76 -45.05
N LYS C 286 -29.26 -44.58 -45.23
CA LYS C 286 -28.24 -45.59 -44.83
C LYS C 286 -28.22 -46.85 -45.71
N ARG C 287 -28.47 -46.64 -47.00
CA ARG C 287 -28.59 -47.72 -47.95
C ARG C 287 -27.34 -47.86 -48.82
N LEU C 288 -26.49 -46.84 -48.82
CA LEU C 288 -25.17 -46.95 -49.46
C LEU C 288 -24.13 -47.25 -48.43
N ILE C 289 -23.86 -48.54 -48.16
CA ILE C 289 -22.72 -48.95 -47.31
C ILE C 289 -21.43 -48.48 -47.95
N PRO C 290 -20.64 -47.66 -47.23
CA PRO C 290 -19.39 -47.13 -47.84
C PRO C 290 -18.42 -48.19 -48.30
N GLY C 291 -18.26 -49.26 -47.53
CA GLY C 291 -17.33 -50.34 -47.92
C GLY C 291 -16.63 -51.07 -46.77
N PHE C 292 -15.76 -52.03 -47.14
CA PHE C 292 -15.14 -52.95 -46.18
C PHE C 292 -14.52 -52.18 -45.01
N ILE C 293 -14.74 -52.67 -43.80
CA ILE C 293 -14.10 -52.10 -42.61
C ILE C 293 -13.31 -53.17 -41.83
N PRO C 294 -12.00 -52.97 -41.66
CA PRO C 294 -11.15 -53.95 -40.95
C PRO C 294 -11.80 -54.46 -39.65
N ASN C 295 -11.57 -55.72 -39.31
CA ASN C 295 -12.22 -56.40 -38.16
C ASN C 295 -12.05 -55.66 -36.81
N LYS C 296 -10.93 -54.99 -36.65
CA LYS C 296 -10.50 -54.49 -35.36
C LYS C 296 -10.69 -52.97 -35.34
N GLY C 297 -11.67 -52.50 -34.54
CA GLY C 297 -11.91 -51.04 -34.30
C GLY C 297 -11.54 -50.72 -32.86
N ARG C 298 -11.63 -49.45 -32.46
CA ARG C 298 -11.13 -49.06 -31.14
C ARG C 298 -11.75 -49.89 -30.02
N LEU C 299 -13.02 -50.21 -30.14
CA LEU C 299 -13.63 -51.14 -29.22
C LEU C 299 -13.24 -52.53 -29.63
N ASN C 300 -12.20 -53.07 -29.04
CA ASN C 300 -12.01 -54.50 -29.09
C ASN C 300 -11.74 -54.93 -27.70
N CYS C 301 -11.93 -56.20 -27.42
CA CYS C 301 -11.60 -56.70 -26.10
C CYS C 301 -10.37 -57.61 -26.15
N ASP C 302 -9.49 -57.34 -27.12
CA ASP C 302 -8.13 -57.88 -27.10
C ASP C 302 -7.48 -57.50 -25.79
N PRO C 303 -6.93 -58.48 -25.07
CA PRO C 303 -6.27 -58.30 -23.77
C PRO C 303 -5.02 -57.40 -23.85
N THR C 304 -4.93 -56.45 -22.92
CA THR C 304 -3.74 -55.58 -22.77
C THR C 304 -3.18 -55.75 -21.36
N PHE C 305 -2.06 -55.08 -21.08
CA PHE C 305 -1.50 -55.04 -19.73
C PHE C 305 -2.02 -53.85 -18.87
N GLU C 306 -3.08 -53.19 -19.33
CA GLU C 306 -3.58 -52.00 -18.65
C GLU C 306 -4.09 -52.30 -17.25
N LEU C 307 -3.53 -51.58 -16.26
CA LEU C 307 -3.97 -51.70 -14.87
C LEU C 307 -5.48 -51.41 -14.73
N GLU C 308 -5.91 -50.25 -15.23
CA GLU C 308 -7.34 -49.89 -15.20
C GLU C 308 -8.17 -50.96 -15.94
N GLU C 309 -9.19 -51.50 -15.26
CA GLU C 309 -10.07 -52.56 -15.81
C GLU C 309 -9.34 -53.94 -15.94
N MET C 310 -8.20 -54.08 -15.25
CA MET C 310 -7.67 -55.40 -14.81
C MET C 310 -8.21 -55.67 -13.40
N ILE C 311 -9.24 -54.90 -13.02
CA ILE C 311 -9.86 -54.96 -11.69
C ILE C 311 -11.39 -55.05 -11.90
N LEU C 312 -11.79 -55.82 -12.92
CA LEU C 312 -13.16 -55.76 -13.49
C LEU C 312 -14.18 -56.47 -12.61
N GLU C 313 -13.69 -57.37 -11.74
CA GLU C 313 -14.56 -58.17 -10.85
C GLU C 313 -15.05 -57.33 -9.66
N SER C 314 -14.28 -56.32 -9.28
CA SER C 314 -14.63 -55.46 -8.15
C SER C 314 -15.76 -54.51 -8.51
N LYS C 315 -16.65 -54.24 -7.55
CA LYS C 315 -17.73 -53.27 -7.74
C LYS C 315 -17.80 -52.29 -6.55
N ARG C 332 -24.65 -30.39 8.42
CA ARG C 332 -23.86 -29.33 7.80
C ARG C 332 -23.44 -29.74 6.37
N LYS C 333 -24.09 -29.14 5.38
CA LYS C 333 -23.67 -29.32 3.99
C LYS C 333 -22.45 -28.44 3.70
N CYS C 334 -21.83 -27.92 4.75
CA CYS C 334 -20.87 -26.86 4.59
C CYS C 334 -20.00 -26.57 5.86
N ASP C 335 -18.88 -25.85 5.66
CA ASP C 335 -17.76 -25.82 6.60
C ASP C 335 -17.01 -24.50 6.63
N SER C 336 -16.40 -24.14 5.51
CA SER C 336 -15.66 -22.89 5.40
C SER C 336 -16.39 -21.96 4.47
N SER C 337 -15.87 -20.76 4.31
CA SER C 337 -16.40 -19.83 3.32
C SER C 337 -16.22 -20.36 1.90
N GLN C 338 -15.12 -21.08 1.68
CA GLN C 338 -14.79 -21.60 0.34
C GLN C 338 -15.72 -22.75 -0.05
N THR C 339 -16.00 -23.67 0.88
CA THR C 339 -16.83 -24.80 0.58
C THR C 339 -18.30 -24.36 0.53
N CYS C 340 -18.65 -23.31 1.26
CA CYS C 340 -19.99 -22.72 1.13
C CYS C 340 -20.17 -22.04 -0.23
N LEU C 341 -19.16 -21.29 -0.68
CA LEU C 341 -19.19 -20.72 -2.05
C LEU C 341 -19.28 -21.84 -3.13
N LEU C 342 -18.49 -22.90 -3.00
CA LEU C 342 -18.61 -24.02 -3.90
C LEU C 342 -20.03 -24.59 -3.90
N GLN C 343 -20.65 -24.72 -2.74
CA GLN C 343 -22.00 -25.27 -2.67
C GLN C 343 -23.05 -24.33 -3.26
N GLU C 344 -22.82 -23.03 -3.18
CA GLU C 344 -23.70 -22.08 -3.85
C GLU C 344 -23.65 -22.34 -5.34
N HIS C 345 -22.45 -22.58 -5.88
CA HIS C 345 -22.31 -22.75 -7.31
C HIS C 345 -22.95 -24.03 -7.77
N LEU C 346 -22.62 -25.12 -7.06
CA LEU C 346 -23.23 -26.38 -7.30
C LEU C 346 -24.77 -26.26 -7.25
N ASP C 347 -25.29 -25.63 -6.22
CA ASP C 347 -26.72 -25.50 -6.11
C ASP C 347 -27.31 -24.78 -7.32
N SER C 348 -26.59 -23.77 -7.82
CA SER C 348 -27.06 -23.08 -8.99
C SER C 348 -27.01 -24.04 -10.24
N VAL C 349 -26.00 -24.89 -10.33
CA VAL C 349 -25.95 -25.86 -11.37
C VAL C 349 -27.20 -26.74 -11.27
N GLN C 350 -27.42 -27.28 -10.10
CA GLN C 350 -28.58 -28.14 -9.87
C GLN C 350 -29.86 -27.50 -10.35
N LYS C 351 -30.05 -26.26 -10.01
CA LYS C 351 -31.32 -25.58 -10.28
C LYS C 351 -31.45 -25.24 -11.79
N GLU C 352 -30.34 -24.99 -12.45
CA GLU C 352 -30.37 -24.41 -13.79
C GLU C 352 -30.40 -25.50 -14.86
N PHE C 353 -30.00 -26.69 -14.47
CA PHE C 353 -29.85 -27.79 -15.41
C PHE C 353 -31.22 -28.13 -16.00
N ILE C 354 -31.28 -28.32 -17.32
CA ILE C 354 -32.56 -28.70 -17.93
C ILE C 354 -32.45 -30.12 -18.45
N ILE C 355 -33.33 -30.96 -17.93
CA ILE C 355 -33.43 -32.34 -18.34
C ILE C 355 -33.94 -32.39 -19.76
N PHE C 356 -33.31 -33.20 -20.57
CA PHE C 356 -33.79 -33.48 -21.93
C PHE C 356 -34.03 -34.96 -22.11
N ASN C 357 -35.15 -35.29 -22.73
CA ASN C 357 -35.50 -36.68 -23.00
C ASN C 357 -36.18 -36.79 -24.35
N ARG C 358 -35.49 -37.38 -25.32
CA ARG C 358 -36.01 -37.42 -26.70
C ARG C 358 -37.22 -38.38 -26.85
N GLU C 359 -37.22 -39.50 -26.10
CA GLU C 359 -38.40 -40.39 -26.06
C GLU C 359 -39.64 -39.56 -25.76
N LYS C 360 -39.57 -38.74 -24.71
CA LYS C 360 -40.69 -37.88 -24.35
C LYS C 360 -41.01 -36.93 -25.47
N VAL C 361 -40.01 -36.36 -26.11
CA VAL C 361 -40.30 -35.41 -27.17
C VAL C 361 -41.00 -36.17 -28.33
N ASN C 362 -40.61 -37.44 -28.52
CA ASN C 362 -41.17 -38.24 -29.59
C ASN C 362 -42.65 -38.59 -29.27
N ARG C 363 -42.89 -39.34 -28.18
CA ARG C 363 -44.25 -39.55 -27.63
C ARG C 363 -45.16 -38.32 -27.71
N ASP C 364 -44.67 -37.18 -27.23
CA ASP C 364 -45.50 -35.95 -27.20
C ASP C 364 -45.55 -35.25 -28.56
N PHE C 365 -44.99 -35.88 -29.58
CA PHE C 365 -45.18 -35.44 -30.97
C PHE C 365 -46.29 -36.27 -31.59
N ASN C 366 -46.34 -37.53 -31.17
CA ASN C 366 -47.42 -38.44 -31.54
C ASN C 366 -48.58 -38.32 -30.52
N LYS C 367 -49.17 -37.13 -30.48
CA LYS C 367 -50.15 -36.78 -29.48
C LYS C 367 -50.67 -35.37 -29.75
N GLU D 8 4.33 -6.09 37.73
CA GLU D 8 3.67 -7.29 37.14
C GLU D 8 3.45 -7.07 35.63
N ASN D 9 3.47 -8.17 34.87
CA ASN D 9 3.19 -8.14 33.44
C ASN D 9 1.81 -8.75 33.11
N GLU D 10 0.80 -8.38 33.90
CA GLU D 10 -0.56 -8.93 33.74
C GLU D 10 -1.39 -8.07 32.76
N ASP D 11 -2.17 -8.71 31.91
CA ASP D 11 -2.92 -8.01 30.87
C ASP D 11 -4.19 -7.39 31.43
N VAL D 12 -4.41 -6.12 31.13
CA VAL D 12 -5.63 -5.44 31.53
C VAL D 12 -6.73 -5.82 30.55
N ASN D 13 -7.88 -6.26 31.08
CA ASN D 13 -9.03 -6.62 30.25
C ASN D 13 -10.33 -6.19 30.91
N PHE D 14 -11.46 -6.53 30.31
CA PHE D 14 -12.76 -5.99 30.67
C PHE D 14 -13.10 -6.25 32.14
N ASP D 15 -12.58 -7.36 32.69
CA ASP D 15 -12.83 -7.72 34.08
C ASP D 15 -12.08 -6.85 35.11
N HIS D 16 -11.08 -6.10 34.65
CA HIS D 16 -10.36 -5.18 35.52
C HIS D 16 -11.12 -3.95 35.83
N PHE D 17 -12.34 -3.81 35.32
CA PHE D 17 -13.11 -2.56 35.46
C PHE D 17 -14.51 -2.82 35.96
N GLU D 18 -15.12 -1.75 36.46
CA GLU D 18 -16.50 -1.73 36.86
C GLU D 18 -17.21 -0.70 35.97
N ILE D 19 -18.31 -1.10 35.36
CA ILE D 19 -19.01 -0.21 34.43
C ILE D 19 -20.02 0.62 35.19
N LEU D 20 -19.98 1.92 34.97
CA LEU D 20 -20.93 2.85 35.56
C LEU D 20 -21.76 3.45 34.43
N ARG D 21 -22.27 4.63 34.64
CA ARG D 21 -23.24 5.23 33.74
C ARG D 21 -22.80 5.33 32.26
N ALA D 22 -23.73 5.06 31.34
CA ALA D 22 -23.56 5.35 29.94
C ALA D 22 -23.57 6.86 29.72
N ILE D 23 -22.71 7.37 28.83
CA ILE D 23 -22.65 8.82 28.61
C ILE D 23 -22.74 9.22 27.14
N GLY D 24 -22.70 8.24 26.25
CA GLY D 24 -22.88 8.53 24.84
C GLY D 24 -23.13 7.29 24.03
N LYS D 25 -23.42 7.50 22.77
CA LYS D 25 -23.95 6.45 21.94
C LYS D 25 -23.17 6.41 20.66
N GLY D 26 -23.16 5.24 20.04
CA GLY D 26 -22.56 5.06 18.74
C GLY D 26 -23.34 4.02 17.97
N SER D 27 -23.16 4.03 16.66
CA SER D 27 -23.76 3.02 15.81
C SER D 27 -23.18 1.63 16.12
N PHE D 28 -21.94 1.59 16.65
CA PHE D 28 -21.25 0.32 16.94
C PHE D 28 -21.13 0.00 18.43
N GLY D 29 -21.69 0.86 19.26
CA GLY D 29 -21.72 0.62 20.70
C GLY D 29 -21.63 1.90 21.50
N LYS D 30 -21.81 1.77 22.80
CA LYS D 30 -21.91 2.92 23.67
C LYS D 30 -20.54 3.46 24.15
N VAL D 31 -20.55 4.65 24.73
CA VAL D 31 -19.46 5.11 25.55
C VAL D 31 -19.94 5.17 27.00
N CYS D 32 -19.14 4.64 27.92
CA CYS D 32 -19.55 4.68 29.32
CA CYS D 32 -19.49 4.45 29.35
C CYS D 32 -18.41 5.06 30.27
N ILE D 33 -18.78 5.36 31.49
CA ILE D 33 -17.79 5.64 32.54
C ILE D 33 -17.44 4.32 33.20
N VAL D 34 -16.14 4.07 33.34
CA VAL D 34 -15.66 2.89 34.02
C VAL D 34 -14.74 3.28 35.19
N GLN D 35 -14.61 2.38 36.15
CA GLN D 35 -13.64 2.55 37.21
C GLN D 35 -12.73 1.33 37.22
N LYS D 36 -11.43 1.56 37.17
CA LYS D 36 -10.47 0.47 37.28
C LYS D 36 -10.41 -0.04 38.74
N ASN D 37 -10.64 -1.33 38.91
CA ASN D 37 -10.80 -1.92 40.24
C ASN D 37 -9.63 -1.72 41.18
N ASP D 38 -8.41 -1.80 40.68
CA ASP D 38 -7.25 -1.72 41.56
C ASP D 38 -6.91 -0.27 41.97
N THR D 39 -6.74 0.63 41.00
CA THR D 39 -6.35 2.00 41.29
C THR D 39 -7.55 2.87 41.68
N LYS D 40 -8.76 2.40 41.35
CA LYS D 40 -9.98 3.18 41.54
C LYS D 40 -10.09 4.42 40.61
N LYS D 41 -9.18 4.55 39.64
CA LYS D 41 -9.17 5.69 38.73
C LYS D 41 -10.33 5.51 37.72
N MET D 42 -11.00 6.61 37.36
CA MET D 42 -12.14 6.57 36.44
C MET D 42 -11.72 6.94 35.02
N TYR D 43 -12.35 6.30 34.04
CA TYR D 43 -12.05 6.54 32.63
C TYR D 43 -13.33 6.55 31.82
N ALA D 44 -13.23 6.95 30.55
CA ALA D 44 -14.29 6.69 29.56
C ALA D 44 -13.90 5.46 28.79
N MET D 45 -14.87 4.60 28.50
CA MET D 45 -14.62 3.40 27.68
C MET D 45 -15.58 3.33 26.47
N LYS D 46 -15.02 3.18 25.28
CA LYS D 46 -15.82 3.03 24.07
C LYS D 46 -15.94 1.55 23.70
N TYR D 47 -17.19 1.06 23.67
CA TYR D 47 -17.56 -0.29 23.17
C TYR D 47 -17.63 -0.26 21.69
N MET D 48 -17.05 -1.25 21.05
CA MET D 48 -17.36 -1.50 19.66
C MET D 48 -17.68 -2.97 19.41
N ASN D 49 -18.94 -3.25 19.01
CA ASN D 49 -19.44 -4.62 18.77
C ASN D 49 -18.72 -5.23 17.58
N LYS D 50 -18.12 -6.41 17.80
CA LYS D 50 -17.30 -7.06 16.78
C LYS D 50 -18.18 -7.42 15.57
N GLN D 51 -19.34 -8.02 15.84
CA GLN D 51 -20.18 -8.54 14.76
C GLN D 51 -20.66 -7.40 13.86
N LYS D 52 -21.11 -6.31 14.47
CA LYS D 52 -21.56 -5.14 13.70
C LYS D 52 -20.43 -4.57 12.91
N CYS D 53 -19.23 -4.54 13.49
CA CYS D 53 -18.08 -3.99 12.82
C CYS D 53 -17.70 -4.82 11.59
N VAL D 54 -17.83 -6.14 11.69
CA VAL D 54 -17.51 -7.02 10.57
C VAL D 54 -18.55 -6.88 9.45
N GLU D 55 -19.82 -6.85 9.84
CA GLU D 55 -20.91 -6.77 8.89
C GLU D 55 -20.86 -5.45 8.13
N ARG D 56 -20.47 -4.39 8.82
CA ARG D 56 -20.50 -3.08 8.23
C ARG D 56 -19.13 -2.61 7.79
N ASN D 57 -18.16 -3.53 7.78
CA ASN D 57 -16.82 -3.25 7.23
C ASN D 57 -16.06 -2.14 8.01
N GLU D 58 -16.24 -2.07 9.32
CA GLU D 58 -15.59 -1.06 10.15
C GLU D 58 -14.28 -1.53 10.78
N VAL D 59 -14.03 -2.83 10.76
CA VAL D 59 -12.91 -3.37 11.50
C VAL D 59 -11.63 -2.64 11.16
N ARG D 60 -11.39 -2.39 9.88
CA ARG D 60 -10.16 -1.75 9.49
C ARG D 60 -10.06 -0.33 10.00
N ASN D 61 -11.20 0.34 10.18
CA ASN D 61 -11.21 1.68 10.69
C ASN D 61 -10.95 1.71 12.17
N VAL D 62 -11.43 0.69 12.90
CA VAL D 62 -11.23 0.62 14.33
C VAL D 62 -9.78 0.35 14.62
N PHE D 63 -9.16 -0.54 13.84
CA PHE D 63 -7.73 -0.82 13.98
C PHE D 63 -6.89 0.40 13.66
N LYS D 64 -7.27 1.14 12.63
CA LYS D 64 -6.54 2.34 12.24
C LYS D 64 -6.59 3.34 13.37
N GLU D 65 -7.79 3.57 13.92
CA GLU D 65 -7.91 4.50 15.02
C GLU D 65 -7.04 4.07 16.24
N LEU D 66 -7.12 2.81 16.62
CA LEU D 66 -6.30 2.32 17.72
C LEU D 66 -4.81 2.55 17.46
N GLN D 67 -4.37 2.24 16.24
CA GLN D 67 -2.99 2.40 15.89
C GLN D 67 -2.59 3.91 16.03
N ILE D 68 -3.46 4.80 15.56
CA ILE D 68 -3.16 6.21 15.64
C ILE D 68 -3.09 6.65 17.12
N MET D 69 -4.09 6.29 17.89
CA MET D 69 -4.17 6.70 19.26
C MET D 69 -3.00 6.19 20.13
N GLN D 70 -2.60 4.94 19.96
CA GLN D 70 -1.40 4.38 20.60
C GLN D 70 -0.10 5.24 20.47
N GLY D 71 0.05 6.00 19.39
CA GLY D 71 1.24 6.80 19.19
C GLY D 71 1.05 8.25 19.56
N LEU D 72 -0.07 8.58 20.22
CA LEU D 72 -0.35 10.00 20.58
C LEU D 72 -0.48 10.22 22.09
N GLU D 73 0.13 11.30 22.58
CA GLU D 73 -0.11 11.78 23.96
C GLU D 73 0.11 13.26 24.06
N HIS D 74 -0.88 13.97 24.55
CA HIS D 74 -0.85 15.41 24.57
C HIS D 74 -1.85 15.92 25.56
N PRO D 75 -1.56 17.04 26.22
CA PRO D 75 -2.47 17.51 27.28
C PRO D 75 -3.85 17.94 26.79
N PHE D 76 -3.92 18.34 25.53
CA PHE D 76 -5.20 18.75 24.96
C PHE D 76 -5.79 17.73 23.95
N LEU D 77 -5.44 16.47 24.14
CA LEU D 77 -6.16 15.36 23.51
C LEU D 77 -6.83 14.55 24.60
N VAL D 78 -7.87 13.84 24.24
CA VAL D 78 -8.38 12.77 25.05
C VAL D 78 -7.56 11.51 24.72
N ASN D 79 -6.63 11.17 25.61
CA ASN D 79 -5.63 10.15 25.35
C ASN D 79 -6.08 8.71 25.62
N LEU D 80 -5.55 7.77 24.83
CA LEU D 80 -5.80 6.33 25.04
C LEU D 80 -4.95 5.78 26.16
N TRP D 81 -5.56 4.99 27.04
CA TRP D 81 -4.82 4.30 28.09
C TRP D 81 -4.78 2.81 27.93
N TYR D 82 -5.92 2.18 27.60
CA TYR D 82 -5.94 0.73 27.40
C TYR D 82 -6.77 0.35 26.20
N SER D 83 -6.40 -0.75 25.57
CA SER D 83 -7.27 -1.41 24.62
C SER D 83 -7.24 -2.89 24.84
N PHE D 84 -8.38 -3.50 24.67
CA PHE D 84 -8.52 -4.94 24.86
C PHE D 84 -9.81 -5.41 24.17
N GLN D 85 -10.03 -6.73 24.20
CA GLN D 85 -11.19 -7.33 23.56
C GLN D 85 -11.75 -8.47 24.42
N ASP D 86 -13.02 -8.77 24.22
CA ASP D 86 -13.55 -10.06 24.60
C ASP D 86 -14.24 -10.67 23.35
N GLU D 87 -15.11 -11.64 23.55
CA GLU D 87 -15.73 -12.35 22.44
C GLU D 87 -16.67 -11.50 21.63
N GLU D 88 -17.23 -10.46 22.24
CA GLU D 88 -18.28 -9.69 21.58
C GLU D 88 -17.84 -8.31 21.16
N ASP D 89 -16.88 -7.76 21.88
CA ASP D 89 -16.58 -6.36 21.76
C ASP D 89 -15.10 -6.09 21.75
N MET D 90 -14.73 -5.00 21.09
CA MET D 90 -13.44 -4.43 21.24
C MET D 90 -13.58 -3.19 22.09
N PHE D 91 -12.57 -2.89 22.89
CA PHE D 91 -12.67 -1.79 23.88
C PHE D 91 -11.53 -0.79 23.79
N MET D 92 -11.90 0.47 23.95
CA MET D 92 -10.96 1.58 24.01
C MET D 92 -11.20 2.34 25.35
N VAL D 93 -10.19 2.36 26.21
CA VAL D 93 -10.31 3.10 27.48
C VAL D 93 -9.41 4.34 27.46
N VAL D 94 -10.04 5.49 27.65
CA VAL D 94 -9.39 6.75 27.42
C VAL D 94 -9.67 7.72 28.59
N ASP D 95 -9.04 8.91 28.58
CA ASP D 95 -9.25 9.91 29.63
C ASP D 95 -10.75 10.19 29.77
N LEU D 96 -11.21 10.35 30.98
CA LEU D 96 -12.57 10.85 31.25
C LEU D 96 -12.57 12.38 31.42
N LEU D 97 -13.37 13.05 30.65
CA LEU D 97 -13.45 14.49 30.70
C LEU D 97 -14.81 14.86 31.34
N LEU D 98 -14.77 15.35 32.56
CA LEU D 98 -15.94 15.43 33.37
C LEU D 98 -16.83 16.62 33.00
N GLY D 99 -16.28 17.55 32.23
CA GLY D 99 -17.03 18.74 31.87
C GLY D 99 -17.99 18.55 30.71
N GLY D 100 -17.83 17.43 29.99
CA GLY D 100 -18.65 17.14 28.81
C GLY D 100 -18.30 18.01 27.62
N ASP D 101 -19.07 17.84 26.53
CA ASP D 101 -18.73 18.41 25.24
C ASP D 101 -19.20 19.83 25.14
N LEU D 102 -18.63 20.56 24.20
CA LEU D 102 -19.02 21.96 23.98
C LEU D 102 -20.38 22.13 23.34
N ARG D 103 -20.81 21.15 22.54
CA ARG D 103 -22.15 21.19 21.96
C ARG D 103 -23.21 21.30 23.02
N TYR D 104 -23.07 20.53 24.09
CA TYR D 104 -24.05 20.59 25.19
C TYR D 104 -24.28 22.03 25.69
N HIS D 105 -23.21 22.80 25.84
CA HIS D 105 -23.33 24.15 26.35
C HIS D 105 -23.91 25.08 25.36
N LEU D 106 -23.53 24.93 24.08
CA LEU D 106 -24.18 25.71 23.02
C LEU D 106 -25.69 25.44 23.03
N GLN D 107 -26.07 24.18 23.26
CA GLN D 107 -27.50 23.79 23.26
C GLN D 107 -28.22 24.40 24.46
N GLN D 108 -27.47 24.75 25.51
CA GLN D 108 -28.02 25.54 26.62
C GLN D 108 -27.91 27.04 26.37
N ASN D 109 -27.80 27.44 25.10
CA ASN D 109 -27.72 28.85 24.67
C ASN D 109 -26.66 29.66 25.39
N VAL D 110 -25.65 28.99 25.92
CA VAL D 110 -24.49 29.67 26.43
C VAL D 110 -23.73 30.33 25.28
N HIS D 111 -23.35 31.59 25.48
CA HIS D 111 -22.39 32.27 24.60
CA HIS D 111 -22.40 32.28 24.61
C HIS D 111 -21.13 32.48 25.38
N PHE D 112 -20.02 32.06 24.80
CA PHE D 112 -18.75 32.10 25.49
C PHE D 112 -18.07 33.46 25.35
N LYS D 113 -17.41 33.89 26.40
CA LYS D 113 -16.72 35.16 26.39
C LYS D 113 -15.55 35.10 25.42
N GLU D 114 -15.22 36.26 24.89
CA GLU D 114 -14.17 36.38 23.91
C GLU D 114 -12.81 35.88 24.43
N GLU D 115 -12.48 36.21 25.68
CA GLU D 115 -11.24 35.80 26.26
C GLU D 115 -11.18 34.28 26.44
N THR D 116 -12.28 33.69 26.90
CA THR D 116 -12.37 32.25 27.03
C THR D 116 -12.09 31.60 25.69
N VAL D 117 -12.69 32.12 24.64
CA VAL D 117 -12.55 31.49 23.35
C VAL D 117 -11.12 31.66 22.81
N LYS D 118 -10.51 32.80 23.12
CA LYS D 118 -9.10 33.00 22.83
C LYS D 118 -8.28 31.87 23.40
N LEU D 119 -8.52 31.54 24.67
CA LEU D 119 -7.69 30.56 25.36
C LEU D 119 -7.98 29.15 24.85
N PHE D 120 -9.26 28.86 24.57
CA PHE D 120 -9.65 27.61 23.90
C PHE D 120 -8.84 27.45 22.63
N ILE D 121 -8.75 28.51 21.86
CA ILE D 121 -7.99 28.45 20.62
C ILE D 121 -6.53 28.11 20.89
N CYS D 122 -5.97 28.70 21.94
CA CYS D 122 -4.55 28.47 22.28
C CYS D 122 -4.30 26.99 22.61
N GLU D 123 -5.20 26.38 23.36
CA GLU D 123 -5.00 24.99 23.77
C GLU D 123 -5.16 24.07 22.57
N LEU D 124 -6.17 24.31 21.77
CA LEU D 124 -6.45 23.43 20.65
C LEU D 124 -5.42 23.58 19.53
N VAL D 125 -4.85 24.76 19.43
CA VAL D 125 -3.84 24.99 18.41
C VAL D 125 -2.56 24.27 18.74
N MET D 126 -2.29 24.08 20.03
CA MET D 126 -1.13 23.27 20.46
C MET D 126 -1.40 21.80 20.14
N ALA D 127 -2.65 21.36 20.36
CA ALA D 127 -3.03 19.95 20.01
C ALA D 127 -2.94 19.71 18.50
N LEU D 128 -3.44 20.65 17.71
CA LEU D 128 -3.44 20.53 16.26
C LEU D 128 -2.02 20.53 15.72
N ASP D 129 -1.18 21.42 16.24
CA ASP D 129 0.21 21.43 15.84
C ASP D 129 0.90 20.13 16.19
N TYR D 130 0.60 19.58 17.35
CA TYR D 130 1.18 18.29 17.73
C TYR D 130 0.70 17.17 16.78
N LEU D 131 -0.58 17.20 16.43
CA LEU D 131 -1.12 16.21 15.51
C LEU D 131 -0.36 16.27 14.19
N GLN D 132 -0.16 17.49 13.70
CA GLN D 132 0.49 17.68 12.42
C GLN D 132 1.93 17.17 12.45
N ASN D 133 2.64 17.43 13.52
CA ASN D 133 3.97 16.91 13.67
C ASN D 133 4.00 15.39 13.77
N GLN D 134 2.89 14.79 14.18
CA GLN D 134 2.73 13.33 14.14
C GLN D 134 2.06 12.82 12.83
N ARG D 135 1.85 13.73 11.89
CA ARG D 135 1.32 13.41 10.56
C ARG D 135 -0.14 12.96 10.61
N ILE D 136 -0.91 13.52 11.55
CA ILE D 136 -2.32 13.19 11.70
C ILE D 136 -3.25 14.36 11.35
N ILE D 137 -4.23 14.09 10.49
CA ILE D 137 -5.40 14.98 10.30
C ILE D 137 -6.59 14.41 11.06
N HIS D 138 -7.26 15.22 11.84
CA HIS D 138 -8.38 14.73 12.64
C HIS D 138 -9.69 14.64 11.82
N ARG D 139 -9.99 15.71 11.08
CA ARG D 139 -11.08 15.76 10.12
C ARG D 139 -12.46 15.89 10.74
N ASP D 140 -12.55 15.94 12.05
CA ASP D 140 -13.86 16.12 12.67
C ASP D 140 -13.85 17.03 13.91
N MET D 141 -13.19 18.14 13.79
CA MET D 141 -13.21 19.16 14.83
C MET D 141 -14.53 19.86 14.81
N LYS D 142 -15.18 19.89 15.94
CA LYS D 142 -16.42 20.57 16.11
C LYS D 142 -16.86 20.44 17.59
N PRO D 143 -17.80 21.27 18.01
CA PRO D 143 -18.14 21.29 19.43
C PRO D 143 -18.47 19.93 20.00
N ASP D 144 -19.06 19.06 19.16
CA ASP D 144 -19.49 17.74 19.65
C ASP D 144 -18.29 16.90 20.05
N ASN D 145 -17.13 17.23 19.50
CA ASN D 145 -15.93 16.42 19.67
C ASN D 145 -14.83 17.09 20.50
N ILE D 146 -15.18 18.22 21.15
CA ILE D 146 -14.27 18.90 22.04
C ILE D 146 -14.81 18.87 23.45
N LEU D 147 -14.08 18.22 24.36
CA LEU D 147 -14.56 18.00 25.72
C LEU D 147 -13.80 18.85 26.74
N LEU D 148 -14.48 19.15 27.84
CA LEU D 148 -13.94 19.98 28.90
C LEU D 148 -13.58 19.11 30.05
N ASP D 149 -12.47 19.43 30.71
CA ASP D 149 -12.24 18.89 32.07
C ASP D 149 -12.91 19.77 33.11
N GLU D 150 -12.73 19.40 34.36
CA GLU D 150 -13.39 20.06 35.45
C GLU D 150 -12.91 21.50 35.65
N HIS D 151 -11.76 21.89 35.05
CA HIS D 151 -11.23 23.27 35.18
C HIS D 151 -11.50 24.14 33.97
N GLY D 152 -12.17 23.58 32.97
CA GLY D 152 -12.52 24.31 31.79
C GLY D 152 -11.50 24.27 30.63
N HIS D 153 -10.57 23.33 30.66
CA HIS D 153 -9.68 23.14 29.53
C HIS D 153 -10.34 22.28 28.49
N VAL D 154 -10.00 22.53 27.23
CA VAL D 154 -10.68 21.87 26.11
C VAL D 154 -9.75 20.80 25.51
N HIS D 155 -10.33 19.76 24.95
CA HIS D 155 -9.60 18.53 24.54
C HIS D 155 -10.24 17.93 23.32
N ILE D 156 -9.41 17.46 22.38
CA ILE D 156 -9.89 16.84 21.15
C ILE D 156 -10.12 15.34 21.39
N THR D 157 -11.31 14.85 21.02
CA THR D 157 -11.57 13.43 20.99
C THR D 157 -12.25 12.95 19.66
N ASP D 158 -12.67 11.67 19.65
CA ASP D 158 -13.27 11.02 18.48
C ASP D 158 -12.45 11.07 17.21
N PHE D 159 -11.44 10.21 17.17
CA PHE D 159 -10.55 10.10 16.03
C PHE D 159 -11.10 9.08 15.03
N ASN D 160 -12.42 8.97 14.98
CA ASN D 160 -13.09 7.94 14.15
C ASN D 160 -12.72 8.04 12.64
N ILE D 161 -12.54 9.26 12.15
CA ILE D 161 -12.09 9.44 10.80
C ILE D 161 -10.77 10.15 10.65
N ALA D 162 -9.91 10.06 11.68
CA ALA D 162 -8.60 10.66 11.61
C ALA D 162 -7.69 9.83 10.70
N ALA D 163 -6.81 10.50 9.98
CA ALA D 163 -5.95 9.81 8.98
C ALA D 163 -4.50 10.13 9.22
N MET D 164 -3.65 9.14 8.98
CA MET D 164 -2.26 9.35 8.89
C MET D 164 -1.95 9.81 7.49
N LEU D 165 -1.30 10.98 7.35
CA LEU D 165 -0.92 11.52 6.03
C LEU D 165 0.59 11.46 5.87
N PRO D 166 1.11 10.48 5.11
CA PRO D 166 2.57 10.41 4.86
C PRO D 166 3.11 11.64 4.16
N ARG D 167 4.40 11.91 4.33
CA ARG D 167 5.02 13.10 3.74
C ARG D 167 4.95 13.04 2.23
N GLU D 168 4.77 14.20 1.62
CA GLU D 168 4.68 14.30 0.17
C GLU D 168 3.61 13.37 -0.39
N THR D 169 2.50 13.25 0.34
CA THR D 169 1.30 12.64 -0.20
C THR D 169 0.14 13.57 0.03
N GLN D 170 -0.96 13.30 -0.65
CA GLN D 170 -2.15 14.10 -0.46
C GLN D 170 -3.34 13.19 -0.24
N ILE D 171 -4.42 13.77 0.22
CA ILE D 171 -5.60 13.02 0.52
C ILE D 171 -6.77 13.72 -0.17
N THR D 172 -7.64 12.93 -0.81
CA THR D 172 -8.77 13.48 -1.56
C THR D 172 -10.14 13.06 -0.98
N THR D 173 -10.17 11.95 -0.23
CA THR D 173 -11.45 11.34 0.14
C THR D 173 -12.27 12.28 1.02
N MET D 174 -13.55 12.36 0.71
CA MET D 174 -14.46 13.24 1.36
C MET D 174 -14.90 12.56 2.67
N ALA D 175 -14.43 13.08 3.79
CA ALA D 175 -14.90 12.60 5.06
C ALA D 175 -14.87 13.74 6.07
N GLY D 176 -16.00 13.99 6.72
CA GLY D 176 -16.09 15.06 7.69
C GLY D 176 -17.52 15.43 8.01
N THR D 177 -17.71 16.40 8.90
CA THR D 177 -19.02 17.01 9.11
C THR D 177 -19.13 18.26 8.27
N LYS D 178 -20.08 18.26 7.36
CA LYS D 178 -20.06 19.15 6.20
C LYS D 178 -20.01 20.65 6.56
N PRO D 179 -20.79 21.09 7.57
CA PRO D 179 -20.75 22.52 7.88
C PRO D 179 -19.42 22.95 8.48
N TYR D 180 -18.55 21.99 8.82
CA TYR D 180 -17.20 22.30 9.38
C TYR D 180 -16.07 22.05 8.40
N MET D 181 -16.40 21.54 7.22
CA MET D 181 -15.41 21.08 6.29
C MET D 181 -14.93 22.24 5.43
N ALA D 182 -13.64 22.23 5.09
CA ALA D 182 -12.98 23.35 4.42
C ALA D 182 -13.27 23.33 2.92
N PRO D 183 -13.23 24.51 2.27
CA PRO D 183 -13.56 24.62 0.86
C PRO D 183 -12.73 23.73 -0.05
N GLU D 184 -11.47 23.53 0.28
CA GLU D 184 -10.60 22.72 -0.56
C GLU D 184 -10.98 21.24 -0.55
N MET D 185 -11.84 20.85 0.40
CA MET D 185 -12.31 19.46 0.49
C MET D 185 -13.36 19.16 -0.57
N PHE D 186 -14.00 20.21 -1.11
CA PHE D 186 -15.07 20.06 -2.09
C PHE D 186 -14.65 20.31 -3.52
N SER D 187 -13.51 20.94 -3.75
CA SER D 187 -13.07 21.25 -5.12
CA SER D 187 -13.11 21.25 -5.12
C SER D 187 -12.93 19.95 -5.91
N SER D 188 -13.55 19.90 -7.08
CA SER D 188 -13.53 18.74 -7.96
C SER D 188 -12.48 18.91 -9.08
N ARG D 189 -11.59 19.90 -8.93
CA ARG D 189 -10.44 20.03 -9.83
C ARG D 189 -9.55 18.79 -9.69
N LYS D 190 -9.26 18.13 -10.82
CA LYS D 190 -8.55 16.85 -10.84
C LYS D 190 -7.18 16.95 -10.16
N GLY D 191 -6.48 18.05 -10.40
CA GLY D 191 -5.25 18.37 -9.65
C GLY D 191 -5.55 19.10 -8.34
N ALA D 192 -5.68 18.32 -7.25
CA ALA D 192 -6.19 18.85 -5.99
C ALA D 192 -5.93 17.89 -4.83
N GLY D 193 -6.53 18.20 -3.69
CA GLY D 193 -6.39 17.41 -2.46
C GLY D 193 -6.55 18.32 -1.27
N TYR D 194 -6.38 17.78 -0.08
CA TYR D 194 -6.32 18.62 1.11
C TYR D 194 -5.32 18.06 2.11
N SER D 195 -5.10 18.80 3.18
CA SER D 195 -4.07 18.47 4.18
C SER D 195 -4.48 18.95 5.59
N PHE D 196 -3.48 19.10 6.45
CA PHE D 196 -3.71 19.45 7.85
C PHE D 196 -4.50 20.74 8.03
N ALA D 197 -4.39 21.65 7.07
CA ALA D 197 -5.06 22.93 7.18
C ALA D 197 -6.56 22.83 7.38
N VAL D 198 -7.18 21.71 6.98
CA VAL D 198 -8.65 21.57 7.15
C VAL D 198 -9.05 21.57 8.63
N ASP D 199 -8.20 21.01 9.48
CA ASP D 199 -8.47 21.04 10.92
C ASP D 199 -8.48 22.48 11.48
N TRP D 200 -7.79 23.39 10.80
CA TRP D 200 -7.67 24.77 11.28
C TRP D 200 -8.84 25.59 10.86
N TRP D 201 -9.35 25.32 9.66
CA TRP D 201 -10.64 25.84 9.20
C TRP D 201 -11.76 25.49 10.13
N SER D 202 -11.88 24.20 10.44
CA SER D 202 -12.94 23.74 11.32
C SER D 202 -12.81 24.35 12.73
N LEU D 203 -11.58 24.55 13.19
CA LEU D 203 -11.36 25.25 14.47
C LEU D 203 -11.93 26.69 14.41
N GLY D 204 -11.62 27.40 13.33
CA GLY D 204 -12.29 28.63 13.00
C GLY D 204 -13.80 28.58 13.13
N VAL D 205 -14.42 27.60 12.45
CA VAL D 205 -15.86 27.53 12.38
C VAL D 205 -16.37 27.33 13.78
N THR D 206 -15.73 26.43 14.50
CA THR D 206 -16.08 26.12 15.90
C THR D 206 -15.95 27.36 16.76
N ALA D 207 -14.82 28.06 16.65
CA ALA D 207 -14.59 29.29 17.43
C ALA D 207 -15.66 30.33 17.14
N TYR D 208 -15.94 30.55 15.85
CA TYR D 208 -17.01 31.47 15.43
C TYR D 208 -18.34 31.04 16.06
N GLU D 209 -18.60 29.76 16.00
CA GLU D 209 -19.86 29.20 16.49
C GLU D 209 -19.99 29.38 18.00
N LEU D 210 -18.90 29.24 18.72
CA LEU D 210 -18.93 29.45 20.17
C LEU D 210 -19.24 30.91 20.52
N LEU D 211 -18.66 31.85 19.77
CA LEU D 211 -18.89 33.28 20.03
C LEU D 211 -20.26 33.74 19.60
N ARG D 212 -20.63 33.45 18.36
CA ARG D 212 -21.93 33.94 17.84
C ARG D 212 -23.15 33.10 18.23
N GLY D 213 -22.95 31.83 18.54
CA GLY D 213 -24.08 30.91 18.82
C GLY D 213 -24.60 30.23 17.55
N ARG D 214 -23.92 30.47 16.45
CA ARG D 214 -24.23 29.78 15.22
C ARG D 214 -23.05 29.85 14.25
N ARG D 215 -23.11 29.00 13.23
CA ARG D 215 -22.00 28.82 12.33
C ARG D 215 -21.98 29.92 11.34
N PRO D 216 -20.83 30.14 10.72
CA PRO D 216 -20.64 31.26 9.80
C PRO D 216 -21.16 31.03 8.39
N TYR D 217 -21.39 29.76 8.02
CA TYR D 217 -22.07 29.40 6.76
C TYR D 217 -23.27 28.57 7.02
N HIS D 218 -24.29 28.74 6.19
CA HIS D 218 -25.46 27.88 6.24
CA HIS D 218 -25.46 27.88 6.24
C HIS D 218 -25.23 26.69 5.35
N ILE D 219 -24.96 25.54 5.98
CA ILE D 219 -24.61 24.31 5.28
C ILE D 219 -25.16 23.17 6.12
N ARG D 220 -25.89 22.26 5.49
CA ARG D 220 -26.40 21.10 6.19
C ARG D 220 -25.74 19.84 5.68
N SER D 221 -25.99 18.74 6.38
CA SER D 221 -25.46 17.46 5.96
C SER D 221 -26.06 17.07 4.61
N SER D 222 -27.23 17.65 4.30
CA SER D 222 -27.98 17.30 3.09
C SER D 222 -27.53 18.12 1.89
N THR D 223 -26.80 19.20 2.12
CA THR D 223 -26.52 20.18 1.06
C THR D 223 -25.58 19.61 0.02
N SER D 224 -25.91 19.85 -1.24
CA SER D 224 -25.12 19.36 -2.37
C SER D 224 -23.74 20.01 -2.38
N SER D 225 -22.77 19.28 -2.92
CA SER D 225 -21.44 19.78 -3.00
C SER D 225 -21.35 21.06 -3.83
N LYS D 226 -22.18 21.16 -4.88
CA LYS D 226 -22.21 22.35 -5.70
C LYS D 226 -22.73 23.54 -4.94
N GLU D 227 -23.79 23.36 -4.16
CA GLU D 227 -24.30 24.47 -3.33
C GLU D 227 -23.28 24.92 -2.27
N ILE D 228 -22.44 23.99 -1.83
CA ILE D 228 -21.43 24.30 -0.82
C ILE D 228 -20.32 25.12 -1.44
N VAL D 229 -19.81 24.69 -2.59
CA VAL D 229 -18.76 25.43 -3.23
C VAL D 229 -19.26 26.87 -3.51
N HIS D 230 -20.54 27.01 -3.79
CA HIS D 230 -21.15 28.29 -4.19
C HIS D 230 -21.34 29.17 -2.99
N THR D 231 -21.74 28.57 -1.86
CA THR D 231 -21.80 29.29 -0.59
C THR D 231 -20.41 29.85 -0.21
N PHE D 232 -19.37 29.04 -0.36
CA PHE D 232 -18.02 29.46 -0.04
C PHE D 232 -17.52 30.58 -0.96
N GLU D 233 -17.99 30.57 -2.21
CA GLU D 233 -17.47 31.46 -3.21
C GLU D 233 -18.24 32.76 -3.24
N THR D 234 -19.44 32.79 -2.64
CA THR D 234 -20.32 33.97 -2.74
C THR D 234 -20.94 34.45 -1.42
N THR D 235 -20.62 33.80 -0.32
CA THR D 235 -21.09 34.30 0.98
C THR D 235 -19.94 34.97 1.70
N VAL D 236 -20.13 36.24 2.05
CA VAL D 236 -19.20 36.94 2.95
C VAL D 236 -19.64 36.72 4.38
N VAL D 237 -18.70 36.29 5.24
CA VAL D 237 -19.02 35.97 6.64
C VAL D 237 -19.32 37.26 7.39
N THR D 238 -20.38 37.24 8.19
CA THR D 238 -20.74 38.38 9.04
C THR D 238 -19.94 38.32 10.34
N TYR D 239 -19.31 39.43 10.70
CA TYR D 239 -18.59 39.55 11.96
C TYR D 239 -19.21 40.66 12.81
N PRO D 240 -20.05 40.29 13.80
CA PRO D 240 -20.70 41.30 14.61
C PRO D 240 -19.73 42.41 15.07
N SER D 241 -20.13 43.66 14.89
CA SER D 241 -19.25 44.80 15.19
C SER D 241 -18.85 44.84 16.68
N ALA D 242 -19.71 44.29 17.54
CA ALA D 242 -19.45 44.24 19.00
C ALA D 242 -18.16 43.47 19.35
N TRP D 243 -17.77 42.50 18.52
CA TRP D 243 -16.54 41.72 18.74
C TRP D 243 -15.36 42.59 18.58
N SER D 244 -14.24 42.19 19.18
CA SER D 244 -12.99 42.93 19.02
C SER D 244 -12.40 42.69 17.63
N GLN D 245 -11.76 43.73 17.09
CA GLN D 245 -11.12 43.63 15.78
C GLN D 245 -9.97 42.63 15.76
N GLU D 246 -9.43 42.31 16.93
CA GLU D 246 -8.32 41.37 17.01
C GLU D 246 -8.84 39.93 16.84
N MET D 247 -9.91 39.61 17.54
CA MET D 247 -10.54 38.31 17.40
C MET D 247 -11.04 38.15 15.94
N VAL D 248 -11.71 39.17 15.44
CA VAL D 248 -12.20 39.12 14.09
C VAL D 248 -11.09 38.75 13.10
N SER D 249 -9.91 39.34 13.26
CA SER D 249 -8.83 39.12 12.30
C SER D 249 -8.14 37.77 12.51
N LEU D 250 -8.25 37.23 13.73
CA LEU D 250 -7.78 35.86 14.01
C LEU D 250 -8.75 34.85 13.36
N LEU D 251 -10.04 35.01 13.64
CA LEU D 251 -11.07 34.15 13.05
C LEU D 251 -10.98 34.15 11.52
N LYS D 252 -10.75 35.32 10.93
CA LYS D 252 -10.53 35.44 9.49
C LYS D 252 -9.26 34.70 8.99
N LYS D 253 -8.20 34.67 9.77
CA LYS D 253 -7.01 33.96 9.33
C LYS D 253 -7.18 32.46 9.41
N LEU D 254 -8.08 31.99 10.29
CA LEU D 254 -8.42 30.58 10.37
C LEU D 254 -9.43 30.21 9.26
N LEU D 255 -10.35 31.12 8.97
CA LEU D 255 -11.35 30.90 7.93
C LEU D 255 -10.92 31.41 6.56
N GLU D 256 -9.62 31.41 6.27
CA GLU D 256 -9.14 31.74 4.92
CA GLU D 256 -9.16 31.74 4.93
C GLU D 256 -9.58 30.65 3.97
N PRO D 257 -10.41 30.98 2.98
CA PRO D 257 -10.82 29.94 2.04
C PRO D 257 -9.65 29.26 1.34
N ASN D 258 -8.57 29.99 1.09
CA ASN D 258 -7.37 29.38 0.48
C ASN D 258 -6.39 28.81 1.51
N PRO D 259 -6.26 27.47 1.59
CA PRO D 259 -5.45 26.83 2.65
C PRO D 259 -4.00 27.37 2.74
N ASP D 260 -3.43 27.77 1.61
CA ASP D 260 -2.04 28.25 1.58
C ASP D 260 -1.88 29.57 2.35
N GLN D 261 -3.00 30.28 2.51
CA GLN D 261 -3.03 31.55 3.20
C GLN D 261 -3.54 31.37 4.62
N ARG D 262 -3.90 30.16 4.96
CA ARG D 262 -4.56 29.89 6.24
C ARG D 262 -3.53 29.62 7.34
N PHE D 263 -3.84 30.10 8.54
CA PHE D 263 -3.10 29.67 9.72
C PHE D 263 -3.23 28.16 9.81
N SER D 264 -2.10 27.48 9.90
CA SER D 264 -2.07 26.03 9.81
C SER D 264 -0.93 25.42 10.59
N GLN D 265 -0.45 26.15 11.60
CA GLN D 265 0.82 25.83 12.28
C GLN D 265 0.89 26.65 13.59
N LEU D 266 1.53 26.12 14.61
CA LEU D 266 1.56 26.82 15.88
C LEU D 266 2.23 28.21 15.73
N SER D 267 3.38 28.25 15.05
CA SER D 267 4.13 29.50 14.85
C SER D 267 3.26 30.62 14.24
N ASP D 268 2.34 30.29 13.35
CA ASP D 268 1.45 31.30 12.78
C ASP D 268 0.67 32.00 13.86
N VAL D 269 0.20 31.24 14.86
CA VAL D 269 -0.64 31.80 15.91
C VAL D 269 0.21 32.53 16.94
N GLN D 270 1.36 31.93 17.28
CA GLN D 270 2.31 32.52 18.25
C GLN D 270 2.77 33.93 17.88
N ASN D 271 2.97 34.18 16.58
CA ASN D 271 3.55 35.43 16.11
C ASN D 271 2.46 36.47 15.81
N PHE D 272 1.22 36.08 15.97
CA PHE D 272 0.10 36.97 15.72
C PHE D 272 -0.07 37.96 16.91
N PRO D 273 -0.11 39.28 16.60
CA PRO D 273 -0.15 40.34 17.61
C PRO D 273 -1.15 40.14 18.75
N TYR D 274 -2.38 39.78 18.42
CA TYR D 274 -3.41 39.42 19.46
C TYR D 274 -2.85 38.45 20.50
N MET D 275 -1.88 37.63 20.09
CA MET D 275 -1.39 36.55 20.92
C MET D 275 -0.08 36.87 21.61
N ASN D 276 0.34 38.13 21.55
CA ASN D 276 1.65 38.51 22.12
C ASN D 276 1.66 38.49 23.63
N ASP D 277 0.48 38.41 24.27
CA ASP D 277 0.39 38.26 25.72
C ASP D 277 0.33 36.80 26.21
N ILE D 278 0.40 35.85 25.29
CA ILE D 278 0.22 34.42 25.65
C ILE D 278 1.54 33.77 26.06
N ASN D 279 1.55 33.20 27.25
CA ASN D 279 2.61 32.35 27.69
C ASN D 279 2.32 30.88 27.30
N TRP D 280 3.04 30.39 26.31
CA TRP D 280 2.73 29.09 25.71
C TRP D 280 3.16 27.97 26.57
N ASP D 281 4.13 28.22 27.42
CA ASP D 281 4.52 27.24 28.39
C ASP D 281 3.35 27.06 29.41
N ALA D 282 2.72 28.16 29.78
CA ALA D 282 1.61 28.13 30.70
C ALA D 282 0.40 27.47 30.03
N VAL D 283 0.20 27.75 28.75
CA VAL D 283 -0.86 27.09 27.99
C VAL D 283 -0.71 25.58 28.04
N PHE D 284 0.46 25.08 27.64
CA PHE D 284 0.73 23.65 27.63
C PHE D 284 0.49 23.05 29.00
N GLN D 285 0.89 23.77 30.05
CA GLN D 285 0.88 23.22 31.39
C GLN D 285 -0.49 23.36 32.05
N LYS D 286 -1.46 23.87 31.28
CA LYS D 286 -2.83 24.08 31.77
C LYS D 286 -2.88 25.13 32.88
N ARG D 287 -2.05 26.18 32.74
CA ARG D 287 -1.98 27.24 33.75
C ARG D 287 -2.79 28.43 33.33
N LEU D 288 -3.13 28.54 32.06
CA LEU D 288 -4.07 29.58 31.65
C LEU D 288 -5.53 29.06 31.70
N ILE D 289 -6.26 29.47 32.72
CA ILE D 289 -7.66 29.09 32.87
C ILE D 289 -8.52 29.90 31.91
N PRO D 290 -9.27 29.22 31.00
CA PRO D 290 -10.06 29.96 29.97
C PRO D 290 -11.17 30.77 30.55
N GLY D 291 -11.74 30.31 31.65
CA GLY D 291 -12.66 31.11 32.40
C GLY D 291 -14.11 30.74 32.20
N PHE D 292 -14.34 29.57 31.61
CA PHE D 292 -15.69 28.99 31.61
C PHE D 292 -15.73 27.81 32.57
N ILE D 293 -16.66 27.84 33.52
CA ILE D 293 -16.80 26.73 34.47
C ILE D 293 -18.12 25.93 34.28
N PRO D 294 -18.00 24.59 34.03
CA PRO D 294 -19.14 23.70 33.79
C PRO D 294 -19.65 22.93 35.04
N ASN D 295 -19.39 23.47 36.24
CA ASN D 295 -19.94 22.93 37.48
C ASN D 295 -21.00 23.88 38.05
N LYS D 296 -22.21 23.37 38.28
CA LYS D 296 -23.26 24.13 38.96
C LYS D 296 -23.22 23.85 40.47
N GLY D 297 -22.13 24.26 41.12
CA GLY D 297 -21.93 23.99 42.55
C GLY D 297 -20.85 24.88 43.19
N ARG D 298 -21.27 25.66 44.20
CA ARG D 298 -20.36 26.61 44.89
C ARG D 298 -19.41 25.89 45.85
N LEU D 299 -18.30 26.54 46.18
CA LEU D 299 -17.17 25.89 46.89
C LEU D 299 -16.18 25.24 45.88
N ASN D 300 -16.47 25.39 44.59
CA ASN D 300 -15.78 24.63 43.54
C ASN D 300 -14.51 25.30 43.11
N CYS D 301 -13.55 25.37 44.03
CA CYS D 301 -12.22 25.92 43.72
C CYS D 301 -11.44 24.91 42.89
N ASP D 302 -11.47 23.65 43.34
CA ASP D 302 -11.25 22.51 42.45
C ASP D 302 -12.53 21.68 42.44
N PRO D 303 -13.33 21.80 41.34
CA PRO D 303 -14.57 21.00 41.25
C PRO D 303 -14.33 19.52 40.92
N THR D 304 -13.05 19.12 40.72
CA THR D 304 -12.69 17.69 40.48
C THR D 304 -13.54 16.73 41.35
N PHE D 305 -13.68 17.08 42.64
CA PHE D 305 -14.17 16.15 43.66
C PHE D 305 -15.69 16.09 43.73
N GLU D 306 -16.33 17.25 43.55
CA GLU D 306 -17.79 17.31 43.48
C GLU D 306 -18.29 16.64 42.18
N LEU D 307 -17.62 16.92 41.05
CA LEU D 307 -17.99 16.34 39.76
C LEU D 307 -17.87 14.81 39.79
N GLU D 308 -16.78 14.31 40.40
CA GLU D 308 -16.61 12.85 40.60
C GLU D 308 -17.71 12.22 41.46
N GLU D 309 -18.15 12.95 42.49
CA GLU D 309 -19.20 12.44 43.36
C GLU D 309 -20.55 12.32 42.64
N MET D 310 -20.88 13.30 41.78
CA MET D 310 -22.17 13.30 41.07
C MET D 310 -22.34 11.97 40.32
N ILE D 311 -21.28 11.59 39.59
CA ILE D 311 -21.27 10.42 38.73
C ILE D 311 -21.51 9.12 39.50
N LEU D 312 -20.58 8.77 40.38
CA LEU D 312 -20.66 7.49 41.11
C LEU D 312 -21.89 7.43 42.06
N GLU D 313 -22.33 8.60 42.55
CA GLU D 313 -23.54 8.69 43.37
C GLU D 313 -24.78 8.24 42.60
N SER D 314 -24.81 8.55 41.30
CA SER D 314 -25.97 8.25 40.42
C SER D 314 -25.86 6.85 39.77
N LYS D 315 -24.67 6.25 39.80
CA LYS D 315 -24.44 4.91 39.24
C LYS D 315 -25.55 3.93 39.62
N ASP D 330 -16.37 -22.77 22.36
CA ASP D 330 -15.23 -23.49 21.79
C ASP D 330 -15.52 -24.01 20.36
N MET D 331 -16.62 -24.75 20.21
CA MET D 331 -16.92 -25.47 18.95
C MET D 331 -17.33 -24.51 17.82
N ARG D 332 -16.47 -24.38 16.80
CA ARG D 332 -16.78 -23.57 15.60
C ARG D 332 -17.89 -24.23 14.76
N LYS D 333 -18.94 -23.47 14.48
CA LYS D 333 -20.24 -24.03 14.11
C LYS D 333 -20.67 -23.55 12.71
N CYS D 334 -19.68 -23.05 11.97
CA CYS D 334 -19.85 -22.61 10.57
C CYS D 334 -20.90 -23.37 9.78
N ASP D 335 -21.81 -22.64 9.13
CA ASP D 335 -23.06 -23.21 8.60
C ASP D 335 -23.37 -22.84 7.10
N SER D 336 -23.01 -21.63 6.68
CA SER D 336 -23.44 -21.04 5.40
C SER D 336 -22.49 -19.92 5.04
N SER D 337 -22.51 -19.45 3.81
CA SER D 337 -21.56 -18.38 3.40
C SER D 337 -21.53 -17.24 4.44
N GLN D 338 -22.70 -16.79 4.85
CA GLN D 338 -22.81 -15.70 5.80
C GLN D 338 -22.19 -16.04 7.15
N THR D 339 -22.63 -17.12 7.78
CA THR D 339 -22.12 -17.47 9.09
C THR D 339 -20.62 -17.76 9.02
N CYS D 340 -20.19 -18.32 7.91
CA CYS D 340 -18.81 -18.75 7.77
C CYS D 340 -17.84 -17.56 7.61
N LEU D 341 -18.18 -16.63 6.73
CA LEU D 341 -17.41 -15.40 6.60
C LEU D 341 -17.35 -14.64 7.92
N LEU D 342 -18.46 -14.59 8.64
CA LEU D 342 -18.50 -13.92 9.95
C LEU D 342 -17.51 -14.61 10.88
N GLN D 343 -17.61 -15.92 11.01
CA GLN D 343 -16.78 -16.63 11.98
C GLN D 343 -15.31 -16.49 11.60
N GLU D 344 -15.02 -16.50 10.30
CA GLU D 344 -13.63 -16.33 9.84
C GLU D 344 -13.08 -14.95 10.14
N HIS D 345 -13.90 -13.93 9.96
CA HIS D 345 -13.46 -12.58 10.23
C HIS D 345 -13.26 -12.37 11.72
N LEU D 346 -14.24 -12.80 12.53
CA LEU D 346 -14.10 -12.74 13.99
C LEU D 346 -12.81 -13.41 14.47
N ASP D 347 -12.56 -14.64 14.02
CA ASP D 347 -11.31 -15.29 14.36
C ASP D 347 -10.14 -14.41 13.99
N SER D 348 -10.22 -13.77 12.84
CA SER D 348 -9.13 -12.91 12.37
C SER D 348 -8.99 -11.65 13.26
N VAL D 349 -10.10 -11.12 13.73
CA VAL D 349 -10.03 -10.00 14.58
C VAL D 349 -9.35 -10.39 15.91
N GLN D 350 -9.77 -11.53 16.52
CA GLN D 350 -9.17 -11.99 17.76
C GLN D 350 -7.67 -12.09 17.65
N LYS D 351 -7.18 -12.65 16.56
CA LYS D 351 -5.74 -12.92 16.39
C LYS D 351 -4.96 -11.65 16.15
N GLU D 352 -5.58 -10.68 15.48
CA GLU D 352 -4.83 -9.54 14.91
C GLU D 352 -4.86 -8.36 15.84
N PHE D 353 -5.77 -8.39 16.80
CA PHE D 353 -5.94 -7.29 17.73
C PHE D 353 -4.67 -7.09 18.56
N ILE D 354 -4.23 -5.84 18.69
CA ILE D 354 -3.03 -5.59 19.51
C ILE D 354 -3.39 -4.84 20.79
N ILE D 355 -3.12 -5.51 21.92
CA ILE D 355 -3.38 -4.93 23.21
C ILE D 355 -2.44 -3.75 23.42
N PHE D 356 -3.00 -2.64 23.88
CA PHE D 356 -2.22 -1.49 24.28
C PHE D 356 -2.44 -1.20 25.73
N ASN D 357 -1.36 -0.83 26.41
CA ASN D 357 -1.42 -0.45 27.78
C ASN D 357 -0.35 0.64 28.07
N ARG D 358 -0.80 1.86 28.35
CA ARG D 358 0.10 2.96 28.54
C ARG D 358 0.83 2.88 29.90
N GLU D 359 0.17 2.40 30.95
CA GLU D 359 0.87 2.13 32.22
C GLU D 359 2.14 1.32 31.95
N LYS D 360 2.00 0.20 31.24
CA LYS D 360 3.14 -0.63 30.86
C LYS D 360 4.16 0.16 30.05
N VAL D 361 3.70 0.97 29.11
CA VAL D 361 4.64 1.74 28.30
C VAL D 361 5.36 2.77 29.18
N ASN D 362 4.69 3.22 30.24
CA ASN D 362 5.28 4.18 31.16
C ASN D 362 6.33 3.47 32.09
N ARG D 363 5.88 2.51 32.89
CA ARG D 363 6.79 1.59 33.63
C ARG D 363 8.05 1.17 32.84
N ASP D 364 7.86 0.69 31.62
CA ASP D 364 8.98 0.20 30.79
C ASP D 364 9.74 1.35 30.08
N PHE D 365 9.41 2.58 30.44
CA PHE D 365 10.22 3.74 30.10
C PHE D 365 11.14 4.09 31.29
N ASN D 366 10.64 3.81 32.51
CA ASN D 366 11.34 4.14 33.77
C ASN D 366 12.18 2.94 34.30
N LYS D 367 12.71 2.12 33.39
CA LYS D 367 13.43 0.91 33.77
C LYS D 367 14.14 0.30 32.56
N GLU E 8 3.57 59.57 60.78
CA GLU E 8 2.11 59.46 60.48
C GLU E 8 1.76 58.01 60.17
N ASN E 9 0.53 57.62 60.48
CA ASN E 9 0.01 56.28 60.16
C ASN E 9 -1.01 56.32 59.00
N GLU E 10 -0.68 57.08 57.96
CA GLU E 10 -1.57 57.23 56.80
C GLU E 10 -1.31 56.11 55.75
N ASP E 11 -2.39 55.59 55.18
CA ASP E 11 -2.28 54.50 54.23
C ASP E 11 -1.85 55.02 52.86
N VAL E 12 -0.85 54.35 52.27
CA VAL E 12 -0.43 54.65 50.92
C VAL E 12 -1.39 53.98 49.96
N ASN E 13 -1.90 54.73 48.97
CA ASN E 13 -2.78 54.17 47.95
C ASN E 13 -2.50 54.82 46.61
N PHE E 14 -3.30 54.46 45.59
CA PHE E 14 -3.02 54.80 44.19
C PHE E 14 -2.89 56.34 43.98
N ASP E 15 -3.59 57.11 44.81
CA ASP E 15 -3.55 58.55 44.71
C ASP E 15 -2.23 59.18 45.22
N HIS E 16 -1.43 58.39 45.94
CA HIS E 16 -0.11 58.85 46.39
C HIS E 16 0.93 58.80 45.32
N PHE E 17 0.55 58.47 44.09
CA PHE E 17 1.52 58.30 43.01
C PHE E 17 1.10 59.03 41.76
N GLU E 18 2.08 59.23 40.87
CA GLU E 18 1.88 59.76 39.55
C GLU E 18 2.31 58.71 38.58
N ILE E 19 1.48 58.40 37.60
CA ILE E 19 1.78 57.32 36.66
C ILE E 19 2.55 57.87 35.47
N LEU E 20 3.67 57.24 35.18
CA LEU E 20 4.48 57.61 34.02
C LEU E 20 4.43 56.45 33.03
N ARG E 21 5.42 56.37 32.18
CA ARG E 21 5.42 55.44 31.06
C ARG E 21 5.11 53.97 31.45
N ALA E 22 4.37 53.28 30.60
CA ALA E 22 4.21 51.84 30.70
C ALA E 22 5.51 51.18 30.25
N ILE E 23 5.92 50.09 30.89
CA ILE E 23 7.18 49.43 30.52
C ILE E 23 7.04 47.94 30.30
N GLY E 24 5.86 47.40 30.56
CA GLY E 24 5.62 45.97 30.31
C GLY E 24 4.16 45.62 30.39
N LYS E 25 3.87 44.39 30.02
CA LYS E 25 2.52 43.98 29.77
C LYS E 25 2.25 42.69 30.53
N GLY E 26 0.99 42.48 30.85
CA GLY E 26 0.54 41.25 31.45
C GLY E 26 -0.85 40.90 30.95
N SER E 27 -1.22 39.64 31.10
CA SER E 27 -2.57 39.22 30.78
C SER E 27 -3.58 39.87 31.74
N PHE E 28 -3.11 40.25 32.94
CA PHE E 28 -4.00 40.84 33.98
C PHE E 28 -3.78 42.31 34.23
N GLY E 29 -2.87 42.91 33.46
CA GLY E 29 -2.63 44.34 33.52
C GLY E 29 -1.18 44.69 33.28
N LYS E 30 -0.92 45.98 33.16
CA LYS E 30 0.38 46.46 32.75
C LYS E 30 1.37 46.62 33.95
N VAL E 31 2.65 46.75 33.62
CA VAL E 31 3.64 47.30 34.55
C VAL E 31 4.02 48.71 34.09
N CYS E 32 4.08 49.64 35.01
CA CYS E 32 4.29 51.06 34.73
CA CYS E 32 4.43 50.99 34.65
C CYS E 32 5.40 51.62 35.64
N ILE E 33 5.96 52.76 35.25
CA ILE E 33 6.83 53.52 36.15
C ILE E 33 5.97 54.52 36.91
N VAL E 34 6.13 54.58 38.22
CA VAL E 34 5.39 55.54 39.03
C VAL E 34 6.34 56.40 39.85
N GLN E 35 5.88 57.60 40.20
CA GLN E 35 6.61 58.46 41.11
C GLN E 35 5.76 58.75 42.35
N LYS E 36 6.31 58.49 43.52
CA LYS E 36 5.62 58.80 44.74
C LYS E 36 5.63 60.31 44.99
N ASN E 37 4.44 60.90 45.12
CA ASN E 37 4.29 62.35 45.16
C ASN E 37 5.11 63.05 46.23
N ASP E 38 5.16 62.46 47.43
CA ASP E 38 5.82 63.13 48.54
C ASP E 38 7.34 63.07 48.49
N THR E 39 7.89 61.86 48.37
CA THR E 39 9.35 61.68 48.33
C THR E 39 9.93 61.95 46.95
N LYS E 40 9.09 61.84 45.92
CA LYS E 40 9.55 61.93 44.52
C LYS E 40 10.36 60.72 44.06
N LYS E 41 10.39 59.67 44.88
CA LYS E 41 11.12 58.44 44.53
C LYS E 41 10.31 57.67 43.43
N MET E 42 11.02 57.04 42.51
CA MET E 42 10.40 56.31 41.43
C MET E 42 10.38 54.80 41.71
N TYR E 43 9.34 54.13 41.23
CA TYR E 43 9.17 52.70 41.44
C TYR E 43 8.59 52.10 40.22
N ALA E 44 8.57 50.76 40.15
CA ALA E 44 7.74 50.05 39.18
C ALA E 44 6.43 49.63 39.88
N MET E 45 5.31 49.77 39.17
CA MET E 45 4.01 49.31 39.69
C MET E 45 3.32 48.32 38.76
N LYS E 46 2.88 47.20 39.32
CA LYS E 46 2.13 46.21 38.57
C LYS E 46 0.61 46.34 38.85
N TYR E 47 -0.15 46.62 37.76
CA TYR E 47 -1.65 46.65 37.78
C TYR E 47 -2.12 45.25 37.63
N MET E 48 -3.11 44.88 38.41
CA MET E 48 -3.79 43.60 38.19
C MET E 48 -5.30 43.83 38.31
N ASN E 49 -6.01 43.60 37.21
CA ASN E 49 -7.45 43.87 37.11
C ASN E 49 -8.26 42.87 37.94
N LYS E 50 -9.05 43.38 38.88
CA LYS E 50 -9.78 42.53 39.81
C LYS E 50 -10.76 41.65 39.05
N GLN E 51 -11.49 42.21 38.12
CA GLN E 51 -12.52 41.44 37.43
C GLN E 51 -11.91 40.30 36.62
N LYS E 52 -10.82 40.59 35.90
CA LYS E 52 -10.13 39.55 35.11
C LYS E 52 -9.55 38.47 36.02
N CYS E 53 -9.05 38.88 37.18
CA CYS E 53 -8.50 37.94 38.12
C CYS E 53 -9.56 37.00 38.66
N VAL E 54 -10.75 37.51 38.93
CA VAL E 54 -11.83 36.69 39.46
C VAL E 54 -12.30 35.72 38.39
N GLU E 55 -12.47 36.24 37.18
CA GLU E 55 -12.98 35.43 36.07
C GLU E 55 -12.02 34.31 35.74
N ARG E 56 -10.74 34.57 35.87
CA ARG E 56 -9.74 33.60 35.47
C ARG E 56 -9.12 32.88 36.62
N ASN E 57 -9.72 33.02 37.80
CA ASN E 57 -9.28 32.29 38.99
C ASN E 57 -7.77 32.59 39.36
N GLU E 58 -7.37 33.85 39.25
CA GLU E 58 -6.01 34.26 39.60
C GLU E 58 -5.88 34.94 40.97
N VAL E 59 -7.00 35.31 41.60
CA VAL E 59 -6.94 35.98 42.86
C VAL E 59 -6.07 35.17 43.84
N ARG E 60 -6.20 33.85 43.87
CA ARG E 60 -5.40 33.02 44.78
C ARG E 60 -3.95 33.36 44.58
N ASN E 61 -3.57 33.41 43.33
CA ASN E 61 -2.19 33.46 43.00
C ASN E 61 -1.60 34.84 43.26
N VAL E 62 -2.43 35.88 43.15
CA VAL E 62 -1.99 37.22 43.42
C VAL E 62 -1.78 37.35 44.93
N PHE E 63 -2.71 36.83 45.73
CA PHE E 63 -2.55 36.88 47.17
C PHE E 63 -1.29 36.14 47.58
N LYS E 64 -1.08 34.95 47.02
CA LYS E 64 0.10 34.15 47.36
C LYS E 64 1.39 34.91 47.04
N GLU E 65 1.45 35.51 45.86
CA GLU E 65 2.61 36.27 45.51
C GLU E 65 2.87 37.45 46.45
N LEU E 66 1.82 38.23 46.76
CA LEU E 66 1.93 39.30 47.76
C LEU E 66 2.39 38.78 49.12
N GLN E 67 1.82 37.68 49.58
CA GLN E 67 2.22 37.13 50.87
C GLN E 67 3.72 36.71 50.85
N ILE E 68 4.17 36.15 49.75
CA ILE E 68 5.56 35.77 49.64
C ILE E 68 6.48 36.98 49.60
N MET E 69 6.17 37.95 48.74
CA MET E 69 7.00 39.14 48.60
C MET E 69 7.13 39.93 49.93
N GLN E 70 6.08 39.99 50.72
CA GLN E 70 6.12 40.73 51.99
C GLN E 70 7.19 40.25 52.95
N GLY E 71 7.48 38.98 52.91
CA GLY E 71 8.44 38.41 53.83
C GLY E 71 9.82 38.31 53.23
N LEU E 72 10.05 38.94 52.07
CA LEU E 72 11.38 38.91 51.42
C LEU E 72 12.05 40.29 51.30
N GLU E 73 13.36 40.33 51.60
CA GLU E 73 14.18 41.53 51.24
C GLU E 73 15.65 41.15 50.98
N HIS E 74 16.14 41.52 49.83
CA HIS E 74 17.47 41.13 49.46
C HIS E 74 18.01 42.02 48.36
N PRO E 75 19.31 42.28 48.38
CA PRO E 75 19.83 43.24 47.42
C PRO E 75 19.75 42.81 45.98
N PHE E 76 19.65 41.50 45.74
CA PHE E 76 19.50 40.97 44.39
C PHE E 76 18.09 40.37 44.14
N LEU E 77 17.09 40.94 44.78
CA LEU E 77 15.69 40.74 44.40
C LEU E 77 15.10 42.07 44.04
N VAL E 78 14.09 42.07 43.19
CA VAL E 78 13.25 43.21 43.03
C VAL E 78 12.20 43.16 44.16
N ASN E 79 12.43 43.98 45.18
CA ASN E 79 11.69 43.94 46.44
C ASN E 79 10.39 44.69 46.39
N LEU E 80 9.41 44.19 47.13
CA LEU E 80 8.09 44.88 47.28
C LEU E 80 8.16 45.98 48.28
N TRP E 81 7.59 47.16 47.96
CA TRP E 81 7.48 48.29 48.90
C TRP E 81 6.05 48.58 49.37
N TYR E 82 5.09 48.60 48.45
CA TYR E 82 3.71 48.87 48.83
C TYR E 82 2.78 47.95 48.10
N SER E 83 1.66 47.62 48.72
CA SER E 83 0.52 47.05 48.04
C SER E 83 -0.75 47.75 48.48
N PHE E 84 -1.66 47.94 47.55
CA PHE E 84 -2.91 48.56 47.84
C PHE E 84 -3.90 48.22 46.74
N GLN E 85 -5.13 48.67 46.88
CA GLN E 85 -6.18 48.37 45.90
C GLN E 85 -7.08 49.61 45.70
N ASP E 86 -7.73 49.65 44.56
CA ASP E 86 -8.95 50.43 44.44
C ASP E 86 -10.10 49.53 43.89
N GLU E 87 -11.15 50.13 43.36
CA GLU E 87 -12.32 49.36 42.92
C GLU E 87 -12.06 48.42 41.76
N GLU E 88 -11.06 48.74 40.94
CA GLU E 88 -10.84 48.00 39.71
C GLU E 88 -9.58 47.16 39.73
N ASP E 89 -8.60 47.56 40.55
CA ASP E 89 -7.28 46.97 40.45
C ASP E 89 -6.66 46.72 41.78
N MET E 90 -5.84 45.69 41.81
CA MET E 90 -4.89 45.51 42.89
C MET E 90 -3.51 45.97 42.40
N PHE E 91 -2.72 46.52 43.31
CA PHE E 91 -1.43 47.13 42.96
C PHE E 91 -0.26 46.63 43.78
N MET E 92 0.85 46.44 43.09
CA MET E 92 2.09 46.01 43.68
C MET E 92 3.13 47.04 43.30
N VAL E 93 3.74 47.68 44.29
CA VAL E 93 4.80 48.66 44.02
C VAL E 93 6.13 48.16 44.52
N VAL E 94 7.09 48.09 43.61
CA VAL E 94 8.34 47.40 43.80
C VAL E 94 9.52 48.25 43.26
N ASP E 95 10.74 47.79 43.51
CA ASP E 95 11.96 48.49 43.04
C ASP E 95 11.88 48.73 41.51
N LEU E 96 12.26 49.91 41.09
CA LEU E 96 12.44 50.17 39.66
C LEU E 96 13.86 49.86 39.28
N LEU E 97 14.03 48.95 38.35
CA LEU E 97 15.35 48.58 37.86
C LEU E 97 15.53 49.23 36.49
N LEU E 98 16.40 50.24 36.42
CA LEU E 98 16.44 51.10 35.25
C LEU E 98 17.15 50.49 34.05
N GLY E 99 17.91 49.42 34.28
CA GLY E 99 18.67 48.79 33.20
C GLY E 99 17.87 47.82 32.34
N GLY E 100 16.67 47.49 32.78
CA GLY E 100 15.82 46.57 32.02
C GLY E 100 16.27 45.13 32.10
N ASP E 101 15.57 44.26 31.37
CA ASP E 101 15.76 42.83 31.48
C ASP E 101 16.89 42.35 30.61
N LEU E 102 17.46 41.21 30.97
CA LEU E 102 18.56 40.60 30.21
C LEU E 102 18.11 40.14 28.80
N ARG E 103 16.86 39.67 28.67
CA ARG E 103 16.36 39.24 27.39
C ARG E 103 16.52 40.34 26.36
N TYR E 104 16.18 41.57 26.73
CA TYR E 104 16.36 42.68 25.79
C TYR E 104 17.78 42.73 25.19
N HIS E 105 18.80 42.55 26.01
CA HIS E 105 20.18 42.61 25.53
C HIS E 105 20.59 41.43 24.71
N LEU E 106 20.13 40.24 25.08
CA LEU E 106 20.29 39.08 24.20
C LEU E 106 19.65 39.33 22.84
N GLN E 107 18.49 39.99 22.83
CA GLN E 107 17.78 40.29 21.58
C GLN E 107 18.53 41.31 20.72
N GLN E 108 19.39 42.11 21.35
CA GLN E 108 20.32 42.98 20.62
C GLN E 108 21.62 42.27 20.26
N ASN E 109 21.61 40.93 20.29
CA ASN E 109 22.78 40.10 19.90
C ASN E 109 24.03 40.35 20.76
N VAL E 110 23.84 40.94 21.94
CA VAL E 110 24.94 41.10 22.89
C VAL E 110 25.37 39.72 23.44
N HIS E 111 26.67 39.47 23.43
CA HIS E 111 27.27 38.34 24.12
C HIS E 111 28.00 38.90 25.29
N PHE E 112 27.75 38.33 26.47
CA PHE E 112 28.32 38.85 27.70
C PHE E 112 29.67 38.22 27.97
N LYS E 113 30.59 39.02 28.50
CA LYS E 113 31.91 38.53 28.81
C LYS E 113 31.84 37.49 29.90
N GLU E 114 32.79 36.58 29.89
CA GLU E 114 32.85 35.52 30.85
C GLU E 114 32.93 36.06 32.29
N GLU E 115 33.69 37.11 32.52
CA GLU E 115 33.84 37.63 33.86
C GLU E 115 32.56 38.29 34.35
N THR E 116 31.87 38.99 33.45
CA THR E 116 30.60 39.56 33.76
C THR E 116 29.60 38.49 34.16
N VAL E 117 29.57 37.40 33.41
CA VAL E 117 28.62 36.35 33.73
C VAL E 117 28.99 35.67 35.07
N LYS E 118 30.30 35.47 35.31
CA LYS E 118 30.76 34.98 36.63
C LYS E 118 30.16 35.80 37.78
N LEU E 119 30.17 37.11 37.65
CA LEU E 119 29.73 37.99 38.72
C LEU E 119 28.21 38.01 38.81
N PHE E 120 27.53 38.00 37.67
CA PHE E 120 26.07 37.74 37.65
C PHE E 120 25.76 36.48 38.48
N ILE E 121 26.48 35.39 38.22
CA ILE E 121 26.22 34.16 38.95
C ILE E 121 26.38 34.37 40.46
N CYS E 122 27.38 35.16 40.85
CA CYS E 122 27.66 35.36 42.28
C CYS E 122 26.50 36.08 42.95
N GLU E 123 25.94 37.09 42.28
CA GLU E 123 24.87 37.87 42.82
C GLU E 123 23.58 37.04 42.91
N LEU E 124 23.28 36.28 41.87
CA LEU E 124 22.03 35.54 41.82
C LEU E 124 22.06 34.34 42.73
N VAL E 125 23.24 33.81 42.95
CA VAL E 125 23.40 32.67 43.84
C VAL E 125 23.21 33.09 45.30
N MET E 126 23.50 34.36 45.61
CA MET E 126 23.21 34.86 46.94
C MET E 126 21.69 35.05 47.07
N ALA E 127 21.04 35.55 46.03
CA ALA E 127 19.56 35.65 46.04
C ALA E 127 18.92 34.24 46.20
N LEU E 128 19.34 33.30 45.38
CA LEU E 128 18.76 31.96 45.43
C LEU E 128 18.96 31.30 46.78
N ASP E 129 20.11 31.51 47.37
CA ASP E 129 20.38 30.95 48.69
C ASP E 129 19.49 31.59 49.75
N TYR E 130 19.27 32.86 49.64
CA TYR E 130 18.40 33.52 50.54
C TYR E 130 16.95 33.02 50.37
N LEU E 131 16.51 32.89 49.11
CA LEU E 131 15.13 32.36 48.83
C LEU E 131 14.98 31.02 49.53
N GLN E 132 15.98 30.16 49.35
CA GLN E 132 15.91 28.80 49.90
C GLN E 132 15.81 28.80 51.41
N ASN E 133 16.60 29.66 52.05
CA ASN E 133 16.53 29.78 53.49
C ASN E 133 15.19 30.36 53.97
N GLN E 134 14.47 31.05 53.07
CA GLN E 134 13.09 31.48 53.32
C GLN E 134 12.03 30.47 52.80
N ARG E 135 12.51 29.31 52.32
CA ARG E 135 11.66 28.22 51.86
C ARG E 135 10.92 28.56 50.57
N ILE E 136 11.51 29.39 49.72
CA ILE E 136 10.89 29.77 48.46
C ILE E 136 11.65 29.20 47.24
N ILE E 137 10.90 28.57 46.32
CA ILE E 137 11.32 28.27 44.93
C ILE E 137 10.70 29.30 44.01
N HIS E 138 11.49 29.86 43.14
CA HIS E 138 11.00 30.87 42.24
C HIS E 138 10.29 30.25 41.05
N ARG E 139 10.96 29.24 40.43
CA ARG E 139 10.42 28.43 39.28
C ARG E 139 10.36 29.12 37.93
N ASP E 140 10.78 30.37 37.84
CA ASP E 140 10.84 31.03 36.53
C ASP E 140 12.05 31.91 36.36
N MET E 141 13.24 31.35 36.62
CA MET E 141 14.49 32.08 36.38
C MET E 141 14.83 32.03 34.90
N LYS E 142 15.04 33.19 34.32
CA LYS E 142 15.39 33.28 32.95
C LYS E 142 15.63 34.73 32.63
N PRO E 143 16.28 35.01 31.49
CA PRO E 143 16.64 36.37 31.18
C PRO E 143 15.47 37.32 31.26
N ASP E 144 14.30 36.87 30.90
CA ASP E 144 13.15 37.78 30.84
C ASP E 144 12.78 38.25 32.24
N ASN E 145 13.20 37.48 33.25
CA ASN E 145 12.85 37.79 34.66
C ASN E 145 14.02 38.29 35.58
N ILE E 146 15.15 38.66 34.96
CA ILE E 146 16.31 39.17 35.65
C ILE E 146 16.57 40.58 35.15
N LEU E 147 16.55 41.54 36.05
CA LEU E 147 16.67 42.94 35.67
C LEU E 147 17.94 43.54 36.18
N LEU E 148 18.43 44.56 35.45
CA LEU E 148 19.65 45.26 35.76
C LEU E 148 19.34 46.58 36.40
N ASP E 149 20.16 46.97 37.37
CA ASP E 149 20.12 48.35 37.79
C ASP E 149 21.06 49.17 36.91
N GLU E 150 21.21 50.43 37.25
CA GLU E 150 21.99 51.34 36.43
C GLU E 150 23.48 51.01 36.46
N HIS E 151 23.94 50.19 37.45
CA HIS E 151 25.38 49.86 37.58
C HIS E 151 25.68 48.50 37.05
N GLY E 152 24.66 47.83 36.56
CA GLY E 152 24.89 46.51 35.97
C GLY E 152 24.69 45.32 36.88
N HIS E 153 24.08 45.53 38.06
CA HIS E 153 23.79 44.42 38.96
C HIS E 153 22.51 43.76 38.53
N VAL E 154 22.41 42.45 38.80
CA VAL E 154 21.28 41.66 38.35
C VAL E 154 20.35 41.28 39.50
N HIS E 155 19.05 41.16 39.19
CA HIS E 155 17.99 41.10 40.21
C HIS E 155 16.86 40.20 39.77
N ILE E 156 16.41 39.33 40.65
CA ILE E 156 15.30 38.44 40.35
C ILE E 156 13.94 39.13 40.58
N THR E 157 13.07 39.08 39.58
CA THR E 157 11.71 39.53 39.70
C THR E 157 10.71 38.51 39.17
N ASP E 158 9.42 38.91 39.15
CA ASP E 158 8.30 38.06 38.68
C ASP E 158 8.18 36.72 39.46
N PHE E 159 7.59 36.82 40.64
CA PHE E 159 7.35 35.70 41.49
C PHE E 159 5.94 35.10 41.26
N ASN E 160 5.45 35.12 40.03
CA ASN E 160 4.09 34.71 39.78
C ASN E 160 3.83 33.21 40.04
N ILE E 161 4.83 32.36 39.84
CA ILE E 161 4.66 30.95 40.16
C ILE E 161 5.63 30.48 41.19
N ALA E 162 6.06 31.36 42.08
CA ALA E 162 6.92 30.96 43.17
C ALA E 162 6.10 30.23 44.24
N ALA E 163 6.72 29.25 44.89
CA ALA E 163 6.03 28.46 45.87
C ALA E 163 6.76 28.51 47.18
N MET E 164 6.00 28.41 48.28
CA MET E 164 6.54 28.15 49.59
C MET E 164 6.61 26.65 49.77
N LEU E 165 7.79 26.13 50.06
CA LEU E 165 7.97 24.69 50.25
C LEU E 165 8.25 24.39 51.72
N PRO E 166 7.25 23.90 52.45
CA PRO E 166 7.47 23.54 53.86
C PRO E 166 8.53 22.47 54.02
N ARG E 167 9.13 22.41 55.20
CA ARG E 167 10.20 21.46 55.46
C ARG E 167 9.66 20.05 55.37
N GLU E 168 10.51 19.14 54.87
CA GLU E 168 10.12 17.74 54.72
C GLU E 168 8.81 17.62 53.96
N THR E 169 8.68 18.40 52.90
CA THR E 169 7.64 18.17 51.92
C THR E 169 8.26 18.20 50.53
N GLN E 170 7.48 17.71 49.57
CA GLN E 170 7.93 17.73 48.19
CA GLN E 170 7.88 17.57 48.17
C GLN E 170 6.88 18.36 47.30
N ILE E 171 7.32 18.79 46.13
CA ILE E 171 6.45 19.44 45.18
C ILE E 171 6.57 18.72 43.85
N THR E 172 5.43 18.40 43.23
CA THR E 172 5.43 17.65 41.97
C THR E 172 4.89 18.48 40.80
N THR E 173 4.11 19.53 41.08
CA THR E 173 3.32 20.15 40.02
C THR E 173 4.21 20.76 38.99
N MET E 174 3.81 20.59 37.75
CA MET E 174 4.57 21.06 36.62
C MET E 174 4.27 22.54 36.38
N ALA E 175 5.22 23.40 36.71
CA ALA E 175 5.09 24.83 36.44
C ALA E 175 6.47 25.42 36.15
N GLY E 176 6.60 26.11 35.03
CA GLY E 176 7.87 26.76 34.68
C GLY E 176 7.96 27.10 33.21
N THR E 177 9.07 27.70 32.80
CA THR E 177 9.31 27.89 31.36
C THR E 177 10.18 26.71 30.86
N LYS E 178 9.64 25.93 29.94
CA LYS E 178 10.13 24.57 29.68
C LYS E 178 11.63 24.46 29.31
N PRO E 179 12.13 25.34 28.44
CA PRO E 179 13.57 25.25 28.13
C PRO E 179 14.49 25.59 29.33
N TYR E 180 13.93 26.12 30.43
CA TYR E 180 14.70 26.41 31.64
C TYR E 180 14.43 25.47 32.78
N MET E 181 13.52 24.50 32.56
CA MET E 181 13.09 23.61 33.66
C MET E 181 14.06 22.41 33.78
N ALA E 182 14.29 21.98 35.02
CA ALA E 182 15.27 20.94 35.31
C ALA E 182 14.71 19.56 34.97
N PRO E 183 15.60 18.60 34.72
CA PRO E 183 15.16 17.26 34.34
C PRO E 183 14.26 16.61 35.38
N GLU E 184 14.52 16.87 36.65
CA GLU E 184 13.77 16.16 37.70
C GLU E 184 12.29 16.62 37.73
N MET E 185 12.00 17.73 37.05
CA MET E 185 10.64 18.25 36.96
C MET E 185 9.78 17.40 35.99
N PHE E 186 10.43 16.66 35.10
CA PHE E 186 9.71 15.88 34.10
C PHE E 186 9.65 14.41 34.38
N SER E 187 10.44 13.91 35.32
CA SER E 187 10.40 12.48 35.64
CA SER E 187 10.40 12.47 35.60
C SER E 187 9.01 12.09 36.12
N SER E 188 8.45 11.03 35.51
CA SER E 188 7.11 10.53 35.85
C SER E 188 7.19 9.31 36.77
N ARG E 189 8.37 9.07 37.37
CA ARG E 189 8.51 8.06 38.42
C ARG E 189 7.63 8.45 39.60
N LYS E 190 6.77 7.53 40.04
CA LYS E 190 5.76 7.82 41.08
C LYS E 190 6.41 8.31 42.39
N GLY E 191 7.55 7.69 42.75
CA GLY E 191 8.39 8.19 43.86
C GLY E 191 9.38 9.26 43.41
N ALA E 192 8.96 10.52 43.52
CA ALA E 192 9.69 11.64 42.93
C ALA E 192 9.25 12.99 43.48
N GLY E 193 9.70 14.06 42.82
CA GLY E 193 9.39 15.42 43.21
C GLY E 193 10.58 16.30 42.89
N TYR E 194 10.46 17.59 43.13
CA TYR E 194 11.60 18.48 43.01
C TYR E 194 11.66 19.49 44.13
N SER E 195 12.72 20.29 44.16
CA SER E 195 12.98 21.22 45.24
C SER E 195 13.70 22.47 44.75
N PHE E 196 14.31 23.20 45.68
CA PHE E 196 15.05 24.45 45.38
C PHE E 196 16.09 24.28 44.26
N ALA E 197 16.64 23.09 44.14
CA ALA E 197 17.69 22.84 43.15
C ALA E 197 17.31 23.24 41.73
N VAL E 198 16.01 23.29 41.42
CA VAL E 198 15.58 23.63 40.05
C VAL E 198 15.91 25.05 39.69
N ASP E 199 15.88 25.94 40.67
CA ASP E 199 16.26 27.34 40.41
C ASP E 199 17.76 27.44 40.05
N TRP E 200 18.55 26.47 40.49
CA TRP E 200 19.99 26.51 40.20
C TRP E 200 20.31 25.97 38.79
N TRP E 201 19.55 24.94 38.35
CA TRP E 201 19.53 24.50 36.95
C TRP E 201 19.20 25.61 36.01
N SER E 202 18.12 26.32 36.28
CA SER E 202 17.68 27.38 35.37
C SER E 202 18.68 28.52 35.31
N LEU E 203 19.39 28.73 36.42
CA LEU E 203 20.45 29.72 36.48
C LEU E 203 21.57 29.29 35.54
N GLY E 204 21.94 28.02 35.62
CA GLY E 204 22.81 27.40 34.64
C GLY E 204 22.42 27.71 33.20
N VAL E 205 21.15 27.45 32.87
CA VAL E 205 20.70 27.54 31.51
C VAL E 205 20.81 28.98 31.08
N THR E 206 20.45 29.86 32.01
CA THR E 206 20.53 31.30 31.80
C THR E 206 21.97 31.77 31.58
N ALA E 207 22.84 31.32 32.45
CA ALA E 207 24.24 31.68 32.35
C ALA E 207 24.83 31.19 31.00
N TYR E 208 24.60 29.92 30.67
CA TYR E 208 24.99 29.36 29.35
C TYR E 208 24.46 30.25 28.23
N GLU E 209 23.21 30.60 28.33
CA GLU E 209 22.53 31.34 27.27
C GLU E 209 23.11 32.76 27.11
N LEU E 210 23.52 33.37 28.24
CA LEU E 210 24.17 34.69 28.19
C LEU E 210 25.53 34.61 27.50
N LEU E 211 26.29 33.56 27.79
CA LEU E 211 27.62 33.39 27.18
C LEU E 211 27.53 33.02 25.69
N ARG E 212 26.77 31.95 25.36
CA ARG E 212 26.74 31.44 23.99
C ARG E 212 25.80 32.19 23.06
N GLY E 213 24.79 32.86 23.61
CA GLY E 213 23.76 33.51 22.79
C GLY E 213 22.62 32.57 22.45
N ARG E 214 22.67 31.36 23.01
CA ARG E 214 21.55 30.45 22.89
C ARG E 214 21.59 29.43 24.00
N ARG E 215 20.47 28.73 24.14
CA ARG E 215 20.27 27.80 25.23
CA ARG E 215 20.30 27.81 25.24
C ARG E 215 20.98 26.47 24.94
N PRO E 216 21.30 25.71 25.98
CA PRO E 216 22.07 24.49 25.82
C PRO E 216 21.29 23.29 25.37
N TYR E 217 19.98 23.32 25.53
CA TYR E 217 19.08 22.30 24.94
C TYR E 217 18.05 22.95 24.01
N HIS E 218 17.68 22.23 22.97
CA HIS E 218 16.62 22.68 22.11
C HIS E 218 15.31 22.12 22.59
N ILE E 219 14.52 23.00 23.18
CA ILE E 219 13.28 22.66 23.85
C ILE E 219 12.35 23.83 23.66
N ARG E 220 11.13 23.57 23.26
CA ARG E 220 10.16 24.65 23.10
C ARG E 220 9.00 24.50 24.04
N SER E 221 8.19 25.56 24.08
CA SER E 221 6.94 25.56 24.81
CA SER E 221 6.91 25.58 24.78
C SER E 221 6.07 24.37 24.37
N SER E 222 6.21 23.98 23.11
CA SER E 222 5.33 22.99 22.50
C SER E 222 5.79 21.54 22.71
N THR E 223 7.02 21.35 23.15
CA THR E 223 7.66 20.04 23.10
C THR E 223 7.09 19.14 24.14
N SER E 224 6.85 17.90 23.76
CA SER E 224 6.26 16.91 24.61
C SER E 224 7.20 16.56 25.73
N SER E 225 6.62 16.14 26.84
CA SER E 225 7.41 15.80 28.01
C SER E 225 8.34 14.63 27.74
N LYS E 226 7.88 13.69 26.92
CA LYS E 226 8.70 12.56 26.54
C LYS E 226 9.91 12.97 25.71
N GLU E 227 9.71 13.86 24.74
CA GLU E 227 10.84 14.38 23.98
C GLU E 227 11.80 15.18 24.86
N ILE E 228 11.29 15.78 25.94
CA ILE E 228 12.16 16.53 26.84
C ILE E 228 13.00 15.58 27.67
N VAL E 229 12.38 14.58 28.28
CA VAL E 229 13.16 13.62 29.05
C VAL E 229 14.26 12.96 28.18
N HIS E 230 13.97 12.81 26.89
CA HIS E 230 14.86 12.13 25.94
C HIS E 230 16.01 13.03 25.56
N THR E 231 15.72 14.30 25.31
CA THR E 231 16.76 15.30 25.08
C THR E 231 17.73 15.36 26.27
N PHE E 232 17.20 15.39 27.49
CA PHE E 232 18.04 15.42 28.68
C PHE E 232 18.86 14.17 28.86
N GLU E 233 18.38 13.04 28.37
CA GLU E 233 19.03 11.78 28.61
C GLU E 233 20.04 11.45 27.53
N THR E 234 19.90 12.08 26.35
CA THR E 234 20.73 11.71 25.18
C THR E 234 21.39 12.91 24.44
N THR E 235 21.25 14.11 24.97
CA THR E 235 21.98 15.24 24.39
C THR E 235 23.10 15.68 25.32
N VAL E 236 24.34 15.61 24.82
CA VAL E 236 25.51 16.14 25.52
C VAL E 236 25.66 17.62 25.19
N VAL E 237 25.80 18.44 26.23
CA VAL E 237 25.88 19.88 26.04
C VAL E 237 27.23 20.28 25.41
N THR E 238 27.16 21.14 24.39
CA THR E 238 28.34 21.64 23.75
C THR E 238 28.90 22.80 24.55
N TYR E 239 30.19 22.74 24.87
CA TYR E 239 30.89 23.82 25.54
C TYR E 239 32.00 24.36 24.65
N PRO E 240 31.75 25.48 23.95
CA PRO E 240 32.79 26.05 23.06
C PRO E 240 34.21 26.02 23.68
N SER E 241 35.19 25.52 22.93
CA SER E 241 36.53 25.39 23.49
C SER E 241 37.12 26.75 23.90
N ALA E 242 36.65 27.82 23.25
CA ALA E 242 37.10 29.20 23.53
C ALA E 242 36.85 29.67 24.97
N TRP E 243 35.85 29.07 25.62
CA TRP E 243 35.52 29.39 27.03
C TRP E 243 36.59 28.86 27.90
N SER E 244 36.73 29.44 29.08
CA SER E 244 37.69 28.94 30.07
C SER E 244 37.19 27.64 30.67
N GLN E 245 38.12 26.76 31.02
CA GLN E 245 37.77 25.49 31.64
C GLN E 245 37.12 25.65 33.02
N GLU E 246 37.33 26.80 33.64
CA GLU E 246 36.79 27.02 34.97
C GLU E 246 35.28 27.34 34.86
N MET E 247 34.94 28.23 33.94
CA MET E 247 33.55 28.54 33.68
C MET E 247 32.80 27.29 33.22
N VAL E 248 33.42 26.53 32.32
CA VAL E 248 32.84 25.30 31.83
C VAL E 248 32.50 24.35 32.96
N SER E 249 33.38 24.21 33.91
CA SER E 249 33.13 23.25 34.99
C SER E 249 32.10 23.81 36.01
N LEU E 250 32.01 25.14 36.11
CA LEU E 250 30.97 25.79 36.96
C LEU E 250 29.58 25.59 36.32
N LEU E 251 29.47 25.97 35.03
CA LEU E 251 28.27 25.71 34.25
C LEU E 251 27.83 24.27 34.34
N LYS E 252 28.78 23.33 34.27
CA LYS E 252 28.48 21.91 34.38
C LYS E 252 27.99 21.50 35.76
N LYS E 253 28.47 22.17 36.81
CA LYS E 253 27.98 21.84 38.15
C LYS E 253 26.54 22.37 38.41
N LEU E 254 26.16 23.41 37.67
CA LEU E 254 24.79 23.96 37.76
C LEU E 254 23.83 23.16 36.86
N LEU E 255 24.33 22.69 35.71
CA LEU E 255 23.56 21.84 34.80
C LEU E 255 23.74 20.37 35.08
N GLU E 256 24.00 19.98 36.33
CA GLU E 256 23.99 18.54 36.68
C GLU E 256 22.58 18.03 36.53
N PRO E 257 22.36 17.01 35.65
CA PRO E 257 21.00 16.47 35.52
C PRO E 257 20.44 15.89 36.81
N ASN E 258 21.30 15.35 37.65
CA ASN E 258 20.86 14.83 38.93
C ASN E 258 20.95 15.90 40.02
N PRO E 259 19.79 16.36 40.56
CA PRO E 259 19.74 17.45 41.54
C PRO E 259 20.62 17.22 42.78
N ASP E 260 20.81 15.95 43.17
CA ASP E 260 21.61 15.62 44.36
C ASP E 260 23.10 15.95 44.19
N GLN E 261 23.54 16.01 42.94
CA GLN E 261 24.93 16.33 42.64
CA GLN E 261 24.93 16.32 42.61
C GLN E 261 25.04 17.78 42.13
N ARG E 262 23.91 18.49 42.15
CA ARG E 262 23.88 19.86 41.61
C ARG E 262 24.22 20.86 42.70
N PHE E 263 24.99 21.88 42.34
CA PHE E 263 25.18 23.04 43.15
C PHE E 263 23.79 23.63 43.47
N SER E 264 23.48 23.77 44.74
CA SER E 264 22.14 24.10 45.14
C SER E 264 22.12 24.90 46.45
N GLN E 265 23.19 25.67 46.68
CA GLN E 265 23.48 26.24 47.99
C GLN E 265 24.65 27.18 47.82
N LEU E 266 24.71 28.25 48.61
CA LEU E 266 25.75 29.25 48.47
C LEU E 266 27.12 28.64 48.76
N SER E 267 27.20 27.87 49.85
CA SER E 267 28.47 27.22 50.21
C SER E 267 29.09 26.43 49.06
N ASP E 268 28.27 25.73 48.26
CA ASP E 268 28.82 24.98 47.11
C ASP E 268 29.61 25.91 46.19
N VAL E 269 29.11 27.14 46.00
CA VAL E 269 29.72 28.04 45.04
C VAL E 269 30.93 28.73 45.66
N GLN E 270 30.79 29.07 46.93
CA GLN E 270 31.87 29.74 47.69
C GLN E 270 33.17 28.92 47.76
N ASN E 271 33.04 27.59 47.80
CA ASN E 271 34.18 26.72 48.01
C ASN E 271 34.77 26.25 46.68
N PHE E 272 34.14 26.66 45.60
CA PHE E 272 34.57 26.29 44.27
C PHE E 272 35.81 27.11 43.79
N PRO E 273 36.89 26.42 43.40
CA PRO E 273 38.18 27.05 43.10
C PRO E 273 38.11 28.28 42.19
N TYR E 274 37.31 28.19 41.13
CA TYR E 274 37.05 29.38 40.25
C TYR E 274 36.58 30.60 41.07
N MET E 275 36.00 30.35 42.24
CA MET E 275 35.42 31.41 43.05
C MET E 275 36.30 31.82 44.24
N ASN E 276 37.55 31.36 44.26
CA ASN E 276 38.42 31.67 45.39
C ASN E 276 38.90 33.11 45.42
N ASP E 277 38.71 33.84 44.34
CA ASP E 277 39.00 35.28 44.36
C ASP E 277 37.82 36.17 44.81
N ILE E 278 36.65 35.59 45.08
CA ILE E 278 35.43 36.42 45.26
C ILE E 278 35.29 36.84 46.68
N ASN E 279 35.12 38.13 46.87
CA ASN E 279 34.76 38.68 48.19
C ASN E 279 33.25 38.75 48.30
N TRP E 280 32.70 37.88 49.10
CA TRP E 280 31.23 37.73 49.16
C TRP E 280 30.56 38.86 49.85
N ASP E 281 31.28 39.48 50.78
CA ASP E 281 30.78 40.66 51.45
C ASP E 281 30.67 41.80 50.41
N ALA E 282 31.65 41.88 49.49
CA ALA E 282 31.61 42.89 48.43
C ALA E 282 30.49 42.56 47.43
N VAL E 283 30.30 41.30 47.15
CA VAL E 283 29.16 40.90 46.29
C VAL E 283 27.83 41.44 46.89
N PHE E 284 27.55 41.07 48.14
CA PHE E 284 26.31 41.44 48.79
C PHE E 284 26.10 42.94 48.76
N GLN E 285 27.18 43.68 48.97
CA GLN E 285 27.13 45.12 49.14
C GLN E 285 27.17 45.84 47.76
N LYS E 286 27.08 45.07 46.67
CA LYS E 286 27.08 45.64 45.32
C LYS E 286 28.39 46.38 45.01
N ARG E 287 29.51 45.85 45.51
CA ARG E 287 30.80 46.46 45.29
C ARG E 287 31.54 45.82 44.17
N LEU E 288 31.16 44.60 43.81
CA LEU E 288 31.73 43.97 42.61
C LEU E 288 30.89 44.33 41.34
N ILE E 289 31.42 45.24 40.54
CA ILE E 289 30.76 45.64 39.30
C ILE E 289 30.97 44.53 38.22
N PRO E 290 29.88 43.98 37.69
CA PRO E 290 30.01 42.88 36.73
C PRO E 290 30.65 43.30 35.42
N GLY E 291 30.46 44.54 35.04
CA GLY E 291 31.18 45.11 33.92
C GLY E 291 30.38 45.10 32.61
N PHE E 292 29.07 44.94 32.71
CA PHE E 292 28.19 45.28 31.60
C PHE E 292 27.43 46.57 31.91
N ILE E 293 27.50 47.55 31.01
CA ILE E 293 26.76 48.82 31.20
C ILE E 293 25.63 48.98 30.16
N PRO E 294 24.36 49.15 30.62
CA PRO E 294 23.16 49.33 29.76
C PRO E 294 22.72 50.81 29.53
N ASN E 295 23.67 51.74 29.64
CA ASN E 295 23.44 53.14 29.32
C ASN E 295 24.21 53.50 28.04
N LYS E 296 23.49 53.99 27.02
CA LYS E 296 24.14 54.51 25.79
C LYS E 296 24.39 56.03 25.92
N GLY E 297 25.23 56.42 26.88
CA GLY E 297 25.48 57.85 27.18
C GLY E 297 26.76 58.10 27.97
N ARG E 298 27.68 58.84 27.37
CA ARG E 298 28.99 59.10 27.97
C ARG E 298 28.87 60.12 29.14
N LEU E 299 29.87 60.11 30.02
CA LEU E 299 29.80 60.87 31.29
C LEU E 299 29.16 60.03 32.40
N ASN E 300 28.78 58.79 32.06
CA ASN E 300 27.95 57.96 32.92
C ASN E 300 28.77 57.22 33.95
N CYS E 301 29.38 57.96 34.87
CA CYS E 301 30.16 57.37 35.97
C CYS E 301 29.20 56.82 37.01
N ASP E 302 28.18 57.62 37.31
CA ASP E 302 26.92 57.09 37.78
C ASP E 302 25.84 57.47 36.76
N PRO E 303 25.33 56.47 36.01
CA PRO E 303 24.24 56.73 35.07
C PRO E 303 22.83 56.79 35.73
N THR E 304 22.74 56.61 37.04
CA THR E 304 21.46 56.77 37.77
C THR E 304 20.65 57.96 37.23
N PHE E 305 21.33 59.09 37.02
CA PHE E 305 20.67 60.38 36.84
C PHE E 305 20.26 60.60 35.39
N GLU E 306 21.09 60.14 34.46
CA GLU E 306 20.75 60.22 33.03
C GLU E 306 19.61 59.25 32.69
N LEU E 307 19.66 58.04 33.28
CA LEU E 307 18.64 57.01 33.05
C LEU E 307 17.29 57.45 33.60
N GLU E 308 17.29 58.06 34.79
CA GLU E 308 16.09 58.71 35.35
C GLU E 308 15.54 59.78 34.42
N GLU E 309 16.40 60.62 33.85
CA GLU E 309 15.92 61.72 33.01
C GLU E 309 15.22 61.23 31.74
N MET E 310 15.74 60.16 31.15
CA MET E 310 15.19 59.62 29.90
C MET E 310 13.69 59.31 30.09
N ILE E 311 13.39 58.63 31.20
CA ILE E 311 12.05 58.17 31.51
C ILE E 311 11.06 59.31 31.66
N LEU E 312 11.25 60.16 32.67
CA LEU E 312 10.30 61.24 32.96
C LEU E 312 10.23 62.30 31.83
N GLU E 313 11.33 62.45 31.09
CA GLU E 313 11.36 63.33 29.90
C GLU E 313 10.37 62.86 28.82
N SER E 314 10.25 61.53 28.67
CA SER E 314 9.40 60.94 27.63
C SER E 314 7.94 60.74 28.11
N LYS E 315 7.71 60.80 29.43
CA LYS E 315 6.36 60.65 30.02
C LYS E 315 5.31 61.48 29.24
N LYS E 333 -24.47 49.49 42.71
CA LYS E 333 -25.33 49.00 41.64
C LYS E 333 -25.22 47.49 41.49
N CYS E 334 -26.25 46.91 40.88
CA CYS E 334 -26.34 45.48 40.72
C CYS E 334 -27.57 45.17 39.86
N ASP E 335 -27.35 44.48 38.76
CA ASP E 335 -28.33 44.46 37.66
C ASP E 335 -28.95 43.09 37.46
N SER E 336 -28.11 42.06 37.38
CA SER E 336 -28.55 40.70 37.07
C SER E 336 -27.90 39.73 38.02
N SER E 337 -28.20 38.45 37.88
CA SER E 337 -27.58 37.43 38.73
C SER E 337 -26.06 37.29 38.48
N GLN E 338 -25.68 37.30 37.21
CA GLN E 338 -24.29 37.26 36.80
C GLN E 338 -23.51 38.43 37.39
N THR E 339 -24.05 39.64 37.25
CA THR E 339 -23.35 40.86 37.68
C THR E 339 -23.34 41.01 39.19
N CYS E 340 -24.35 40.45 39.87
CA CYS E 340 -24.41 40.50 41.31
C CYS E 340 -23.46 39.48 41.95
N LEU E 341 -23.37 38.31 41.34
CA LEU E 341 -22.41 37.29 41.77
C LEU E 341 -20.95 37.79 41.59
N LEU E 342 -20.70 38.54 40.51
CA LEU E 342 -19.40 39.16 40.29
C LEU E 342 -19.10 40.16 41.40
N GLN E 343 -20.08 41.00 41.74
CA GLN E 343 -19.90 41.99 42.81
C GLN E 343 -19.56 41.33 44.13
N GLU E 344 -20.29 40.29 44.49
CA GLU E 344 -20.06 39.61 45.76
C GLU E 344 -18.59 39.12 45.86
N HIS E 345 -18.07 38.62 44.73
CA HIS E 345 -16.72 38.14 44.68
C HIS E 345 -15.73 39.28 44.75
N LEU E 346 -15.98 40.34 43.97
CA LEU E 346 -15.18 41.53 44.07
C LEU E 346 -15.21 42.07 45.50
N ASP E 347 -16.39 42.17 46.11
CA ASP E 347 -16.46 42.69 47.46
C ASP E 347 -15.63 41.79 48.40
N SER E 348 -15.62 40.51 48.11
CA SER E 348 -14.80 39.62 48.90
C SER E 348 -13.29 39.87 48.73
N VAL E 349 -12.87 40.09 47.48
CA VAL E 349 -11.50 40.37 47.21
C VAL E 349 -11.10 41.64 48.00
N GLN E 350 -11.99 42.64 47.98
CA GLN E 350 -11.80 43.91 48.71
C GLN E 350 -11.60 43.73 50.21
N LYS E 351 -12.36 42.86 50.81
CA LYS E 351 -12.37 42.69 52.25
C LYS E 351 -11.12 41.91 52.72
N GLU E 352 -10.58 41.07 51.84
CA GLU E 352 -9.56 40.08 52.20
C GLU E 352 -8.17 40.60 51.97
N PHE E 353 -8.07 41.58 51.10
CA PHE E 353 -6.79 42.12 50.67
C PHE E 353 -6.08 42.74 51.88
N ILE E 354 -4.81 42.44 52.04
CA ILE E 354 -4.05 43.04 53.16
C ILE E 354 -3.00 44.02 52.62
N ILE E 355 -3.14 45.27 53.01
CA ILE E 355 -2.21 46.30 52.61
C ILE E 355 -0.86 46.01 53.21
N PHE E 356 0.17 46.21 52.42
CA PHE E 356 1.55 46.12 52.90
C PHE E 356 2.28 47.41 52.61
N ASN E 357 3.06 47.84 53.59
CA ASN E 357 3.86 49.03 53.42
C ASN E 357 5.19 48.86 54.15
N ARG E 358 6.27 48.76 53.41
CA ARG E 358 7.56 48.51 54.03
C ARG E 358 8.12 49.75 54.76
N GLU E 359 7.88 50.97 54.23
CA GLU E 359 8.22 52.21 54.96
C GLU E 359 7.67 52.12 56.37
N LYS E 360 6.37 51.83 56.51
CA LYS E 360 5.75 51.68 57.82
C LYS E 360 6.38 50.58 58.62
N VAL E 361 6.73 49.47 58.00
CA VAL E 361 7.38 48.42 58.75
C VAL E 361 8.77 48.89 59.23
N ASN E 362 9.42 49.73 58.42
CA ASN E 362 10.72 50.24 58.76
C ASN E 362 10.63 51.26 59.93
N ARG E 363 9.91 52.38 59.71
CA ARG E 363 9.55 53.32 60.82
C ARG E 363 9.18 52.64 62.13
N ASP E 364 8.28 51.65 62.08
CA ASP E 364 7.80 50.97 63.29
C ASP E 364 8.78 49.87 63.75
N PHE E 365 9.97 49.83 63.15
CA PHE E 365 11.09 49.05 63.68
C PHE E 365 12.04 49.94 64.51
N ASN E 366 12.11 51.23 64.17
CA ASN E 366 13.03 52.17 64.84
C ASN E 366 12.50 52.65 66.20
N GLU F 8 0.06 4.48 -42.21
CA GLU F 8 1.09 5.53 -42.00
C GLU F 8 2.40 4.87 -41.55
N ASN F 9 3.52 5.49 -41.89
CA ASN F 9 4.85 5.03 -41.46
C ASN F 9 5.45 5.95 -40.37
N GLU F 10 4.63 6.32 -39.40
CA GLU F 10 5.04 7.23 -38.33
C GLU F 10 5.65 6.44 -37.15
N ASP F 11 6.71 6.97 -36.57
CA ASP F 11 7.42 6.28 -35.49
C ASP F 11 6.69 6.45 -34.15
N VAL F 12 6.50 5.35 -33.44
CA VAL F 12 5.92 5.38 -32.11
C VAL F 12 7.02 5.73 -31.10
N ASN F 13 6.75 6.69 -30.24
CA ASN F 13 7.72 7.13 -29.25
C ASN F 13 7.01 7.51 -27.97
N PHE F 14 7.75 7.99 -26.99
CA PHE F 14 7.25 8.17 -25.63
C PHE F 14 6.03 9.09 -25.58
N ASP F 15 5.94 10.03 -26.51
CA ASP F 15 4.81 10.97 -26.57
C ASP F 15 3.52 10.33 -27.08
N HIS F 16 3.61 9.14 -27.67
CA HIS F 16 2.42 8.39 -28.09
C HIS F 16 1.73 7.70 -26.95
N PHE F 17 2.15 7.95 -25.72
CA PHE F 17 1.57 7.25 -24.57
C PHE F 17 1.25 8.15 -23.41
N GLU F 18 0.39 7.65 -22.54
CA GLU F 18 0.06 8.30 -21.29
C GLU F 18 0.52 7.34 -20.18
N ILE F 19 1.26 7.87 -19.22
CA ILE F 19 1.81 7.05 -18.17
C ILE F 19 0.85 7.01 -17.01
N LEU F 20 0.51 5.80 -16.59
CA LEU F 20 -0.34 5.59 -15.43
C LEU F 20 0.52 4.99 -14.32
N ARG F 21 -0.11 4.28 -13.42
CA ARG F 21 0.54 3.80 -12.20
C ARG F 21 1.85 3.03 -12.40
N ALA F 22 2.82 3.24 -11.52
CA ALA F 22 4.01 2.37 -11.49
C ALA F 22 3.61 1.03 -10.90
N ILE F 23 4.17 -0.07 -11.43
CA ILE F 23 3.81 -1.41 -10.92
C ILE F 23 5.01 -2.27 -10.54
N GLY F 24 6.21 -1.79 -10.81
CA GLY F 24 7.41 -2.49 -10.38
C GLY F 24 8.65 -1.66 -10.52
N LYS F 25 9.74 -2.19 -10.03
CA LYS F 25 10.94 -1.42 -9.82
C LYS F 25 12.11 -2.16 -10.39
N GLY F 26 13.11 -1.39 -10.78
CA GLY F 26 14.36 -1.94 -11.28
C GLY F 26 15.51 -1.08 -10.82
N SER F 27 16.70 -1.67 -10.85
CA SER F 27 17.91 -0.91 -10.57
C SER F 27 18.17 0.17 -11.65
N PHE F 28 17.63 -0.05 -12.87
CA PHE F 28 17.82 0.88 -14.00
C PHE F 28 16.57 1.64 -14.41
N GLY F 29 15.49 1.44 -13.66
CA GLY F 29 14.25 2.19 -13.87
C GLY F 29 13.00 1.38 -13.57
N LYS F 30 11.87 2.06 -13.60
CA LYS F 30 10.63 1.45 -13.18
C LYS F 30 9.93 0.63 -14.32
N VAL F 31 8.97 -0.19 -13.94
CA VAL F 31 7.95 -0.65 -14.86
C VAL F 31 6.65 0.05 -14.51
N CYS F 32 5.89 0.44 -15.52
CA CYS F 32 4.60 1.03 -15.25
C CYS F 32 3.54 0.71 -16.34
N ILE F 33 2.31 1.12 -16.04
CA ILE F 33 1.21 0.92 -16.96
C ILE F 33 1.11 2.14 -17.84
N VAL F 34 1.04 1.92 -19.15
CA VAL F 34 0.83 2.99 -20.11
C VAL F 34 -0.44 2.76 -20.95
N GLN F 35 -1.01 3.86 -21.45
CA GLN F 35 -2.06 3.77 -22.43
C GLN F 35 -1.63 4.46 -23.70
N LYS F 36 -1.74 3.74 -24.82
CA LYS F 36 -1.45 4.33 -26.11
C LYS F 36 -2.61 5.29 -26.47
N ASN F 37 -2.27 6.53 -26.78
CA ASN F 37 -3.26 7.59 -26.98
C ASN F 37 -4.24 7.34 -28.11
N ASP F 38 -3.78 6.78 -29.22
CA ASP F 38 -4.65 6.59 -30.37
C ASP F 38 -5.61 5.41 -30.19
N THR F 39 -5.08 4.20 -29.94
CA THR F 39 -5.93 2.99 -29.81
C THR F 39 -6.57 2.88 -28.43
N LYS F 40 -6.04 3.62 -27.46
CA LYS F 40 -6.45 3.50 -26.05
C LYS F 40 -6.09 2.16 -25.39
N LYS F 41 -5.31 1.33 -26.08
CA LYS F 41 -4.88 0.00 -25.56
C LYS F 41 -3.82 0.21 -24.44
N MET F 42 -3.86 -0.63 -23.42
CA MET F 42 -2.98 -0.51 -22.29
C MET F 42 -1.84 -1.54 -22.38
N TYR F 43 -0.64 -1.13 -21.93
CA TYR F 43 0.54 -1.97 -21.97
C TYR F 43 1.34 -1.78 -20.71
N ALA F 44 2.35 -2.65 -20.52
CA ALA F 44 3.38 -2.42 -19.53
C ALA F 44 4.63 -1.83 -20.20
N MET F 45 5.22 -0.81 -19.60
CA MET F 45 6.45 -0.19 -20.16
C MET F 45 7.60 -0.24 -19.18
N LYS F 46 8.71 -0.84 -19.61
CA LYS F 46 9.98 -0.85 -18.84
C LYS F 46 10.91 0.30 -19.25
N TYR F 47 11.36 1.06 -18.24
CA TYR F 47 12.26 2.22 -18.38
C TYR F 47 13.61 1.72 -18.12
N MET F 48 14.57 2.15 -18.92
CA MET F 48 15.95 1.88 -18.60
C MET F 48 16.80 3.15 -18.80
N ASN F 49 17.24 3.76 -17.68
CA ASN F 49 17.98 5.04 -17.68
C ASN F 49 19.28 4.85 -18.43
N LYS F 50 19.51 5.70 -19.42
CA LYS F 50 20.65 5.56 -20.30
C LYS F 50 21.94 5.76 -19.51
N GLN F 51 21.98 6.80 -18.70
CA GLN F 51 23.23 7.14 -17.99
C GLN F 51 23.64 6.01 -17.04
N LYS F 52 22.65 5.49 -16.28
CA LYS F 52 22.91 4.38 -15.34
C LYS F 52 23.37 3.16 -16.07
N CYS F 53 22.78 2.90 -17.24
CA CYS F 53 23.16 1.79 -18.06
C CYS F 53 24.60 1.90 -18.57
N VAL F 54 25.02 3.09 -18.95
CA VAL F 54 26.38 3.27 -19.43
C VAL F 54 27.38 3.13 -18.27
N GLU F 55 27.06 3.74 -17.15
CA GLU F 55 27.92 3.71 -15.99
C GLU F 55 28.09 2.28 -15.46
N ARG F 56 27.05 1.50 -15.56
CA ARG F 56 27.08 0.18 -14.99
C ARG F 56 27.27 -0.89 -16.04
N ASN F 57 27.59 -0.46 -17.27
CA ASN F 57 27.92 -1.39 -18.33
C ASN F 57 26.77 -2.34 -18.71
N GLU F 58 25.54 -1.83 -18.67
CA GLU F 58 24.35 -2.65 -19.01
C GLU F 58 23.89 -2.51 -20.47
N VAL F 59 24.44 -1.54 -21.19
CA VAL F 59 23.92 -1.18 -22.51
C VAL F 59 23.93 -2.41 -23.43
N ARG F 60 25.03 -3.15 -23.45
CA ARG F 60 25.07 -4.38 -24.25
C ARG F 60 24.02 -5.41 -23.84
N ASN F 61 23.62 -5.43 -22.56
CA ASN F 61 22.60 -6.37 -22.13
C ASN F 61 21.21 -5.93 -22.50
N VAL F 62 20.97 -4.61 -22.50
CA VAL F 62 19.67 -4.08 -22.89
C VAL F 62 19.42 -4.30 -24.36
N PHE F 63 20.47 -4.10 -25.17
CA PHE F 63 20.40 -4.35 -26.62
C PHE F 63 20.22 -5.83 -26.95
N LYS F 64 20.90 -6.70 -26.22
CA LYS F 64 20.73 -8.14 -26.40
C LYS F 64 19.29 -8.56 -26.07
N GLU F 65 18.75 -8.09 -24.95
CA GLU F 65 17.38 -8.40 -24.60
C GLU F 65 16.39 -7.91 -25.70
N LEU F 66 16.53 -6.66 -26.13
CA LEU F 66 15.67 -6.15 -27.18
C LEU F 66 15.75 -7.00 -28.42
N GLN F 67 16.95 -7.41 -28.79
CA GLN F 67 17.16 -8.19 -29.98
C GLN F 67 16.44 -9.53 -29.84
N ILE F 68 16.53 -10.14 -28.66
CA ILE F 68 15.90 -11.40 -28.47
C ILE F 68 14.36 -11.23 -28.54
N MET F 69 13.82 -10.27 -27.77
CA MET F 69 12.39 -10.09 -27.69
C MET F 69 11.74 -9.77 -29.07
N GLN F 70 12.44 -9.06 -29.96
CA GLN F 70 11.88 -8.77 -31.28
C GLN F 70 11.60 -10.02 -32.12
N GLY F 71 12.38 -11.05 -31.92
CA GLY F 71 12.19 -12.26 -32.72
C GLY F 71 11.28 -13.29 -32.08
N LEU F 72 10.61 -12.91 -30.99
CA LEU F 72 9.77 -13.87 -30.25
C LEU F 72 8.31 -13.42 -30.22
N GLU F 73 7.39 -14.36 -30.40
CA GLU F 73 5.98 -14.12 -30.16
C GLU F 73 5.27 -15.44 -29.84
N HIS F 74 4.58 -15.48 -28.71
CA HIS F 74 3.98 -16.71 -28.25
C HIS F 74 2.94 -16.37 -27.24
N PRO F 75 1.87 -17.16 -27.20
CA PRO F 75 0.75 -16.82 -26.29
C PRO F 75 1.08 -16.85 -24.83
N PHE F 76 2.08 -17.68 -24.44
CA PHE F 76 2.52 -17.76 -23.04
C PHE F 76 3.88 -17.07 -22.77
N LEU F 77 4.18 -16.03 -23.54
CA LEU F 77 5.21 -15.06 -23.23
C LEU F 77 4.54 -13.70 -23.02
N VAL F 78 5.19 -12.85 -22.27
CA VAL F 78 4.91 -11.46 -22.29
C VAL F 78 5.69 -10.82 -23.47
N ASN F 79 4.96 -10.53 -24.55
CA ASN F 79 5.55 -10.15 -25.81
C ASN F 79 5.87 -8.68 -25.93
N LEU F 80 6.93 -8.38 -26.68
CA LEU F 80 7.31 -6.99 -26.98
C LEU F 80 6.43 -6.43 -28.07
N TRP F 81 5.98 -5.17 -27.91
CA TRP F 81 5.25 -4.47 -28.97
C TRP F 81 5.96 -3.26 -29.52
N TYR F 82 6.56 -2.44 -28.67
CA TYR F 82 7.32 -1.28 -29.18
C TYR F 82 8.57 -1.09 -28.40
N SER F 83 9.61 -0.62 -29.07
CA SER F 83 10.78 -0.07 -28.40
C SER F 83 11.12 1.29 -29.00
N PHE F 84 11.60 2.19 -28.17
CA PHE F 84 11.99 3.51 -28.59
C PHE F 84 12.87 4.12 -27.51
N GLN F 85 13.36 5.32 -27.77
CA GLN F 85 14.24 6.03 -26.81
C GLN F 85 13.96 7.53 -26.81
N ASP F 86 14.28 8.18 -25.72
CA ASP F 86 14.46 9.62 -25.73
C ASP F 86 15.87 9.93 -25.16
N GLU F 87 16.11 11.16 -24.76
CA GLU F 87 17.45 11.56 -24.32
C GLU F 87 17.91 10.85 -23.04
N GLU F 88 16.98 10.48 -22.18
CA GLU F 88 17.33 9.98 -20.87
C GLU F 88 17.15 8.49 -20.75
N ASP F 89 16.22 7.94 -21.53
CA ASP F 89 15.75 6.57 -21.27
C ASP F 89 15.60 5.76 -22.55
N MET F 90 15.75 4.46 -22.40
CA MET F 90 15.34 3.52 -23.42
C MET F 90 14.09 2.83 -22.93
N PHE F 91 13.18 2.48 -23.85
CA PHE F 91 11.86 1.99 -23.48
C PHE F 91 11.48 0.71 -24.19
N MET F 92 10.86 -0.16 -23.41
CA MET F 92 10.36 -1.41 -23.86
C MET F 92 8.86 -1.46 -23.48
N VAL F 93 7.99 -1.56 -24.48
CA VAL F 93 6.52 -1.62 -24.25
C VAL F 93 6.02 -2.99 -24.62
N VAL F 94 5.42 -3.67 -23.65
CA VAL F 94 5.12 -5.06 -23.76
C VAL F 94 3.65 -5.35 -23.30
N ASP F 95 3.20 -6.62 -23.44
CA ASP F 95 1.85 -7.02 -22.99
C ASP F 95 1.69 -6.67 -21.51
N LEU F 96 0.52 -6.13 -21.15
CA LEU F 96 0.17 -5.90 -19.75
C LEU F 96 -0.59 -7.12 -19.27
N LEU F 97 -0.10 -7.72 -18.21
CA LEU F 97 -0.72 -8.88 -17.61
C LEU F 97 -1.37 -8.47 -16.30
N LEU F 98 -2.70 -8.43 -16.29
CA LEU F 98 -3.43 -7.73 -15.24
C LEU F 98 -3.55 -8.56 -13.94
N GLY F 99 -3.23 -9.84 -14.02
CA GLY F 99 -3.31 -10.69 -12.85
C GLY F 99 -2.12 -10.60 -11.93
N GLY F 100 -1.02 -10.02 -12.41
CA GLY F 100 0.20 -9.89 -11.59
C GLY F 100 0.96 -11.18 -11.49
N ASP F 101 2.07 -11.13 -10.75
CA ASP F 101 3.01 -12.24 -10.69
C ASP F 101 2.52 -13.28 -9.72
N LEU F 102 3.02 -14.51 -9.89
CA LEU F 102 2.72 -15.62 -8.99
C LEU F 102 3.30 -15.44 -7.58
N ARG F 103 4.47 -14.80 -7.46
CA ARG F 103 5.06 -14.58 -6.13
C ARG F 103 4.08 -13.88 -5.23
N TYR F 104 3.41 -12.87 -5.76
CA TYR F 104 2.43 -12.14 -4.95
C TYR F 104 1.42 -13.07 -4.27
N HIS F 105 0.93 -14.04 -5.01
CA HIS F 105 -0.06 -14.97 -4.46
C HIS F 105 0.52 -15.93 -3.47
N LEU F 106 1.75 -16.41 -3.72
CA LEU F 106 2.44 -17.23 -2.73
C LEU F 106 2.60 -16.41 -1.44
N GLN F 107 2.90 -15.11 -1.57
CA GLN F 107 3.11 -14.25 -0.41
C GLN F 107 1.80 -14.02 0.35
N GLN F 108 0.66 -14.23 -0.32
CA GLN F 108 -0.64 -14.25 0.37
C GLN F 108 -1.00 -15.66 0.89
N ASN F 109 0.00 -16.52 1.01
CA ASN F 109 -0.19 -17.89 1.53
C ASN F 109 -1.20 -18.75 0.76
N VAL F 110 -1.46 -18.37 -0.50
CA VAL F 110 -2.24 -19.19 -1.40
C VAL F 110 -1.46 -20.47 -1.76
N HIS F 111 -2.12 -21.61 -1.68
CA HIS F 111 -1.61 -22.85 -2.24
C HIS F 111 -2.48 -23.21 -3.40
N PHE F 112 -1.83 -23.53 -4.51
CA PHE F 112 -2.53 -23.76 -5.74
C PHE F 112 -2.94 -25.21 -5.86
N LYS F 113 -4.13 -25.44 -6.41
CA LYS F 113 -4.65 -26.78 -6.60
C LYS F 113 -3.80 -27.54 -7.60
N GLU F 114 -3.75 -28.83 -7.42
CA GLU F 114 -2.94 -29.68 -8.24
C GLU F 114 -3.28 -29.55 -9.73
N GLU F 115 -4.57 -29.48 -10.05
CA GLU F 115 -4.99 -29.41 -11.43
C GLU F 115 -4.54 -28.09 -12.04
N THR F 116 -4.70 -27.00 -11.30
CA THR F 116 -4.31 -25.70 -11.75
C THR F 116 -2.81 -25.72 -12.12
N VAL F 117 -2.01 -26.30 -11.24
CA VAL F 117 -0.59 -26.34 -11.46
C VAL F 117 -0.23 -27.25 -12.64
N LYS F 118 -0.98 -28.34 -12.83
CA LYS F 118 -0.87 -29.16 -14.06
C LYS F 118 -1.01 -28.28 -15.31
N LEU F 119 -2.02 -27.41 -15.31
CA LEU F 119 -2.32 -26.62 -16.50
C LEU F 119 -1.27 -25.51 -16.66
N PHE F 120 -0.89 -24.86 -15.57
CA PHE F 120 0.25 -23.96 -15.62
C PHE F 120 1.42 -24.65 -16.34
N ILE F 121 1.77 -25.86 -15.89
CA ILE F 121 2.89 -26.55 -16.47
C ILE F 121 2.74 -26.75 -17.98
N CYS F 122 1.52 -27.07 -18.42
CA CYS F 122 1.24 -27.27 -19.85
C CYS F 122 1.49 -25.96 -20.65
N GLU F 123 1.05 -24.85 -20.10
CA GLU F 123 1.19 -23.58 -20.80
C GLU F 123 2.66 -23.18 -20.83
N LEU F 124 3.38 -23.39 -19.75
CA LEU F 124 4.77 -22.88 -19.69
C LEU F 124 5.71 -23.77 -20.47
N VAL F 125 5.33 -25.03 -20.59
CA VAL F 125 6.09 -25.99 -21.35
C VAL F 125 5.96 -25.74 -22.86
N MET F 126 4.83 -25.17 -23.29
CA MET F 126 4.73 -24.79 -24.69
C MET F 126 5.60 -23.56 -24.93
N ALA F 127 5.59 -22.63 -23.99
CA ALA F 127 6.49 -21.46 -24.05
C ALA F 127 7.99 -21.93 -24.05
N LEU F 128 8.37 -22.80 -23.13
CA LEU F 128 9.77 -23.23 -23.07
C LEU F 128 10.20 -23.92 -24.31
N ASP F 129 9.34 -24.77 -24.85
CA ASP F 129 9.65 -25.48 -26.09
C ASP F 129 9.84 -24.51 -27.24
N TYR F 130 8.96 -23.50 -27.33
CA TYR F 130 9.09 -22.49 -28.35
C TYR F 130 10.42 -21.73 -28.18
N LEU F 131 10.74 -21.34 -26.97
CA LEU F 131 12.03 -20.66 -26.71
C LEU F 131 13.19 -21.49 -27.24
N GLN F 132 13.14 -22.79 -26.93
CA GLN F 132 14.25 -23.68 -27.31
C GLN F 132 14.38 -23.75 -28.82
N ASN F 133 13.26 -23.82 -29.53
CA ASN F 133 13.29 -23.92 -30.97
C ASN F 133 13.83 -22.61 -31.56
N GLN F 134 13.71 -21.52 -30.80
CA GLN F 134 14.30 -20.22 -31.18
C GLN F 134 15.73 -20.02 -30.61
N ARG F 135 16.25 -21.07 -29.97
CA ARG F 135 17.61 -21.09 -29.44
C ARG F 135 17.77 -20.16 -28.25
N ILE F 136 16.72 -19.99 -27.47
CA ILE F 136 16.76 -19.12 -26.30
C ILE F 136 16.65 -19.89 -24.97
N ILE F 137 17.60 -19.61 -24.05
CA ILE F 137 17.49 -20.00 -22.65
C ILE F 137 17.11 -18.76 -21.88
N HIS F 138 16.09 -18.86 -21.05
CA HIS F 138 15.61 -17.75 -20.25
C HIS F 138 16.45 -17.49 -18.97
N ARG F 139 16.75 -18.56 -18.24
CA ARG F 139 17.64 -18.54 -17.04
C ARG F 139 17.08 -17.87 -15.79
N ASP F 140 15.86 -17.43 -15.83
CA ASP F 140 15.29 -16.89 -14.62
C ASP F 140 13.84 -17.20 -14.45
N MET F 141 13.47 -18.46 -14.63
CA MET F 141 12.10 -18.89 -14.39
C MET F 141 11.88 -18.98 -12.92
N LYS F 142 10.84 -18.33 -12.45
CA LYS F 142 10.46 -18.39 -11.04
C LYS F 142 9.17 -17.57 -10.86
N PRO F 143 8.49 -17.74 -9.71
CA PRO F 143 7.22 -17.09 -9.54
C PRO F 143 7.22 -15.59 -9.80
N ASP F 144 8.33 -14.94 -9.48
CA ASP F 144 8.42 -13.50 -9.62
C ASP F 144 8.36 -13.11 -11.09
N ASN F 145 8.70 -14.06 -11.95
CA ASN F 145 8.79 -13.79 -13.38
C ASN F 145 7.71 -14.43 -14.23
N ILE F 146 6.66 -14.93 -13.58
CA ILE F 146 5.55 -15.54 -14.28
C ILE F 146 4.29 -14.78 -13.94
N LEU F 147 3.65 -14.19 -14.94
CA LEU F 147 2.51 -13.34 -14.72
C LEU F 147 1.23 -14.00 -15.25
N LEU F 148 0.11 -13.60 -14.64
CA LEU F 148 -1.19 -14.07 -14.96
C LEU F 148 -1.96 -13.03 -15.76
N ASP F 149 -2.77 -13.49 -16.70
CA ASP F 149 -3.74 -12.61 -17.27
C ASP F 149 -5.01 -12.70 -16.45
N GLU F 150 -6.02 -12.00 -16.91
CA GLU F 150 -7.25 -11.88 -16.15
C GLU F 150 -8.04 -13.20 -16.09
N HIS F 151 -7.68 -14.17 -16.96
CA HIS F 151 -8.36 -15.49 -16.96
C HIS F 151 -7.56 -16.55 -16.30
N GLY F 152 -6.42 -16.17 -15.74
CA GLY F 152 -5.58 -17.11 -15.01
C GLY F 152 -4.62 -17.92 -15.84
N HIS F 153 -4.29 -17.45 -17.07
CA HIS F 153 -3.20 -18.05 -17.84
C HIS F 153 -1.88 -17.49 -17.40
N VAL F 154 -0.82 -18.30 -17.51
CA VAL F 154 0.53 -17.91 -17.02
C VAL F 154 1.45 -17.57 -18.22
N HIS F 155 2.40 -16.65 -17.97
CA HIS F 155 3.22 -16.05 -19.02
C HIS F 155 4.62 -15.73 -18.49
N ILE F 156 5.65 -16.08 -19.27
CA ILE F 156 6.99 -15.81 -18.93
C ILE F 156 7.38 -14.37 -19.32
N THR F 157 7.97 -13.64 -18.38
CA THR F 157 8.53 -12.33 -18.64
C THR F 157 9.94 -12.19 -18.03
N ASP F 158 10.47 -10.95 -18.09
CA ASP F 158 11.84 -10.61 -17.64
C ASP F 158 12.95 -11.46 -18.27
N PHE F 159 13.31 -11.09 -19.49
CA PHE F 159 14.37 -11.78 -20.24
C PHE F 159 15.68 -11.02 -20.02
N ASN F 160 15.85 -10.51 -18.81
CA ASN F 160 17.00 -9.72 -18.47
C ASN F 160 18.31 -10.53 -18.60
N ILE F 161 18.28 -11.83 -18.33
CA ILE F 161 19.49 -12.60 -18.51
C ILE F 161 19.33 -13.72 -19.50
N ALA F 162 18.40 -13.59 -20.42
CA ALA F 162 18.19 -14.62 -21.40
C ALA F 162 19.34 -14.61 -22.40
N ALA F 163 19.67 -15.78 -22.91
CA ALA F 163 20.78 -15.88 -23.84
C ALA F 163 20.36 -16.60 -25.09
N MET F 164 20.95 -16.20 -26.19
CA MET F 164 20.87 -16.94 -27.41
C MET F 164 21.97 -18.00 -27.37
N LEU F 165 21.61 -19.26 -27.53
CA LEU F 165 22.59 -20.33 -27.53
C LEU F 165 22.73 -20.91 -28.95
N PRO F 166 23.77 -20.52 -29.69
CA PRO F 166 23.99 -21.14 -31.03
C PRO F 166 24.15 -22.67 -31.00
N ARG F 167 23.81 -23.34 -32.09
CA ARG F 167 23.88 -24.79 -32.19
C ARG F 167 25.30 -25.29 -31.95
N GLU F 168 25.41 -26.43 -31.28
CA GLU F 168 26.71 -27.02 -30.99
C GLU F 168 27.62 -26.03 -30.26
N THR F 169 27.04 -25.24 -29.37
CA THR F 169 27.83 -24.46 -28.43
C THR F 169 27.29 -24.70 -27.05
N GLN F 170 28.07 -24.31 -26.06
CA GLN F 170 27.62 -24.45 -24.68
C GLN F 170 27.87 -23.19 -23.93
N ILE F 171 27.26 -23.09 -22.78
CA ILE F 171 27.29 -21.90 -22.00
C ILE F 171 27.70 -22.29 -20.58
N THR F 172 28.64 -21.53 -20.01
CA THR F 172 29.17 -21.84 -18.68
C THR F 172 28.87 -20.77 -17.64
N THR F 173 28.59 -19.54 -18.09
CA THR F 173 28.54 -18.41 -17.17
C THR F 173 27.41 -18.58 -16.17
N MET F 174 27.72 -18.28 -14.93
CA MET F 174 26.82 -18.41 -13.83
C MET F 174 25.90 -17.19 -13.80
N ALA F 175 24.65 -17.37 -14.19
CA ALA F 175 23.67 -16.33 -14.08
C ALA F 175 22.29 -16.96 -13.77
N GLY F 176 21.63 -16.45 -12.74
CA GLY F 176 20.31 -16.95 -12.39
C GLY F 176 19.96 -16.60 -10.97
N THR F 177 18.76 -17.00 -10.54
CA THR F 177 18.39 -16.89 -9.15
C THR F 177 18.66 -18.23 -8.47
N LYS F 178 19.54 -18.22 -7.49
CA LYS F 178 20.27 -19.46 -7.03
C LYS F 178 19.35 -20.63 -6.55
N PRO F 179 18.28 -20.32 -5.79
CA PRO F 179 17.43 -21.43 -5.37
C PRO F 179 16.66 -22.09 -6.53
N TYR F 180 16.72 -21.48 -7.72
CA TYR F 180 16.04 -22.01 -8.89
C TYR F 180 16.98 -22.58 -9.90
N MET F 181 18.28 -22.50 -9.63
CA MET F 181 19.29 -22.86 -10.64
C MET F 181 19.57 -24.38 -10.57
N ALA F 182 19.85 -24.97 -11.72
CA ALA F 182 20.00 -26.41 -11.83
C ALA F 182 21.39 -26.81 -11.38
N PRO F 183 21.52 -28.04 -10.88
CA PRO F 183 22.81 -28.54 -10.42
C PRO F 183 23.94 -28.43 -11.45
N GLU F 184 23.64 -28.64 -12.73
CA GLU F 184 24.73 -28.63 -13.72
C GLU F 184 25.32 -27.23 -13.89
N MET F 185 24.61 -26.22 -13.37
CA MET F 185 25.09 -24.84 -13.44
C MET F 185 26.22 -24.58 -12.48
N PHE F 186 26.34 -25.43 -11.44
CA PHE F 186 27.36 -25.23 -10.39
C PHE F 186 28.56 -26.14 -10.54
N SER F 187 28.48 -27.18 -11.34
CA SER F 187 29.60 -28.11 -11.47
CA SER F 187 29.60 -28.11 -11.43
C SER F 187 30.82 -27.35 -11.98
N SER F 188 31.95 -27.53 -11.30
CA SER F 188 33.21 -26.88 -11.65
C SER F 188 34.13 -27.85 -12.43
N ARG F 189 33.57 -28.96 -12.91
CA ARG F 189 34.29 -29.85 -13.84
C ARG F 189 34.63 -29.07 -15.11
N LYS F 190 35.91 -29.07 -15.49
CA LYS F 190 36.40 -28.25 -16.61
C LYS F 190 35.69 -28.61 -17.92
N GLY F 191 35.43 -29.90 -18.12
CA GLY F 191 34.57 -30.37 -19.22
C GLY F 191 33.09 -30.37 -18.82
N ALA F 192 32.40 -29.26 -19.12
CA ALA F 192 31.07 -29.03 -18.61
C ALA F 192 30.34 -27.91 -19.36
N GLY F 193 29.20 -27.49 -18.81
CA GLY F 193 28.39 -26.42 -19.38
C GLY F 193 26.94 -26.68 -19.05
N TYR F 194 26.04 -25.83 -19.52
CA TYR F 194 24.63 -26.11 -19.40
C TYR F 194 23.87 -25.64 -20.63
N SER F 195 22.55 -25.96 -20.67
CA SER F 195 21.74 -25.71 -21.84
C SER F 195 20.29 -25.44 -21.46
N PHE F 196 19.40 -25.57 -22.44
CA PHE F 196 17.98 -25.26 -22.25
C PHE F 196 17.38 -25.99 -21.06
N ALA F 197 17.89 -27.18 -20.76
CA ALA F 197 17.32 -27.98 -19.69
C ALA F 197 17.21 -27.26 -18.36
N VAL F 198 18.04 -26.24 -18.13
CA VAL F 198 18.01 -25.50 -16.85
C VAL F 198 16.67 -24.79 -16.62
N ASP F 199 16.05 -24.32 -17.72
CA ASP F 199 14.71 -23.71 -17.61
C ASP F 199 13.66 -24.71 -17.15
N TRP F 200 13.89 -25.99 -17.38
CA TRP F 200 12.89 -27.04 -17.05
C TRP F 200 13.03 -27.46 -15.62
N TRP F 201 14.30 -27.48 -15.12
CA TRP F 201 14.55 -27.55 -13.66
C TRP F 201 13.88 -26.43 -12.90
N SER F 202 14.10 -25.18 -13.31
CA SER F 202 13.51 -24.04 -12.56
C SER F 202 11.99 -24.05 -12.58
N LEU F 203 11.41 -24.54 -13.70
CA LEU F 203 9.97 -24.76 -13.80
C LEU F 203 9.49 -25.78 -12.75
N GLY F 204 10.20 -26.91 -12.66
CA GLY F 204 10.02 -27.83 -11.57
C GLY F 204 9.99 -27.18 -10.19
N VAL F 205 11.03 -26.39 -9.88
CA VAL F 205 11.18 -25.81 -8.56
C VAL F 205 9.97 -24.90 -8.32
N THR F 206 9.61 -24.15 -9.35
CA THR F 206 8.46 -23.25 -9.30
C THR F 206 7.15 -24.00 -9.07
N ALA F 207 6.96 -25.07 -9.82
CA ALA F 207 5.75 -25.88 -9.69
C ALA F 207 5.65 -26.50 -8.27
N TYR F 208 6.76 -27.07 -7.79
CA TYR F 208 6.86 -27.57 -6.41
C TYR F 208 6.45 -26.47 -5.43
N GLU F 209 6.97 -25.29 -5.65
CA GLU F 209 6.84 -24.19 -4.70
C GLU F 209 5.39 -23.69 -4.69
N LEU F 210 4.73 -23.75 -5.84
CA LEU F 210 3.34 -23.34 -5.95
C LEU F 210 2.44 -24.33 -5.18
N LEU F 211 2.75 -25.63 -5.29
CA LEU F 211 1.99 -26.67 -4.57
C LEU F 211 2.26 -26.65 -3.10
N ARG F 212 3.53 -26.72 -2.70
CA ARG F 212 3.87 -26.86 -1.27
C ARG F 212 3.85 -25.54 -0.47
N GLY F 213 4.08 -24.43 -1.15
CA GLY F 213 4.21 -23.14 -0.46
C GLY F 213 5.65 -22.87 -0.03
N ARG F 214 6.57 -23.71 -0.49
CA ARG F 214 7.99 -23.45 -0.32
C ARG F 214 8.81 -24.27 -1.30
N ARG F 215 10.07 -23.93 -1.43
CA ARG F 215 10.94 -24.52 -2.42
CA ARG F 215 10.90 -24.55 -2.43
C ARG F 215 11.44 -25.86 -1.91
N PRO F 216 11.88 -26.72 -2.82
CA PRO F 216 12.27 -28.08 -2.47
C PRO F 216 13.68 -28.21 -1.98
N TYR F 217 14.52 -27.18 -2.20
CA TYR F 217 15.86 -27.10 -1.54
C TYR F 217 16.01 -25.84 -0.74
N HIS F 218 16.72 -25.92 0.38
CA HIS F 218 17.05 -24.71 1.13
CA HIS F 218 17.06 -24.73 1.17
C HIS F 218 18.31 -24.14 0.62
N ILE F 219 18.16 -23.07 -0.17
CA ILE F 219 19.27 -22.41 -0.86
C ILE F 219 18.99 -20.93 -0.88
N ARG F 220 19.96 -20.14 -0.44
CA ARG F 220 19.79 -18.68 -0.48
C ARG F 220 20.72 -18.02 -1.50
N SER F 221 20.48 -16.73 -1.69
CA SER F 221 21.31 -15.87 -2.51
CA SER F 221 21.31 -15.89 -2.53
C SER F 221 22.73 -15.89 -2.01
N SER F 222 22.88 -16.09 -0.70
CA SER F 222 24.17 -16.01 -0.02
C SER F 222 24.96 -17.31 -0.03
N THR F 223 24.32 -18.44 -0.34
CA THR F 223 24.91 -19.74 -0.07
C THR F 223 26.03 -20.00 -1.03
N SER F 224 27.11 -20.56 -0.51
CA SER F 224 28.28 -20.86 -1.31
C SER F 224 27.96 -21.93 -2.31
N SER F 225 28.70 -21.92 -3.41
CA SER F 225 28.52 -22.89 -4.45
C SER F 225 28.79 -24.32 -3.98
N LYS F 226 29.76 -24.48 -3.07
CA LYS F 226 30.08 -25.79 -2.54
C LYS F 226 28.94 -26.32 -1.70
N GLU F 227 28.31 -25.46 -0.89
CA GLU F 227 27.15 -25.90 -0.13
C GLU F 227 25.97 -26.24 -1.04
N ILE F 228 25.88 -25.61 -2.19
CA ILE F 228 24.81 -25.89 -3.10
C ILE F 228 25.02 -27.23 -3.79
N VAL F 229 26.22 -27.50 -4.28
CA VAL F 229 26.50 -28.79 -4.88
C VAL F 229 26.23 -29.93 -3.89
N HIS F 230 26.48 -29.65 -2.61
CA HIS F 230 26.35 -30.63 -1.52
C HIS F 230 24.92 -30.87 -1.17
N THR F 231 24.13 -29.79 -1.14
CA THR F 231 22.67 -29.90 -0.97
C THR F 231 22.03 -30.75 -2.10
N PHE F 232 22.44 -30.52 -3.33
CA PHE F 232 21.90 -31.28 -4.48
C PHE F 232 22.33 -32.75 -4.43
N GLU F 233 23.49 -33.01 -3.86
CA GLU F 233 24.05 -34.35 -3.88
C GLU F 233 23.61 -35.18 -2.68
N THR F 234 23.11 -34.52 -1.62
CA THR F 234 22.78 -35.22 -0.38
C THR F 234 21.41 -34.88 0.23
N THR F 235 20.62 -34.04 -0.44
CA THR F 235 19.25 -33.80 0.02
C THR F 235 18.25 -34.49 -0.89
N VAL F 236 17.45 -35.39 -0.31
CA VAL F 236 16.31 -35.99 -1.01
C VAL F 236 15.08 -35.10 -0.86
N VAL F 237 14.40 -34.85 -1.96
CA VAL F 237 13.26 -33.95 -1.94
C VAL F 237 12.08 -34.64 -1.29
N THR F 238 11.41 -33.91 -0.40
CA THR F 238 10.20 -34.38 0.25
C THR F 238 9.01 -34.15 -0.67
N TYR F 239 8.22 -35.20 -0.87
CA TYR F 239 6.98 -35.10 -1.63
C TYR F 239 5.77 -35.49 -0.74
N PRO F 240 5.06 -34.47 -0.18
CA PRO F 240 3.92 -34.77 0.69
C PRO F 240 3.05 -35.90 0.15
N SER F 241 2.70 -36.86 1.00
CA SER F 241 1.97 -38.04 0.56
C SER F 241 0.57 -37.69 0.05
N ALA F 242 0.02 -36.56 0.52
CA ALA F 242 -1.31 -36.07 0.07
C ALA F 242 -1.39 -35.78 -1.46
N TRP F 243 -0.24 -35.46 -2.06
CA TRP F 243 -0.19 -35.18 -3.49
C TRP F 243 -0.43 -36.41 -4.24
N SER F 244 -0.86 -36.29 -5.49
CA SER F 244 -1.05 -37.44 -6.35
C SER F 244 0.28 -38.01 -6.81
N GLN F 245 0.34 -39.31 -6.98
CA GLN F 245 1.56 -39.97 -7.49
C GLN F 245 1.91 -39.57 -8.91
N GLU F 246 0.95 -39.07 -9.65
CA GLU F 246 1.20 -38.65 -11.02
C GLU F 246 1.94 -37.31 -11.04
N MET F 247 1.45 -36.34 -10.28
CA MET F 247 2.13 -35.06 -10.15
C MET F 247 3.54 -35.27 -9.55
N VAL F 248 3.64 -36.10 -8.53
CA VAL F 248 4.91 -36.38 -7.94
C VAL F 248 5.88 -36.84 -9.02
N SER F 249 5.46 -37.74 -9.87
CA SER F 249 6.41 -38.31 -10.84
C SER F 249 6.72 -37.34 -11.98
N LEU F 250 5.81 -36.38 -12.22
CA LEU F 250 6.08 -35.31 -13.18
C LEU F 250 7.13 -34.33 -12.58
N LEU F 251 6.84 -33.82 -11.39
CA LEU F 251 7.75 -32.95 -10.66
C LEU F 251 9.14 -33.57 -10.56
N LYS F 252 9.21 -34.88 -10.30
CA LYS F 252 10.49 -35.59 -10.28
C LYS F 252 11.20 -35.61 -11.66
N LYS F 253 10.46 -35.73 -12.75
CA LYS F 253 11.11 -35.73 -14.08
C LYS F 253 11.65 -34.32 -14.44
N LEU F 254 11.08 -33.28 -13.85
CA LEU F 254 11.55 -31.92 -14.08
C LEU F 254 12.74 -31.62 -13.18
N LEU F 255 12.72 -32.19 -11.97
CA LEU F 255 13.78 -32.04 -11.01
C LEU F 255 14.79 -33.19 -11.06
N GLU F 256 15.00 -33.77 -12.23
CA GLU F 256 16.08 -34.76 -12.39
C GLU F 256 17.38 -34.00 -12.33
N PRO F 257 18.24 -34.34 -11.34
CA PRO F 257 19.51 -33.62 -11.19
C PRO F 257 20.41 -33.72 -12.43
N ASN F 258 20.33 -34.84 -13.13
CA ASN F 258 21.06 -35.02 -14.39
C ASN F 258 20.25 -34.51 -15.59
N PRO F 259 20.72 -33.44 -16.26
CA PRO F 259 19.97 -32.83 -17.37
C PRO F 259 19.65 -33.80 -18.52
N ASP F 260 20.49 -34.80 -18.72
CA ASP F 260 20.27 -35.76 -19.82
C ASP F 260 19.07 -36.66 -19.59
N GLN F 261 18.63 -36.76 -18.34
CA GLN F 261 17.46 -37.53 -17.98
C GLN F 261 16.28 -36.63 -17.66
N ARG F 262 16.46 -35.33 -17.82
CA ARG F 262 15.43 -34.37 -17.46
C ARG F 262 14.51 -34.08 -18.63
N PHE F 263 13.23 -33.95 -18.31
CA PHE F 263 12.26 -33.44 -19.28
C PHE F 263 12.76 -32.07 -19.74
N SER F 264 12.89 -31.89 -21.03
CA SER F 264 13.54 -30.74 -21.56
C SER F 264 13.00 -30.35 -22.94
N GLN F 265 11.77 -30.75 -23.23
CA GLN F 265 11.22 -30.71 -24.58
C GLN F 265 9.71 -30.96 -24.46
N LEU F 266 8.93 -30.40 -25.39
CA LEU F 266 7.47 -30.50 -25.31
C LEU F 266 7.03 -31.97 -25.43
N SER F 267 7.63 -32.69 -26.38
CA SER F 267 7.31 -34.10 -26.61
C SER F 267 7.46 -34.95 -25.34
N ASP F 268 8.48 -34.66 -24.50
CA ASP F 268 8.64 -35.41 -23.25
C ASP F 268 7.37 -35.29 -22.41
N VAL F 269 6.78 -34.11 -22.37
CA VAL F 269 5.62 -33.85 -21.51
C VAL F 269 4.35 -34.43 -22.17
N GLN F 270 4.26 -34.25 -23.47
CA GLN F 270 3.09 -34.72 -24.25
C GLN F 270 2.87 -36.25 -24.13
N ASN F 271 3.96 -37.01 -24.07
CA ASN F 271 3.87 -38.46 -24.10
C ASN F 271 3.78 -39.06 -22.68
N PHE F 272 3.82 -38.19 -21.68
CA PHE F 272 3.75 -38.59 -20.28
C PHE F 272 2.30 -38.91 -19.85
N PRO F 273 2.08 -40.10 -19.24
CA PRO F 273 0.72 -40.64 -18.98
C PRO F 273 -0.25 -39.68 -18.23
N TYR F 274 0.25 -39.00 -17.22
CA TYR F 274 -0.51 -37.94 -16.54
C TYR F 274 -1.11 -36.92 -17.56
N MET F 275 -0.45 -36.77 -18.71
CA MET F 275 -0.80 -35.74 -19.67
C MET F 275 -1.61 -36.29 -20.84
N ASN F 276 -2.09 -37.51 -20.73
CA ASN F 276 -2.82 -38.13 -21.84
C ASN F 276 -4.21 -37.57 -22.02
N ASP F 277 -4.69 -36.78 -21.04
CA ASP F 277 -5.96 -36.09 -21.21
C ASP F 277 -5.82 -34.64 -21.77
N ILE F 278 -4.60 -34.20 -22.06
CA ILE F 278 -4.39 -32.79 -22.44
C ILE F 278 -4.58 -32.61 -23.93
N ASN F 279 -5.46 -31.67 -24.29
CA ASN F 279 -5.57 -31.22 -25.67
C ASN F 279 -4.65 -30.00 -25.87
N TRP F 280 -3.58 -30.21 -26.63
CA TRP F 280 -2.48 -29.24 -26.72
C TRP F 280 -2.82 -28.11 -27.61
N ASP F 281 -3.71 -28.36 -28.56
CA ASP F 281 -4.23 -27.30 -29.39
C ASP F 281 -5.06 -26.29 -28.50
N ALA F 282 -5.80 -26.84 -27.53
CA ALA F 282 -6.62 -26.04 -26.61
C ALA F 282 -5.75 -25.33 -25.63
N VAL F 283 -4.68 -25.97 -25.20
CA VAL F 283 -3.66 -25.28 -24.39
C VAL F 283 -3.14 -24.02 -25.11
N PHE F 284 -2.63 -24.19 -26.33
CA PHE F 284 -2.07 -23.09 -27.10
C PHE F 284 -3.07 -21.97 -27.27
N GLN F 285 -4.33 -22.34 -27.49
CA GLN F 285 -5.36 -21.40 -27.80
C GLN F 285 -6.00 -20.79 -26.52
N LYS F 286 -5.40 -21.07 -25.37
CA LYS F 286 -5.91 -20.54 -24.09
C LYS F 286 -7.34 -21.03 -23.77
N ARG F 287 -7.65 -22.25 -24.19
CA ARG F 287 -8.98 -22.81 -23.97
C ARG F 287 -9.01 -23.73 -22.75
N LEU F 288 -7.87 -24.12 -22.24
CA LEU F 288 -7.82 -24.80 -20.95
C LEU F 288 -7.61 -23.77 -19.80
N ILE F 289 -8.67 -23.50 -19.06
CA ILE F 289 -8.62 -22.58 -17.92
C ILE F 289 -8.02 -23.33 -16.74
N PRO F 290 -6.87 -22.82 -16.19
CA PRO F 290 -6.19 -23.51 -15.07
C PRO F 290 -7.03 -23.55 -13.78
N GLY F 291 -7.83 -22.53 -13.57
CA GLY F 291 -8.77 -22.55 -12.49
C GLY F 291 -8.29 -21.83 -11.24
N PHE F 292 -7.35 -20.92 -11.41
CA PHE F 292 -7.08 -19.92 -10.40
C PHE F 292 -7.53 -18.55 -10.90
N ILE F 293 -8.37 -17.86 -10.13
CA ILE F 293 -8.81 -16.51 -10.51
C ILE F 293 -8.24 -15.40 -9.54
N PRO F 294 -7.52 -14.40 -10.13
CA PRO F 294 -6.91 -13.28 -9.37
C PRO F 294 -7.75 -11.96 -9.33
N ASN F 295 -9.07 -12.07 -9.50
CA ASN F 295 -9.96 -10.94 -9.32
C ASN F 295 -10.82 -11.16 -8.06
N LYS F 296 -10.79 -10.20 -7.14
CA LYS F 296 -11.68 -10.20 -5.96
C LYS F 296 -12.97 -9.40 -6.27
N GLY F 297 -13.77 -9.89 -7.22
CA GLY F 297 -14.98 -9.20 -7.68
C GLY F 297 -15.95 -10.11 -8.43
N ARG F 298 -17.15 -10.25 -7.87
CA ARG F 298 -18.18 -11.16 -8.44
C ARG F 298 -18.82 -10.55 -9.71
N LEU F 299 -19.43 -11.41 -10.53
CA LEU F 299 -19.88 -11.02 -11.88
C LEU F 299 -18.75 -11.19 -12.91
N ASN F 300 -17.60 -11.69 -12.45
CA ASN F 300 -16.37 -11.70 -13.24
C ASN F 300 -16.28 -12.92 -14.14
N CYS F 301 -17.21 -13.01 -15.10
CA CYS F 301 -17.19 -14.12 -16.08
C CYS F 301 -16.07 -13.87 -17.09
N ASP F 302 -15.98 -12.63 -17.56
CA ASP F 302 -14.73 -12.08 -18.06
C ASP F 302 -14.36 -10.89 -17.18
N PRO F 303 -13.36 -11.07 -16.28
CA PRO F 303 -12.90 -9.97 -15.44
C PRO F 303 -11.99 -8.96 -16.18
N THR F 304 -11.73 -9.18 -17.47
CA THR F 304 -10.97 -8.19 -18.28
C THR F 304 -11.37 -6.73 -17.93
N PHE F 305 -12.66 -6.49 -17.82
CA PHE F 305 -13.20 -5.13 -17.83
C PHE F 305 -13.15 -4.50 -16.45
N GLU F 306 -13.43 -5.29 -15.42
CA GLU F 306 -13.36 -4.81 -14.01
C GLU F 306 -11.89 -4.56 -13.62
N LEU F 307 -10.99 -5.45 -14.06
CA LEU F 307 -9.54 -5.32 -13.79
C LEU F 307 -8.96 -4.06 -14.45
N GLU F 308 -9.34 -3.83 -15.71
CA GLU F 308 -9.00 -2.57 -16.41
C GLU F 308 -9.50 -1.33 -15.68
N GLU F 309 -10.72 -1.38 -15.16
CA GLU F 309 -11.31 -0.21 -14.48
C GLU F 309 -10.54 0.14 -13.20
N MET F 310 -10.10 -0.88 -12.47
CA MET F 310 -9.40 -0.65 -11.19
C MET F 310 -8.17 0.24 -11.42
N ILE F 311 -7.44 -0.09 -12.47
CA ILE F 311 -6.18 0.57 -12.80
C ILE F 311 -6.36 2.04 -13.14
N LEU F 312 -7.10 2.32 -14.21
CA LEU F 312 -7.26 3.71 -14.70
C LEU F 312 -8.05 4.59 -13.69
N GLU F 313 -8.95 3.97 -12.91
CA GLU F 313 -9.70 4.66 -11.85
C GLU F 313 -8.76 5.22 -10.77
N SER F 314 -7.69 4.46 -10.48
CA SER F 314 -6.72 4.84 -9.43
C SER F 314 -5.58 5.73 -9.97
N LYS F 315 -5.42 5.79 -11.29
CA LYS F 315 -4.39 6.63 -11.93
C LYS F 315 -4.31 8.02 -11.29
N ASP F 330 21.63 20.69 -27.01
CA ASP F 330 22.34 20.70 -28.28
C ASP F 330 23.87 20.71 -28.08
N MET F 331 24.35 21.68 -27.29
CA MET F 331 25.81 21.93 -27.15
C MET F 331 26.51 20.83 -26.34
N ARG F 332 27.34 20.03 -27.01
CA ARG F 332 28.16 18.99 -26.34
C ARG F 332 29.23 19.64 -25.46
N LYS F 333 29.25 19.25 -24.20
CA LYS F 333 29.89 20.04 -23.15
C LYS F 333 31.02 19.27 -22.47
N CYS F 334 31.47 18.21 -23.14
CA CYS F 334 32.59 17.36 -22.72
C CYS F 334 33.70 18.08 -21.95
N ASP F 335 34.07 17.52 -20.80
CA ASP F 335 34.84 18.25 -19.78
C ASP F 335 36.09 17.49 -19.22
N SER F 336 36.00 16.17 -19.12
CA SER F 336 36.98 15.33 -18.40
C SER F 336 36.82 13.90 -18.90
N SER F 337 37.74 13.01 -18.60
CA SER F 337 37.65 11.65 -19.13
CA SER F 337 37.65 11.63 -19.10
C SER F 337 36.26 11.03 -18.79
N GLN F 338 35.82 11.17 -17.55
CA GLN F 338 34.50 10.67 -17.14
C GLN F 338 33.34 11.27 -17.96
N THR F 339 33.23 12.59 -17.98
CA THR F 339 32.09 13.19 -18.68
C THR F 339 32.18 12.89 -20.16
N CYS F 340 33.40 12.83 -20.67
CA CYS F 340 33.62 12.62 -22.10
C CYS F 340 33.24 11.21 -22.56
N LEU F 341 33.76 10.19 -21.88
CA LEU F 341 33.35 8.82 -22.16
C LEU F 341 31.82 8.70 -22.08
N LEU F 342 31.22 9.31 -21.05
CA LEU F 342 29.77 9.25 -20.91
C LEU F 342 29.14 9.80 -22.17
N GLN F 343 29.51 11.00 -22.55
CA GLN F 343 28.84 11.65 -23.66
C GLN F 343 29.03 10.82 -24.93
N GLU F 344 30.22 10.32 -25.15
CA GLU F 344 30.49 9.52 -26.35
C GLU F 344 29.65 8.23 -26.39
N HIS F 345 29.49 7.57 -25.24
CA HIS F 345 28.68 6.36 -25.15
C HIS F 345 27.22 6.67 -25.32
N LEU F 346 26.75 7.77 -24.71
CA LEU F 346 25.38 8.23 -24.98
C LEU F 346 25.16 8.47 -26.46
N ASP F 347 26.01 9.27 -27.08
CA ASP F 347 25.87 9.52 -28.50
C ASP F 347 25.80 8.19 -29.23
N SER F 348 26.61 7.24 -28.82
CA SER F 348 26.64 5.94 -29.49
C SER F 348 25.35 5.15 -29.29
N VAL F 349 24.75 5.25 -28.11
CA VAL F 349 23.54 4.56 -27.87
C VAL F 349 22.39 5.11 -28.77
N GLN F 350 22.23 6.45 -28.81
CA GLN F 350 21.23 7.08 -29.68
C GLN F 350 21.30 6.54 -31.11
N LYS F 351 22.50 6.42 -31.64
CA LYS F 351 22.70 6.08 -33.06
C LYS F 351 22.47 4.61 -33.34
N GLU F 352 22.68 3.76 -32.33
CA GLU F 352 22.70 2.34 -32.58
C GLU F 352 21.35 1.72 -32.23
N PHE F 353 20.55 2.44 -31.47
CA PHE F 353 19.29 1.90 -30.99
C PHE F 353 18.38 1.58 -32.18
N ILE F 354 17.77 0.39 -32.17
CA ILE F 354 16.87 0.03 -33.25
C ILE F 354 15.41 0.04 -32.79
N ILE F 355 14.63 0.94 -33.39
CA ILE F 355 13.20 1.03 -33.09
C ILE F 355 12.50 -0.24 -33.56
N PHE F 356 11.66 -0.77 -32.70
CA PHE F 356 10.83 -1.92 -33.06
C PHE F 356 9.39 -1.59 -32.87
N ASN F 357 8.57 -2.00 -33.81
CA ASN F 357 7.14 -1.75 -33.77
C ASN F 357 6.39 -2.94 -34.40
N ARG F 358 5.69 -3.70 -33.57
CA ARG F 358 5.04 -4.92 -34.04
C ARG F 358 3.81 -4.61 -34.92
N GLU F 359 3.02 -3.57 -34.57
CA GLU F 359 1.93 -3.11 -35.44
C GLU F 359 2.45 -2.99 -36.87
N LYS F 360 3.55 -2.26 -37.06
CA LYS F 360 4.17 -2.14 -38.39
C LYS F 360 4.56 -3.49 -38.97
N VAL F 361 5.14 -4.36 -38.17
CA VAL F 361 5.53 -5.67 -38.69
C VAL F 361 4.27 -6.44 -39.12
N ASN F 362 3.15 -6.19 -38.42
CA ASN F 362 1.91 -6.88 -38.71
C ASN F 362 1.27 -6.34 -40.00
N ARG F 363 0.92 -5.05 -40.03
CA ARG F 363 0.56 -4.33 -41.28
C ARG F 363 1.41 -4.74 -42.50
N ASP F 364 2.73 -4.71 -42.36
CA ASP F 364 3.63 -5.03 -43.49
C ASP F 364 3.82 -6.56 -43.69
N PHE F 365 3.01 -7.34 -42.99
CA PHE F 365 2.86 -8.77 -43.30
C PHE F 365 1.61 -9.00 -44.21
N ASN F 366 0.67 -8.07 -44.16
CA ASN F 366 -0.42 -8.02 -45.13
C ASN F 366 0.04 -7.31 -46.46
N LYS F 367 0.93 -7.97 -47.21
CA LYS F 367 1.51 -7.40 -48.43
C LYS F 367 2.32 -8.45 -49.20
O4 STU G . 49.96 -3.79 -1.09
C25 STU G . 49.24 -2.99 -2.02
C24 STU G . 48.46 -1.85 -1.38
C23 STU G . 48.48 -1.91 0.14
C22 STU G . 48.16 -3.31 0.57
C21 STU G . 49.29 -4.25 0.09
C26 STU G . 50.40 -4.37 1.16
N2 STU G . 48.67 -5.58 -0.18
C18 STU G . 48.14 -5.94 -1.36
C19 STU G . 47.98 -5.16 -2.61
C6 STU G . 47.35 -5.75 -3.74
C7 STU G . 46.85 -7.14 -3.60
C10 STU G . 46.88 -7.90 -2.37
C11 STU G . 47.60 -7.26 -1.22
C12 STU G . 47.84 -7.64 0.14
C17 STU G . 48.52 -6.54 0.80
C16 STU G . 48.90 -6.71 2.14
C15 STU G . 48.57 -7.89 2.81
C14 STU G . 47.88 -8.92 2.15
C13 STU G . 47.51 -8.80 0.81
C9 STU G . 46.27 -9.19 -2.53
N1 STU G . 45.78 -9.14 -3.95
C8 STU G . 46.07 -7.96 -4.53
O5 STU G . 45.84 -7.71 -5.75
C5 STU G . 47.48 -4.82 -4.79
C20 STU G . 48.18 -3.65 -4.24
C1 STU G . 48.37 -2.57 -5.08
C2 STU G . 47.85 -2.62 -6.38
C3 STU G . 47.15 -3.76 -6.86
C4 STU G . 46.94 -4.85 -6.05
N3 STU G . 48.44 -3.88 -2.91
O6 STU G . 46.88 -3.63 -0.01
C27 STU G . 45.99 -4.41 0.78
N4 STU G . 47.47 -0.96 0.68
C28 STU G . 47.37 0.39 0.12
C1 EDO H . 54.92 -5.57 -14.38
O1 EDO H . 55.70 -4.69 -15.19
C2 EDO H . 54.05 -6.47 -15.23
O2 EDO H . 52.67 -6.34 -14.83
O4 STU I . -32.56 -3.57 -15.86
C25 STU I . -31.96 -4.25 -14.73
C24 STU I . -32.93 -4.63 -13.65
C23 STU I . -34.31 -4.12 -13.93
C22 STU I . -34.22 -2.67 -14.27
C21 STU I . -33.41 -2.47 -15.57
C26 STU I . -34.37 -2.35 -16.76
N2 STU I . -32.60 -1.22 -15.50
C18 STU I . -31.39 -1.14 -14.93
C19 STU I . -30.51 -2.19 -14.37
C6 STU I . -29.23 -1.84 -13.79
C7 STU I . -28.81 -0.42 -13.88
C10 STU I . -29.64 0.61 -14.41
C11 STU I . -31.01 0.22 -14.93
C12 STU I . -32.05 0.94 -15.58
C17 STU I . -33.10 0.01 -15.88
C16 STU I . -34.27 0.50 -16.46
C15 STU I . -34.37 1.86 -16.71
C14 STU I . -33.33 2.75 -16.36
C13 STU I . -32.16 2.27 -15.79
C9 STU I . -29.02 1.91 -14.32
N1 STU I . -27.70 1.58 -13.65
C8 STU I . -27.63 0.27 -13.38
O5 STU I . -26.58 -0.29 -12.89
C5 STU I . -28.66 -3.06 -13.40
C20 STU I . -29.66 -4.12 -13.66
C1 STU I . -29.33 -5.41 -13.32
C2 STU I . -28.11 -5.68 -12.68
C3 STU I . -27.19 -4.66 -12.41
C4 STU I . -27.48 -3.32 -12.73
N3 STU I . -30.79 -3.52 -14.22
O6 STU I . -33.60 -2.05 -13.13
C27 STU I . -34.30 -0.89 -12.64
N4 STU I . -35.06 -4.35 -12.73
C28 STU I . -35.37 -5.72 -12.30
C1 EDO J . -44.81 -4.96 -8.86
O1 EDO J . -45.10 -6.10 -8.02
C2 EDO J . -43.28 -4.93 -9.16
O2 EDO J . -42.93 -4.58 -10.53
C1 EDO K . -32.52 7.34 -15.15
O1 EDO K . -33.70 6.51 -15.22
C2 EDO K . -31.33 6.58 -14.50
O2 EDO K . -31.32 6.76 -13.06
O4 STU L . -13.84 -41.48 -26.57
C25 STU L . -13.66 -42.49 -27.59
C24 STU L . -12.70 -42.09 -28.70
C23 STU L . -12.29 -40.66 -28.52
C22 STU L . -13.50 -39.82 -28.31
C21 STU L . -14.17 -40.14 -26.99
C26 STU L . -13.66 -39.18 -25.92
N2 STU L . -15.64 -39.93 -27.20
C18 STU L . -16.48 -40.89 -27.65
C19 STU L . -16.20 -42.29 -28.09
C6 STU L . -17.25 -43.09 -28.62
C7 STU L . -18.62 -42.51 -28.66
C10 STU L . -18.91 -41.16 -28.29
C11 STU L . -17.79 -40.33 -27.78
C12 STU L . -17.67 -38.97 -27.30
C17 STU L . -16.28 -38.72 -26.96
C16 STU L . -15.94 -37.45 -26.48
C15 STU L . -16.94 -36.49 -26.35
C14 STU L . -18.28 -36.75 -26.74
C13 STU L . -18.65 -37.99 -27.21
C9 STU L . -20.30 -40.86 -28.47
N1 STU L . -20.86 -42.15 -29.01
C8 STU L . -19.88 -43.07 -29.12
O5 STU L . -20.09 -44.25 -29.52
C5 STU L . -16.65 -44.36 -28.89
C20 STU L . -15.24 -44.26 -28.55
C1 STU L . -14.45 -45.37 -28.73
C2 STU L . -15.01 -46.54 -29.26
C3 STU L . -16.37 -46.62 -29.57
C4 STU L . -17.20 -45.51 -29.41
N3 STU L . -14.99 -42.97 -28.11
O6 STU L . -14.42 -40.02 -29.35
C27 STU L . -14.46 -38.91 -30.25
N4 STU L . -11.58 -40.19 -29.71
C28 STU L . -10.61 -41.03 -30.43
C1 EDO M . -13.56 -24.62 -2.92
O1 EDO M . -12.39 -25.19 -3.52
C2 EDO M . -14.29 -25.62 -1.98
O2 EDO M . -13.62 -26.88 -1.89
C1 EDO N . -26.29 -46.18 -34.52
O1 EDO N . -26.04 -46.43 -33.12
C2 EDO N . -25.96 -44.72 -34.84
O2 EDO N . -27.08 -44.04 -35.41
C1 EDO O . -34.76 -37.89 -39.72
O1 EDO O . -34.37 -36.53 -40.02
C2 EDO O . -33.76 -38.56 -38.78
O2 EDO O . -33.65 -39.95 -39.11
O4 STU P . -20.48 10.77 23.99
C25 STU P . -20.65 11.95 24.79
C24 STU P . -20.90 13.25 24.03
C23 STU P . -20.89 13.00 22.54
C22 STU P . -19.62 12.25 22.22
C21 STU P . -19.64 10.86 22.84
C26 STU P . -20.22 9.90 21.80
N2 STU P . -18.26 10.47 23.23
C18 STU P . -17.69 10.81 24.40
C19 STU P . -18.26 11.49 25.59
C6 STU P . -17.44 11.70 26.76
C7 STU P . -16.03 11.18 26.75
C10 STU P . -15.45 10.52 25.61
C11 STU P . -16.33 10.33 24.40
C12 STU P . -16.14 9.72 23.13
C17 STU P . -17.38 9.84 22.36
C16 STU P . -17.40 9.33 21.06
C15 STU P . -16.24 8.75 20.54
C14 STU P . -15.05 8.66 21.28
C13 STU P . -14.99 9.16 22.60
C9 STU P . -14.07 10.15 25.86
N1 STU P . -13.81 10.65 27.23
C8 STU P . -14.92 11.30 27.72
O5 STU P . -14.99 11.74 28.92
C5 STU P . -18.29 12.36 27.68
C20 STU P . -19.61 12.53 27.01
C1 STU P . -20.59 13.19 27.70
C2 STU P . -20.34 13.64 29.00
C3 STU P . -19.07 13.45 29.61
C4 STU P . -18.03 12.83 28.95
N3 STU P . -19.51 12.02 25.72
O6 STU P . -18.56 12.98 22.76
C27 STU P . -17.42 13.06 21.91
N4 STU P . -20.93 14.27 21.81
C28 STU P . -22.03 15.22 21.98
O4 STU Q . 7.95 44.17 31.93
C25 STU Q . 9.24 44.59 31.49
C24 STU Q . 10.15 43.46 31.03
C23 STU Q . 9.44 42.12 31.02
C22 STU Q . 8.87 41.91 32.37
C21 STU Q . 7.84 42.99 32.71
C26 STU Q . 6.42 42.48 32.43
N2 STU Q . 7.99 43.30 34.16
C18 STU Q . 8.83 44.24 34.64
C19 STU Q . 9.70 45.21 33.93
C6 STU Q . 10.47 46.15 34.68
C7 STU Q . 10.34 46.10 36.18
C10 STU Q . 9.57 45.12 36.90
C11 STU Q . 8.77 44.17 36.08
C12 STU Q . 7.86 43.11 36.40
C17 STU Q . 7.42 42.51 35.15
C16 STU Q . 6.50 41.48 35.22
C15 STU Q . 6.08 41.02 36.48
C14 STU Q . 6.55 41.58 37.66
C13 STU Q . 7.45 42.63 37.63
C9 STU Q . 9.67 45.29 38.32
N1 STU Q . 10.63 46.42 38.45
C8 STU Q . 11.05 46.83 37.23
O5 STU Q . 11.84 47.82 37.03
C5 STU Q . 11.15 46.93 33.69
C20 STU Q . 10.74 46.42 32.36
C1 STU Q . 11.29 47.02 31.23
C2 STU Q . 12.19 48.08 31.37
C3 STU Q . 12.55 48.56 32.65
C4 STU Q . 12.06 47.96 33.82
N3 STU Q . 9.88 45.37 32.56
O6 STU Q . 9.95 41.96 33.28
C27 STU Q . 10.10 40.72 33.97
N4 STU Q . 10.32 40.99 30.72
C28 STU Q . 10.56 40.58 29.34
C1 EDO R . 17.79 49.98 42.70
O1 EDO R . 16.59 50.74 42.62
C2 EDO R . 17.44 48.48 42.68
O2 EDO R . 17.37 47.95 44.03
O4 STU S . 7.30 -5.55 -11.87
C25 STU S . 6.14 -6.17 -11.30
C24 STU S . 6.37 -7.49 -10.54
C23 STU S . 7.82 -7.86 -10.51
C22 STU S . 8.28 -7.85 -11.93
C21 STU S . 8.28 -6.42 -12.46
C26 STU S . 9.64 -5.76 -12.15
N2 STU S . 8.01 -6.50 -13.92
C18 STU S . 6.76 -6.55 -14.41
C19 STU S . 5.45 -6.43 -13.73
C6 STU S . 4.24 -6.48 -14.51
C7 STU S . 4.38 -6.60 -15.98
C10 STU S . 5.62 -6.75 -16.66
C11 STU S . 6.86 -6.69 -15.82
C12 STU S . 8.27 -6.76 -16.12
C17 STU S . 9.00 -6.68 -14.85
C16 STU S . 10.39 -6.75 -14.88
C15 STU S . 11.04 -6.88 -16.13
C14 STU S . 10.32 -6.99 -17.36
C13 STU S . 8.93 -6.94 -17.34
C9 STU S . 5.43 -6.86 -18.07
N1 STU S . 3.95 -6.85 -18.23
C8 STU S . 3.37 -6.71 -17.02
O5 STU S . 2.12 -6.64 -16.84
C5 STU S . 3.19 -6.35 -13.58
C20 STU S . 3.79 -6.22 -12.26
C1 STU S . 2.95 -6.09 -11.17
C2 STU S . 1.56 -6.09 -11.39
C3 STU S . 1.00 -6.20 -12.67
C4 STU S . 1.81 -6.35 -13.79
N3 STU S . 5.18 -6.31 -12.41
O6 STU S . 7.38 -8.68 -12.72
C27 STU S . 8.04 -9.69 -13.49
N4 STU S . 8.04 -9.18 -9.90
C28 STU S . 7.59 -9.50 -8.55
C1 EDO T . -3.36 -5.00 -6.91
O1 EDO T . -3.74 -5.58 -5.66
C2 EDO T . -1.93 -5.42 -7.29
O2 EDO T . -1.81 -6.84 -7.33
#